data_5EDU
#
_entry.id   5EDU
#
_cell.length_a   49.262
_cell.length_b   149.032
_cell.length_c   216.333
_cell.angle_alpha   90.00
_cell.angle_beta   90.00
_cell.angle_gamma   90.00
#
_symmetry.space_group_name_H-M   'P 21 21 21'
#
loop_
_entity.id
_entity.type
_entity.pdbx_description
1 polymer 'Maltose-binding periplasmic protein, Histone deacetylase 6 chimera'
2 branched alpha-D-glucopyranose-(1-4)-alpha-D-glucopyranose
3 non-polymer 'TRICHOSTATIN A'
4 non-polymer 'ZINC ION'
5 non-polymer 'POTASSIUM ION'
6 water water
#
_entity_poly.entity_id   1
_entity_poly.type   'polypeptide(L)'
_entity_poly.pdbx_seq_one_letter_code
;MGSSHHHHHHENLYFQGSKIEEGKLVIWINGDKGYNGLAEVGKKFEKDTGIKVTVEHPDKLEEKFPQVAATGDGPDIIFW
AHDRFGGYAQSGLLAEITPDKAFQDKLYPFTWDAVRYNGKLIAYPIAVEALSLIYNKDLLPNPPKTWEEIPALDKELKAK
GKSALMFNLQEPYFTWPLIAADGGYAFKYENGKYDIKDVGVDNAGAKAGLTFLVDLIKNKHMNADTDYSIAEAAFNKGET
AMTINGPWAWSNIDTSKVNYGVTVLPTFKGQPSKPFVGVLSAGINAASPNKELAKEFLENYLLTDEGLEAVNKDKPLGAV
ALKSYEEELAKDPRIAATMENAQKGEIMPNIPQMSAFWYAVRTAVINAASGRQTVDAALAAAQTNAAASRTGLVYDQNMM
NHCNLWDSHHPEVPQRILRIMCRLEELGLAGRCLTLTPRPATEAELLTCHSAEYVGHLRATEKMKTRELHRESSNFDSIY
ICPSTFACAQLATGAACRLVEAVLSGEVLNGAAVVRPPGHHAEQDAACGFCFFNSVAVAARHAQTISGHALRILIVDWDV
HHGNGTQHMFEDDPSVLYVSLHRYDHGTFFPMGDEGASSQIGRAAGTGFTVNVAWNGPRMGDADYLAAWHRLVLPIAYEF
NPELVLVSAGFDAARGDPLGGCQVSPEGYAHLTHLLMGLASGRIILILEGGYNLTSISESMAACTRSLLGDPPPLLTLPR
PPLSGALASITETIQVHRRYWRSLR
;
_entity_poly.pdbx_strand_id   B,A
#
# COMPACT_ATOMS: atom_id res chain seq x y z
N GLU A 21 -7.89 42.00 -38.58
CA GLU A 21 -7.50 40.78 -39.28
C GLU A 21 -6.38 41.06 -40.27
N GLU A 22 -6.43 42.23 -40.92
CA GLU A 22 -5.36 42.64 -41.83
C GLU A 22 -4.74 43.95 -41.38
N GLY A 23 -5.36 44.60 -40.41
CA GLY A 23 -4.85 45.85 -39.87
C GLY A 23 -4.34 45.73 -38.45
N LYS A 24 -4.34 44.50 -37.94
CA LYS A 24 -3.93 44.25 -36.56
C LYS A 24 -2.87 43.17 -36.44
N LEU A 25 -2.69 42.68 -35.22
CA LEU A 25 -1.66 41.69 -34.91
C LEU A 25 -1.94 41.07 -33.54
N VAL A 26 -2.56 39.89 -33.52
CA VAL A 26 -2.90 39.24 -32.25
C VAL A 26 -1.99 38.04 -31.97
N ILE A 27 -1.56 37.92 -30.72
CA ILE A 27 -0.60 36.90 -30.31
C ILE A 27 -1.08 36.11 -29.10
N TRP A 28 -0.86 34.79 -29.12
CA TRP A 28 -1.23 33.94 -27.99
C TRP A 28 0.00 33.36 -27.29
N ILE A 29 -0.04 33.34 -25.96
CA ILE A 29 1.03 32.80 -25.16
C ILE A 29 0.46 32.32 -23.83
N ASN A 30 1.00 31.22 -23.30
CA ASN A 30 0.43 30.58 -22.11
C ASN A 30 0.41 31.50 -20.88
N GLY A 31 -0.55 31.25 -20.00
CA GLY A 31 -0.80 32.12 -18.87
C GLY A 31 0.25 32.11 -17.77
N ASP A 32 1.13 31.11 -17.79
CA ASP A 32 2.16 30.99 -16.78
C ASP A 32 3.38 31.84 -17.14
N LYS A 33 3.48 32.21 -18.41
CA LYS A 33 4.59 33.02 -18.90
C LYS A 33 4.40 34.49 -18.55
N GLY A 34 5.27 35.33 -19.08
CA GLY A 34 5.20 36.76 -18.83
C GLY A 34 4.54 37.50 -19.97
N TYR A 35 3.23 37.32 -20.12
CA TYR A 35 2.49 37.91 -21.22
C TYR A 35 2.43 39.44 -21.10
N ASN A 36 2.43 39.93 -19.87
CA ASN A 36 2.41 41.38 -19.65
C ASN A 36 3.69 42.05 -20.15
N GLY A 37 4.82 41.37 -19.99
CA GLY A 37 6.09 41.86 -20.49
C GLY A 37 6.09 41.87 -22.01
N LEU A 38 5.37 40.92 -22.60
CA LEU A 38 5.26 40.83 -24.04
C LEU A 38 4.36 41.93 -24.58
N ALA A 39 3.37 42.32 -23.79
CA ALA A 39 2.48 43.41 -24.13
C ALA A 39 3.25 44.73 -24.25
N GLU A 40 4.25 44.88 -23.38
CA GLU A 40 5.09 46.07 -23.37
C GLU A 40 5.89 46.15 -24.67
N VAL A 41 6.33 45.00 -25.16
CA VAL A 41 7.01 44.93 -26.45
C VAL A 41 6.03 45.22 -27.58
N GLY A 42 4.77 44.84 -27.36
CA GLY A 42 3.72 45.11 -28.32
C GLY A 42 3.29 46.56 -28.28
N LYS A 43 3.68 47.26 -27.21
CA LYS A 43 3.38 48.68 -27.06
C LYS A 43 4.49 49.51 -27.67
N LYS A 44 5.73 49.08 -27.48
CA LYS A 44 6.88 49.75 -28.07
C LYS A 44 7.01 49.39 -29.55
N PHE A 45 6.10 48.56 -30.04
CA PHE A 45 6.02 48.24 -31.45
C PHE A 45 4.84 48.96 -32.11
N GLU A 46 3.75 49.07 -31.36
CA GLU A 46 2.58 49.81 -31.80
C GLU A 46 2.92 51.30 -31.95
N LYS A 47 3.74 51.81 -31.04
CA LYS A 47 4.12 53.22 -31.07
C LYS A 47 5.01 53.51 -32.27
N ASP A 48 5.87 52.56 -32.59
CA ASP A 48 6.83 52.71 -33.67
C ASP A 48 6.20 52.65 -35.06
N THR A 49 5.27 51.73 -35.26
CA THR A 49 4.73 51.50 -36.60
C THR A 49 3.22 51.72 -36.72
N GLY A 50 2.54 51.87 -35.59
CA GLY A 50 1.11 52.17 -35.61
C GLY A 50 0.21 50.98 -35.44
N ILE A 51 0.77 49.78 -35.57
CA ILE A 51 -0.03 48.55 -35.51
C ILE A 51 -0.29 48.11 -34.07
N LYS A 52 -1.57 48.08 -33.69
CA LYS A 52 -1.96 47.63 -32.36
C LYS A 52 -1.69 46.14 -32.19
N VAL A 53 -0.95 45.79 -31.14
CA VAL A 53 -0.64 44.39 -30.86
C VAL A 53 -1.38 43.93 -29.61
N THR A 54 -2.33 43.01 -29.79
CA THR A 54 -3.12 42.50 -28.68
C THR A 54 -2.65 41.10 -28.28
N VAL A 55 -2.33 40.93 -27.00
CA VAL A 55 -1.81 39.67 -26.49
C VAL A 55 -2.70 39.05 -25.43
N GLU A 56 -3.32 37.92 -25.76
CA GLU A 56 -4.22 37.24 -24.85
C GLU A 56 -3.75 35.83 -24.53
N HIS A 57 -4.19 35.30 -23.39
CA HIS A 57 -3.72 34.00 -22.92
C HIS A 57 -4.89 33.05 -22.62
N PRO A 58 -5.40 32.36 -23.65
CA PRO A 58 -6.52 31.42 -23.51
C PRO A 58 -6.13 30.16 -22.74
N ASP A 59 -7.11 29.54 -22.09
CA ASP A 59 -6.87 28.28 -21.37
C ASP A 59 -6.78 27.14 -22.37
N LYS A 60 -5.91 26.17 -22.08
CA LYS A 60 -5.72 24.99 -22.93
C LYS A 60 -5.46 25.39 -24.38
N LEU A 61 -4.62 26.39 -24.56
CA LEU A 61 -4.43 27.01 -25.87
C LEU A 61 -3.66 26.11 -26.84
N GLU A 62 -2.97 25.10 -26.30
CA GLU A 62 -2.29 24.14 -27.17
C GLU A 62 -3.32 23.21 -27.81
N GLU A 63 -4.51 23.18 -27.22
CA GLU A 63 -5.65 22.50 -27.81
C GLU A 63 -6.50 23.47 -28.62
N LYS A 64 -6.59 24.70 -28.13
CA LYS A 64 -7.45 25.72 -28.74
C LYS A 64 -6.95 26.14 -30.12
N PHE A 65 -5.63 26.32 -30.25
CA PHE A 65 -5.04 26.81 -31.49
C PHE A 65 -5.26 25.89 -32.70
N PRO A 66 -5.01 24.57 -32.56
CA PRO A 66 -5.27 23.74 -33.74
C PRO A 66 -6.75 23.68 -34.14
N GLN A 67 -7.64 24.03 -33.23
CA GLN A 67 -9.07 24.07 -33.54
C GLN A 67 -9.37 25.19 -34.54
N VAL A 68 -9.01 26.42 -34.18
CA VAL A 68 -9.31 27.59 -34.99
C VAL A 68 -8.45 27.67 -36.26
N ALA A 69 -7.19 27.29 -36.14
CA ALA A 69 -6.25 27.37 -37.27
C ALA A 69 -6.73 26.55 -38.47
N ALA A 70 -7.40 25.45 -38.20
CA ALA A 70 -7.92 24.59 -39.26
C ALA A 70 -9.05 25.27 -40.01
N THR A 71 -9.96 25.90 -39.28
CA THR A 71 -11.13 26.54 -39.88
C THR A 71 -10.90 28.01 -40.20
N GLY A 72 -9.66 28.36 -40.53
CA GLY A 72 -9.33 29.70 -40.98
C GLY A 72 -9.09 30.72 -39.90
N ASP A 73 -9.71 30.53 -38.74
CA ASP A 73 -9.60 31.49 -37.63
C ASP A 73 -8.25 31.35 -36.93
N GLY A 74 -8.10 32.03 -35.80
CA GLY A 74 -6.90 31.89 -34.99
C GLY A 74 -6.09 33.16 -34.81
N PRO A 75 -5.02 33.08 -34.00
CA PRO A 75 -4.09 34.18 -33.75
C PRO A 75 -3.03 34.30 -34.84
N ASP A 76 -2.41 35.46 -34.95
CA ASP A 76 -1.36 35.67 -35.94
C ASP A 76 -0.08 34.91 -35.54
N ILE A 77 0.19 34.89 -34.24
CA ILE A 77 1.44 34.30 -33.73
C ILE A 77 1.17 33.40 -32.51
N ILE A 78 1.73 32.19 -32.55
CA ILE A 78 1.51 31.19 -31.52
C ILE A 78 2.76 30.95 -30.66
N PHE A 79 2.59 30.99 -29.35
CA PHE A 79 3.70 30.73 -28.42
C PHE A 79 3.47 29.47 -27.59
N TRP A 80 4.40 28.52 -27.71
CA TRP A 80 4.35 27.28 -26.94
C TRP A 80 5.69 26.55 -27.07
N ALA A 81 5.92 25.55 -26.23
CA ALA A 81 7.09 24.70 -26.35
C ALA A 81 7.09 23.96 -27.68
N HIS A 82 8.29 23.59 -28.14
CA HIS A 82 8.46 23.06 -29.50
C HIS A 82 7.83 21.70 -29.74
N ASP A 83 7.49 21.00 -28.66
CA ASP A 83 7.00 19.62 -28.77
C ASP A 83 5.68 19.50 -29.54
N ARG A 84 4.91 20.58 -29.59
CA ARG A 84 3.60 20.56 -30.23
C ARG A 84 3.66 21.02 -31.69
N PHE A 85 4.72 21.73 -32.04
CA PHE A 85 4.79 22.43 -33.32
C PHE A 85 4.82 21.52 -34.55
N GLY A 86 5.37 20.32 -34.41
CA GLY A 86 5.40 19.39 -35.51
C GLY A 86 4.01 18.91 -35.90
N GLY A 87 3.12 18.86 -34.92
CA GLY A 87 1.73 18.51 -35.18
C GLY A 87 1.03 19.57 -35.98
N TYR A 88 1.31 20.83 -35.63
CA TYR A 88 0.77 21.98 -36.36
C TYR A 88 1.26 22.01 -37.80
N ALA A 89 2.55 21.73 -37.98
CA ALA A 89 3.17 21.73 -39.29
C ALA A 89 2.66 20.58 -40.15
N GLN A 90 2.39 19.44 -39.52
CA GLN A 90 1.90 18.27 -40.24
C GLN A 90 0.48 18.50 -40.74
N SER A 91 -0.22 19.44 -40.11
CA SER A 91 -1.57 19.80 -40.52
C SER A 91 -1.56 21.03 -41.41
N GLY A 92 -0.35 21.55 -41.67
CA GLY A 92 -0.19 22.73 -42.49
C GLY A 92 -0.85 23.95 -41.88
N LEU A 93 -0.63 24.15 -40.58
CA LEU A 93 -1.25 25.26 -39.87
C LEU A 93 -0.25 26.40 -39.63
N LEU A 94 1.02 26.11 -39.86
CA LEU A 94 2.08 27.11 -39.66
C LEU A 94 2.67 27.58 -40.97
N ALA A 95 3.02 28.86 -41.03
CA ALA A 95 3.70 29.42 -42.19
C ALA A 95 5.18 29.10 -42.13
N GLU A 96 5.80 28.88 -43.28
CA GLU A 96 7.22 28.59 -43.33
C GLU A 96 8.03 29.83 -42.99
N ILE A 97 8.96 29.68 -42.05
CA ILE A 97 9.80 30.78 -41.61
C ILE A 97 11.05 30.90 -42.49
N THR A 98 11.28 32.09 -43.02
CA THR A 98 12.46 32.32 -43.86
C THR A 98 13.29 33.50 -43.36
N PRO A 99 14.16 33.25 -42.38
CA PRO A 99 15.12 34.26 -41.92
C PRO A 99 16.45 34.14 -42.66
N ASP A 100 17.11 35.26 -42.93
CA ASP A 100 18.40 35.22 -43.60
C ASP A 100 19.44 34.59 -42.69
N LYS A 101 20.55 34.14 -43.26
CA LYS A 101 21.60 33.45 -42.51
C LYS A 101 22.18 34.34 -41.40
N ALA A 102 22.13 35.65 -41.62
CA ALA A 102 22.62 36.61 -40.63
C ALA A 102 21.87 36.48 -39.32
N PHE A 103 20.54 36.53 -39.39
CA PHE A 103 19.70 36.38 -38.21
C PHE A 103 19.74 34.96 -37.67
N GLN A 104 20.07 34.00 -38.54
CA GLN A 104 20.15 32.60 -38.14
C GLN A 104 21.30 32.39 -37.16
N ASP A 105 22.39 33.13 -37.35
CA ASP A 105 23.56 33.03 -36.49
C ASP A 105 23.34 33.72 -35.15
N LYS A 106 22.32 34.57 -35.09
CA LYS A 106 22.03 35.35 -33.88
C LYS A 106 21.61 34.45 -32.72
N LEU A 107 21.09 33.26 -33.04
CA LEU A 107 20.69 32.30 -32.02
C LEU A 107 21.62 31.09 -32.03
N TYR A 108 21.51 30.25 -31.00
CA TYR A 108 22.27 29.00 -30.95
C TYR A 108 21.72 28.00 -31.96
N PRO A 109 22.62 27.24 -32.61
CA PRO A 109 22.24 26.28 -33.65
C PRO A 109 21.31 25.17 -33.15
N PHE A 110 21.40 24.81 -31.87
CA PHE A 110 20.63 23.69 -31.36
C PHE A 110 19.16 24.07 -31.11
N THR A 111 18.89 25.36 -31.03
CA THR A 111 17.52 25.83 -30.84
C THR A 111 16.78 25.85 -32.16
N TRP A 112 17.51 26.10 -33.25
CA TRP A 112 16.94 26.07 -34.59
C TRP A 112 16.53 24.66 -34.97
N ASP A 113 17.29 23.68 -34.50
CA ASP A 113 17.04 22.28 -34.82
C ASP A 113 15.78 21.77 -34.12
N ALA A 114 15.43 22.41 -33.00
CA ALA A 114 14.24 22.04 -32.25
C ALA A 114 12.97 22.46 -33.00
N VAL A 115 13.08 23.52 -33.79
CA VAL A 115 11.93 24.03 -34.53
C VAL A 115 12.06 23.74 -36.02
N ARG A 116 12.90 22.76 -36.37
CA ARG A 116 13.05 22.32 -37.75
C ARG A 116 12.27 21.03 -37.97
N TYR A 117 11.37 21.05 -38.96
CA TYR A 117 10.52 19.89 -39.22
C TYR A 117 10.32 19.67 -40.71
N ASN A 118 10.60 18.45 -41.16
CA ASN A 118 10.56 18.09 -42.58
C ASN A 118 11.38 19.05 -43.44
N GLY A 119 12.58 19.38 -42.99
CA GLY A 119 13.46 20.27 -43.72
C GLY A 119 13.26 21.74 -43.40
N LYS A 120 12.03 22.20 -43.54
CA LYS A 120 11.69 23.60 -43.33
C LYS A 120 11.80 24.03 -41.87
N LEU A 121 11.98 25.33 -41.65
CA LEU A 121 11.80 25.92 -40.32
C LEU A 121 10.32 26.25 -40.16
N ILE A 122 9.79 26.10 -38.95
CA ILE A 122 8.38 26.36 -38.74
C ILE A 122 8.09 27.18 -37.49
N ALA A 123 9.15 27.73 -36.88
CA ALA A 123 9.01 28.58 -35.71
C ALA A 123 10.28 29.35 -35.39
N TYR A 124 10.13 30.45 -34.66
CA TYR A 124 11.26 31.19 -34.10
C TYR A 124 11.51 30.73 -32.67
N PRO A 125 12.73 30.26 -32.38
CA PRO A 125 13.10 29.85 -31.01
C PRO A 125 13.21 31.05 -30.08
N ILE A 126 12.84 30.89 -28.81
CA ILE A 126 12.90 31.99 -27.86
C ILE A 126 13.78 31.67 -26.65
N ALA A 127 13.46 30.59 -25.94
CA ALA A 127 14.18 30.26 -24.71
C ALA A 127 14.13 28.77 -24.38
N VAL A 128 15.15 28.30 -23.67
CA VAL A 128 15.23 26.91 -23.24
C VAL A 128 14.78 26.78 -21.78
N GLU A 129 13.78 25.93 -21.55
CA GLU A 129 13.23 25.77 -20.21
C GLU A 129 13.26 24.32 -19.74
N ALA A 130 13.87 24.10 -18.58
CA ALA A 130 13.91 22.78 -17.96
C ALA A 130 13.55 22.89 -16.48
N LEU A 131 12.96 21.82 -15.94
CA LEU A 131 12.54 21.81 -14.54
C LEU A 131 13.73 21.78 -13.60
N SER A 132 13.54 22.33 -12.40
CA SER A 132 14.59 22.36 -11.39
C SER A 132 14.04 22.10 -9.99
N LEU A 133 14.91 21.71 -9.08
CA LEU A 133 14.53 21.52 -7.69
C LEU A 133 14.63 22.83 -6.92
N ILE A 134 13.55 23.62 -6.98
CA ILE A 134 13.47 24.82 -6.14
C ILE A 134 13.21 24.37 -4.71
N TYR A 135 13.90 25.00 -3.76
CA TYR A 135 13.77 24.58 -2.36
C TYR A 135 13.91 25.74 -1.38
N ASN A 136 13.23 25.62 -0.24
CA ASN A 136 13.36 26.58 0.84
C ASN A 136 14.71 26.42 1.52
N LYS A 137 15.45 27.51 1.67
CA LYS A 137 16.79 27.46 2.22
C LYS A 137 16.81 27.58 3.75
N ASP A 138 15.67 27.96 4.32
CA ASP A 138 15.56 28.13 5.77
C ASP A 138 15.18 26.82 6.46
N LEU A 139 14.00 26.30 6.14
CA LEU A 139 13.49 25.07 6.75
C LEU A 139 14.33 23.87 6.33
N LEU A 140 15.05 24.02 5.22
CA LEU A 140 15.83 22.93 4.65
C LEU A 140 17.10 23.47 3.99
N PRO A 141 18.13 23.76 4.80
CA PRO A 141 19.38 24.33 4.29
C PRO A 141 20.17 23.35 3.42
N ASN A 142 19.86 22.06 3.57
CA ASN A 142 20.51 21.03 2.77
C ASN A 142 19.51 20.21 1.97
N PRO A 143 19.50 20.41 0.63
CA PRO A 143 18.60 19.68 -0.26
C PRO A 143 19.06 18.25 -0.51
N PRO A 144 18.16 17.27 -0.34
CA PRO A 144 18.47 15.87 -0.60
C PRO A 144 18.80 15.66 -2.08
N LYS A 145 19.90 14.96 -2.35
CA LYS A 145 20.33 14.74 -3.72
C LYS A 145 19.77 13.44 -4.28
N THR A 146 18.95 12.76 -3.48
CA THR A 146 18.28 11.54 -3.92
C THR A 146 16.78 11.59 -3.60
N TRP A 147 15.98 10.99 -4.47
CA TRP A 147 14.54 10.89 -4.26
C TRP A 147 14.22 10.01 -3.05
N GLU A 148 15.11 9.05 -2.78
CA GLU A 148 14.87 8.04 -1.76
C GLU A 148 14.86 8.62 -0.34
N GLU A 149 15.51 9.76 -0.15
CA GLU A 149 15.57 10.41 1.15
C GLU A 149 14.22 11.01 1.56
N ILE A 150 13.46 11.45 0.57
CA ILE A 150 12.28 12.28 0.78
C ILE A 150 11.22 11.75 1.77
N PRO A 151 10.86 10.45 1.71
CA PRO A 151 9.85 10.01 2.68
C PRO A 151 10.33 10.11 4.12
N ALA A 152 11.59 9.79 4.36
CA ALA A 152 12.19 9.93 5.68
C ALA A 152 12.31 11.40 6.08
N LEU A 153 12.72 12.23 5.12
CA LEU A 153 12.85 13.66 5.33
C LEU A 153 11.50 14.32 5.57
N ASP A 154 10.45 13.70 5.05
CA ASP A 154 9.09 14.19 5.25
C ASP A 154 8.60 13.89 6.66
N LYS A 155 9.11 12.81 7.23
CA LYS A 155 8.78 12.43 8.61
C LYS A 155 9.21 13.52 9.59
N GLU A 156 10.44 13.99 9.43
CA GLU A 156 10.99 14.99 10.33
C GLU A 156 10.29 16.33 10.21
N LEU A 157 9.71 16.59 9.04
CA LEU A 157 9.04 17.87 8.78
C LEU A 157 7.55 17.82 9.10
N LYS A 158 6.94 16.66 8.88
CA LYS A 158 5.50 16.49 9.11
C LYS A 158 5.16 16.60 10.60
N ALA A 159 6.18 16.53 11.44
CA ALA A 159 6.01 16.70 12.88
C ALA A 159 5.92 18.17 13.23
N LYS A 160 6.60 18.99 12.44
CA LYS A 160 6.65 20.44 12.67
C LYS A 160 5.55 21.15 11.88
N GLY A 161 4.55 20.38 11.43
CA GLY A 161 3.42 20.93 10.71
C GLY A 161 3.81 21.52 9.36
N LYS A 162 4.81 20.91 8.73
CA LYS A 162 5.29 21.39 7.43
C LYS A 162 5.55 20.20 6.51
N SER A 163 5.32 20.39 5.21
CA SER A 163 5.53 19.33 4.23
C SER A 163 6.97 19.33 3.72
N ALA A 164 7.34 18.29 3.00
CA ALA A 164 8.69 18.18 2.44
C ALA A 164 8.71 18.50 0.95
N LEU A 165 7.74 17.94 0.22
CA LEU A 165 7.69 18.11 -1.22
C LEU A 165 6.27 18.24 -1.75
N MET A 166 6.04 19.27 -2.55
CA MET A 166 4.77 19.47 -3.24
C MET A 166 5.00 20.04 -4.63
N PHE A 167 4.43 19.40 -5.64
CA PHE A 167 4.50 19.90 -7.01
C PHE A 167 3.34 19.38 -7.83
N ASN A 168 3.15 19.95 -9.02
CA ASN A 168 2.01 19.63 -9.86
C ASN A 168 1.96 18.16 -10.26
N LEU A 169 0.81 17.53 -10.04
CA LEU A 169 0.64 16.11 -10.36
C LEU A 169 -0.39 15.93 -11.47
N GLN A 170 -1.03 17.02 -11.87
CA GLN A 170 -2.09 16.96 -12.86
C GLN A 170 -1.54 17.06 -14.29
N GLU A 171 -0.23 17.24 -14.39
CA GLU A 171 0.45 17.27 -15.69
C GLU A 171 1.67 16.36 -15.67
N PRO A 172 1.75 15.45 -16.66
CA PRO A 172 2.81 14.44 -16.74
C PRO A 172 4.20 15.03 -16.93
N TYR A 173 4.27 16.29 -17.36
CA TYR A 173 5.53 16.98 -17.59
C TYR A 173 6.37 17.11 -16.32
N PHE A 174 5.70 17.21 -15.17
CA PHE A 174 6.38 17.42 -13.91
C PHE A 174 6.86 16.14 -13.25
N THR A 175 6.24 15.01 -13.59
CA THR A 175 6.62 13.74 -12.99
C THR A 175 7.48 12.91 -13.94
N TRP A 176 7.61 13.39 -15.17
CA TRP A 176 8.44 12.75 -16.17
C TRP A 176 9.95 12.67 -15.82
N PRO A 177 10.53 13.70 -15.18
CA PRO A 177 11.95 13.58 -14.84
C PRO A 177 12.26 12.39 -13.93
N LEU A 178 11.26 11.90 -13.21
CA LEU A 178 11.41 10.75 -12.33
C LEU A 178 11.18 9.45 -13.10
N ILE A 179 10.27 9.50 -14.06
CA ILE A 179 9.95 8.33 -14.88
C ILE A 179 11.12 7.99 -15.81
N ALA A 180 11.83 9.02 -16.28
CA ALA A 180 12.92 8.82 -17.23
C ALA A 180 14.23 8.47 -16.52
N ALA A 181 14.19 8.43 -15.20
CA ALA A 181 15.40 8.26 -14.40
C ALA A 181 16.08 6.92 -14.66
N ASP A 182 15.40 5.84 -14.30
CA ASP A 182 16.00 4.52 -14.34
C ASP A 182 16.01 3.90 -15.74
N GLY A 183 15.35 4.55 -16.69
CA GLY A 183 15.42 4.09 -18.07
C GLY A 183 14.16 4.29 -18.90
N GLY A 184 13.24 5.10 -18.41
CA GLY A 184 12.02 5.37 -19.13
C GLY A 184 12.24 6.37 -20.25
N TYR A 185 11.57 6.16 -21.37
CA TYR A 185 11.70 7.10 -22.49
C TYR A 185 10.45 7.10 -23.34
N ALA A 186 10.30 8.14 -24.17
CA ALA A 186 9.13 8.27 -25.03
C ALA A 186 9.32 7.48 -26.32
N PHE A 187 9.90 8.12 -27.34
CA PHE A 187 10.25 7.42 -28.57
C PHE A 187 11.77 7.32 -28.70
N LYS A 188 12.26 6.14 -29.06
CA LYS A 188 13.70 5.91 -29.14
C LYS A 188 14.33 6.69 -30.30
N TYR A 189 15.50 7.26 -30.09
CA TYR A 189 16.11 8.08 -31.12
C TYR A 189 17.44 7.53 -31.56
N GLU A 190 17.56 7.27 -32.85
CA GLU A 190 18.78 6.78 -33.45
C GLU A 190 19.07 7.55 -34.72
N ASN A 191 20.30 7.98 -34.90
CA ASN A 191 20.60 8.78 -36.07
C ASN A 191 19.75 10.03 -36.00
N GLY A 192 19.02 10.35 -37.05
CA GLY A 192 18.15 11.50 -37.01
C GLY A 192 16.71 11.12 -36.85
N LYS A 193 16.45 9.84 -36.82
CA LYS A 193 15.08 9.34 -36.88
C LYS A 193 14.51 9.05 -35.50
N TYR A 194 13.20 9.23 -35.37
CA TYR A 194 12.46 8.79 -34.20
C TYR A 194 11.62 7.58 -34.59
N ASP A 195 11.76 6.49 -33.83
CA ASP A 195 11.01 5.28 -34.14
C ASP A 195 9.65 5.30 -33.44
N ILE A 196 8.60 5.56 -34.22
CA ILE A 196 7.24 5.64 -33.73
C ILE A 196 6.81 4.33 -33.08
N LYS A 197 7.41 3.23 -33.53
CA LYS A 197 7.04 1.89 -33.07
C LYS A 197 7.87 1.44 -31.88
N ASP A 198 8.86 2.26 -31.50
CA ASP A 198 9.70 1.94 -30.34
C ASP A 198 9.39 2.88 -29.18
N VAL A 199 8.62 2.38 -28.23
CA VAL A 199 8.18 3.18 -27.09
C VAL A 199 8.63 2.56 -25.78
N GLY A 200 9.18 3.38 -24.89
CA GLY A 200 9.64 2.90 -23.60
C GLY A 200 8.83 3.49 -22.45
N VAL A 201 7.51 3.28 -22.49
CA VAL A 201 6.63 3.79 -21.44
C VAL A 201 6.33 2.70 -20.41
N ASP A 202 6.30 1.45 -20.86
CA ASP A 202 6.02 0.33 -19.96
C ASP A 202 7.26 -0.48 -19.63
N ASN A 203 8.44 0.08 -19.90
CA ASN A 203 9.68 -0.63 -19.58
C ASN A 203 10.05 -0.43 -18.12
N ALA A 204 11.02 -1.22 -17.65
CA ALA A 204 11.36 -1.31 -16.23
C ALA A 204 11.65 0.04 -15.59
N GLY A 205 12.47 0.85 -16.24
CA GLY A 205 12.85 2.14 -15.72
C GLY A 205 11.67 3.06 -15.48
N ALA A 206 10.72 3.06 -16.42
CA ALA A 206 9.53 3.89 -16.31
C ALA A 206 8.61 3.36 -15.22
N LYS A 207 8.49 2.04 -15.12
CA LYS A 207 7.64 1.41 -14.13
C LYS A 207 8.18 1.66 -12.72
N ALA A 208 9.48 1.45 -12.54
CA ALA A 208 10.12 1.68 -11.26
C ALA A 208 10.00 3.14 -10.84
N GLY A 209 10.00 4.04 -11.82
CA GLY A 209 9.89 5.45 -11.57
C GLY A 209 8.54 5.86 -11.02
N LEU A 210 7.47 5.51 -11.72
CA LEU A 210 6.13 5.87 -11.31
C LEU A 210 5.72 5.12 -10.05
N THR A 211 6.16 3.87 -9.92
CA THR A 211 5.89 3.06 -8.74
C THR A 211 6.32 3.80 -7.48
N PHE A 212 7.48 4.44 -7.54
CA PHE A 212 8.00 5.19 -6.40
C PHE A 212 7.18 6.46 -6.14
N LEU A 213 6.70 7.08 -7.21
CA LEU A 213 5.87 8.28 -7.07
C LEU A 213 4.55 7.96 -6.38
N VAL A 214 3.92 6.88 -6.82
CA VAL A 214 2.63 6.48 -6.27
C VAL A 214 2.75 6.10 -4.79
N ASP A 215 3.89 5.52 -4.43
CA ASP A 215 4.14 5.12 -3.04
C ASP A 215 4.23 6.32 -2.12
N LEU A 216 4.72 7.44 -2.65
CA LEU A 216 4.76 8.69 -1.88
C LEU A 216 3.34 9.11 -1.50
N ILE A 217 2.42 9.00 -2.45
CA ILE A 217 1.02 9.33 -2.24
C ILE A 217 0.33 8.24 -1.43
N LYS A 218 0.82 7.01 -1.57
CA LYS A 218 0.32 5.88 -0.80
C LYS A 218 0.52 6.09 0.70
N ASN A 219 1.62 6.75 1.05
CA ASN A 219 2.01 6.90 2.44
C ASN A 219 1.75 8.29 3.01
N LYS A 220 0.73 8.95 2.48
CA LYS A 220 0.23 10.23 3.00
C LYS A 220 1.27 11.35 3.01
N HIS A 221 2.32 11.21 2.21
CA HIS A 221 3.30 12.28 2.07
C HIS A 221 2.76 13.35 1.14
N MET A 222 2.60 13.01 -0.13
CA MET A 222 2.00 13.92 -1.09
C MET A 222 0.51 13.59 -1.28
N ASN A 223 -0.26 14.58 -1.68
CA ASN A 223 -1.67 14.39 -1.99
C ASN A 223 -1.91 14.43 -3.49
N ALA A 224 -2.82 13.58 -3.96
CA ALA A 224 -3.09 13.47 -5.39
C ALA A 224 -3.85 14.68 -5.92
N ASP A 225 -4.56 15.37 -5.03
CA ASP A 225 -5.33 16.56 -5.41
C ASP A 225 -4.43 17.69 -5.89
N THR A 226 -3.14 17.61 -5.52
CA THR A 226 -2.18 18.68 -5.76
C THR A 226 -2.05 19.06 -7.23
N ASP A 227 -2.23 20.33 -7.52
CA ASP A 227 -2.04 20.86 -8.87
C ASP A 227 -1.01 21.99 -8.86
N TYR A 228 -0.94 22.74 -9.95
CA TYR A 228 0.03 23.83 -10.06
C TYR A 228 -0.24 24.91 -9.02
N SER A 229 -1.50 25.31 -8.90
CA SER A 229 -1.88 26.41 -8.02
C SER A 229 -1.71 26.03 -6.56
N ILE A 230 -2.13 24.82 -6.20
CA ILE A 230 -2.02 24.34 -4.82
C ILE A 230 -0.55 24.24 -4.40
N ALA A 231 0.27 23.69 -5.27
CA ALA A 231 1.67 23.44 -4.97
C ALA A 231 2.49 24.73 -4.90
N GLU A 232 2.15 25.71 -5.73
CA GLU A 232 2.86 26.97 -5.73
C GLU A 232 2.52 27.78 -4.48
N ALA A 233 1.25 27.79 -4.12
CA ALA A 233 0.79 28.49 -2.92
C ALA A 233 1.36 27.86 -1.66
N ALA A 234 1.67 26.57 -1.74
CA ALA A 234 2.23 25.85 -0.61
C ALA A 234 3.69 26.26 -0.37
N PHE A 235 4.48 26.29 -1.43
CA PHE A 235 5.87 26.68 -1.31
C PHE A 235 6.02 28.17 -1.02
N ASN A 236 5.18 28.98 -1.65
CA ASN A 236 5.25 30.43 -1.48
C ASN A 236 4.83 30.89 -0.09
N LYS A 237 4.01 30.08 0.59
CA LYS A 237 3.59 30.40 1.95
C LYS A 237 4.54 29.78 2.97
N GLY A 238 5.65 29.22 2.48
CA GLY A 238 6.68 28.67 3.34
C GLY A 238 6.23 27.48 4.16
N GLU A 239 5.36 26.65 3.59
CA GLU A 239 4.90 25.45 4.26
C GLU A 239 5.22 24.19 3.44
N THR A 240 6.22 24.31 2.58
CA THR A 240 6.70 23.18 1.79
C THR A 240 8.18 23.36 1.48
N ALA A 241 9.00 22.40 1.91
CA ALA A 241 10.44 22.51 1.79
C ALA A 241 10.92 22.59 0.34
N MET A 242 10.45 21.66 -0.48
CA MET A 242 10.90 21.58 -1.88
C MET A 242 9.74 21.56 -2.86
N THR A 243 10.00 22.05 -4.06
CA THR A 243 9.02 22.01 -5.14
C THR A 243 9.72 21.84 -6.48
N ILE A 244 8.97 21.45 -7.50
CA ILE A 244 9.51 21.30 -8.84
C ILE A 244 8.80 22.25 -9.80
N ASN A 245 9.57 23.11 -10.45
CA ASN A 245 9.01 24.10 -11.36
C ASN A 245 10.05 24.70 -12.30
N GLY A 246 9.58 25.45 -13.29
CA GLY A 246 10.48 26.06 -14.25
C GLY A 246 10.84 27.49 -13.90
N PRO A 247 11.68 28.13 -14.73
CA PRO A 247 12.12 29.51 -14.54
C PRO A 247 10.99 30.52 -14.38
N TRP A 248 9.85 30.24 -15.03
CA TRP A 248 8.72 31.16 -15.03
C TRP A 248 8.16 31.38 -13.63
N ALA A 249 8.36 30.40 -12.77
CA ALA A 249 7.82 30.45 -11.42
C ALA A 249 8.54 31.46 -10.54
N TRP A 250 9.83 31.68 -10.82
CA TRP A 250 10.70 32.45 -9.93
C TRP A 250 10.13 33.81 -9.55
N SER A 251 9.45 34.46 -10.49
CA SER A 251 8.92 35.80 -10.29
C SER A 251 7.99 35.87 -9.09
N ASN A 252 7.07 34.91 -9.01
CA ASN A 252 6.14 34.85 -7.90
C ASN A 252 6.83 34.49 -6.59
N ILE A 253 7.93 33.75 -6.69
CA ILE A 253 8.64 33.31 -5.50
C ILE A 253 9.38 34.50 -4.85
N ASP A 254 9.73 35.50 -5.67
CA ASP A 254 10.43 36.68 -5.19
C ASP A 254 9.56 37.54 -4.27
N THR A 255 8.36 37.84 -4.72
CA THR A 255 7.44 38.68 -3.93
C THR A 255 7.08 37.97 -2.63
N SER A 256 7.16 36.65 -2.67
CA SER A 256 6.87 35.81 -1.52
C SER A 256 7.93 36.00 -0.45
N LYS A 257 7.55 35.88 0.81
CA LYS A 257 8.51 36.01 1.91
C LYS A 257 9.30 34.73 2.10
N VAL A 258 9.88 34.24 1.01
CA VAL A 258 10.58 32.98 1.02
C VAL A 258 11.95 33.11 0.40
N ASN A 259 12.96 32.68 1.15
CA ASN A 259 14.31 32.59 0.62
C ASN A 259 14.47 31.23 -0.04
N TYR A 260 14.74 31.21 -1.34
CA TYR A 260 14.76 29.97 -2.09
C TYR A 260 16.05 29.74 -2.86
N GLY A 261 16.43 28.48 -2.99
CA GLY A 261 17.58 28.09 -3.79
C GLY A 261 17.14 27.18 -4.93
N VAL A 262 17.89 27.22 -6.03
CA VAL A 262 17.59 26.37 -7.18
C VAL A 262 18.78 25.50 -7.52
N THR A 263 18.60 24.19 -7.44
CA THR A 263 19.69 23.24 -7.65
C THR A 263 19.28 22.06 -8.51
N VAL A 264 20.15 21.05 -8.56
CA VAL A 264 19.92 19.88 -9.39
C VAL A 264 18.74 19.05 -8.87
N LEU A 265 18.10 18.30 -9.77
CA LEU A 265 17.02 17.41 -9.38
C LEU A 265 17.59 16.18 -8.69
N PRO A 266 16.90 15.71 -7.63
CA PRO A 266 17.31 14.52 -6.88
C PRO A 266 17.50 13.29 -7.76
N THR A 267 18.31 12.35 -7.30
CA THR A 267 18.55 11.13 -8.07
C THR A 267 17.55 10.03 -7.73
N PHE A 268 17.34 9.13 -8.67
CA PHE A 268 16.52 7.94 -8.45
C PHE A 268 17.32 6.71 -8.85
N LYS A 269 17.46 5.78 -7.91
CA LYS A 269 18.33 4.61 -8.08
C LYS A 269 19.75 5.01 -8.47
N GLY A 270 20.22 6.12 -7.91
CA GLY A 270 21.56 6.62 -8.20
C GLY A 270 21.66 7.20 -9.60
N GLN A 271 20.54 7.39 -10.26
CA GLN A 271 20.52 7.95 -11.61
C GLN A 271 20.02 9.39 -11.59
N PRO A 272 20.65 10.25 -12.40
CA PRO A 272 20.20 11.63 -12.52
C PRO A 272 18.81 11.73 -13.14
N SER A 273 17.97 12.63 -12.63
CA SER A 273 16.65 12.86 -13.19
C SER A 273 16.79 13.42 -14.60
N LYS A 274 15.91 12.99 -15.49
CA LYS A 274 16.01 13.41 -16.89
C LYS A 274 14.73 14.11 -17.36
N PRO A 275 14.61 15.41 -17.05
CA PRO A 275 13.43 16.19 -17.44
C PRO A 275 13.32 16.35 -18.94
N PHE A 276 12.10 16.50 -19.44
CA PHE A 276 11.89 16.72 -20.87
C PHE A 276 12.08 18.21 -21.20
N VAL A 277 13.22 18.52 -21.79
CA VAL A 277 13.56 19.92 -22.08
C VAL A 277 12.75 20.46 -23.25
N GLY A 278 12.18 21.64 -23.07
CA GLY A 278 11.39 22.28 -24.11
C GLY A 278 11.94 23.64 -24.51
N VAL A 279 11.59 24.08 -25.71
CA VAL A 279 12.02 25.38 -26.21
C VAL A 279 10.80 26.26 -26.51
N LEU A 280 10.71 27.38 -25.80
CA LEU A 280 9.65 28.35 -26.04
C LEU A 280 9.78 28.86 -27.47
N SER A 281 8.72 28.67 -28.25
CA SER A 281 8.80 28.95 -29.68
C SER A 281 7.66 29.84 -30.17
N ALA A 282 7.92 30.53 -31.28
CA ALA A 282 6.92 31.42 -31.88
C ALA A 282 6.68 31.05 -33.34
N GLY A 283 5.45 30.71 -33.66
CA GLY A 283 5.11 30.33 -35.03
C GLY A 283 4.12 31.29 -35.66
N ILE A 284 4.12 31.34 -36.98
CA ILE A 284 3.19 32.20 -37.71
C ILE A 284 2.07 31.37 -38.33
N ASN A 285 0.85 31.75 -38.03
CA ASN A 285 -0.28 31.07 -38.56
C ASN A 285 -0.41 31.23 -40.05
N ALA A 286 -0.72 30.14 -40.70
CA ALA A 286 -0.82 30.07 -42.14
C ALA A 286 -1.92 30.93 -42.67
N ALA A 287 -2.94 31.13 -41.87
CA ALA A 287 -4.06 31.91 -42.30
C ALA A 287 -3.84 33.37 -42.03
N SER A 288 -2.72 33.74 -41.48
CA SER A 288 -2.48 35.14 -41.21
C SER A 288 -2.12 35.88 -42.43
N PRO A 289 -2.89 37.02 -42.61
CA PRO A 289 -2.48 37.83 -43.75
C PRO A 289 -1.39 38.78 -43.35
N ASN A 290 -0.95 38.68 -42.11
CA ASN A 290 -0.03 39.62 -41.53
C ASN A 290 1.36 39.08 -41.41
N LYS A 291 1.70 38.19 -42.30
CA LYS A 291 2.87 37.40 -42.15
C LYS A 291 4.06 38.31 -42.08
N GLU A 292 4.14 39.26 -43.00
CA GLU A 292 5.32 40.10 -43.07
C GLU A 292 5.46 40.88 -41.78
N LEU A 293 4.35 41.36 -41.28
CA LEU A 293 4.31 42.00 -39.99
C LEU A 293 4.66 41.05 -38.87
N ALA A 294 4.30 39.79 -39.02
CA ALA A 294 4.68 38.80 -38.03
C ALA A 294 6.17 38.64 -37.97
N LYS A 295 6.81 38.60 -39.14
CA LYS A 295 8.26 38.45 -39.25
C LYS A 295 8.97 39.66 -38.66
N GLU A 296 8.38 40.84 -38.85
CA GLU A 296 8.98 42.09 -38.39
C GLU A 296 9.04 42.16 -36.87
N PHE A 297 7.95 41.77 -36.22
CA PHE A 297 7.85 41.85 -34.76
C PHE A 297 8.77 40.85 -34.07
N LEU A 298 8.74 39.60 -34.52
CA LEU A 298 9.50 38.54 -33.86
C LEU A 298 11.01 38.73 -34.04
N GLU A 299 11.42 39.08 -35.26
CA GLU A 299 12.83 39.23 -35.57
C GLU A 299 13.45 40.50 -35.01
N ASN A 300 12.84 41.64 -35.31
CA ASN A 300 13.46 42.93 -35.01
C ASN A 300 12.88 43.66 -33.81
N TYR A 301 12.05 42.99 -33.01
CA TYR A 301 11.44 43.64 -31.85
C TYR A 301 11.40 42.72 -30.62
N LEU A 302 11.23 41.43 -30.85
CA LEU A 302 11.19 40.48 -29.75
C LEU A 302 12.54 39.81 -29.51
N LEU A 303 13.10 39.21 -30.56
CA LEU A 303 14.36 38.51 -30.44
C LEU A 303 15.55 39.48 -30.43
N THR A 304 15.51 40.41 -29.50
CA THR A 304 16.60 41.34 -29.25
C THR A 304 16.94 41.34 -27.77
N ASP A 305 18.05 41.95 -27.40
CA ASP A 305 18.42 42.08 -25.99
C ASP A 305 17.36 42.88 -25.25
N GLU A 306 16.83 43.89 -25.92
CA GLU A 306 15.80 44.75 -25.33
C GLU A 306 14.50 44.01 -25.12
N GLY A 307 13.98 43.41 -26.20
CA GLY A 307 12.71 42.72 -26.18
C GLY A 307 12.65 41.54 -25.23
N LEU A 308 13.65 40.67 -25.29
CA LEU A 308 13.69 39.47 -24.46
C LEU A 308 13.80 39.82 -22.98
N GLU A 309 14.41 40.97 -22.69
CA GLU A 309 14.57 41.43 -21.31
C GLU A 309 13.24 41.92 -20.75
N ALA A 310 12.39 42.46 -21.62
CA ALA A 310 11.07 42.94 -21.22
C ALA A 310 10.21 41.81 -20.68
N VAL A 311 10.22 40.69 -21.38
CA VAL A 311 9.47 39.51 -20.96
C VAL A 311 10.10 38.89 -19.72
N ASN A 312 11.43 38.82 -19.72
CA ASN A 312 12.16 38.19 -18.63
C ASN A 312 12.02 38.92 -17.31
N LYS A 313 11.79 40.23 -17.38
CA LYS A 313 11.57 41.03 -16.19
C LYS A 313 10.23 40.67 -15.55
N ASP A 314 9.27 40.29 -16.39
CA ASP A 314 7.97 39.86 -15.90
C ASP A 314 8.04 38.43 -15.37
N LYS A 315 8.39 37.48 -16.25
CA LYS A 315 8.61 36.09 -15.86
C LYS A 315 9.85 35.54 -16.56
N PRO A 316 10.81 35.01 -15.79
CA PRO A 316 12.10 34.54 -16.30
C PRO A 316 11.97 33.50 -17.42
N LEU A 317 12.53 33.81 -18.58
CA LEU A 317 12.44 32.94 -19.75
C LEU A 317 13.30 31.69 -19.61
N GLY A 318 14.36 31.79 -18.81
CA GLY A 318 15.30 30.69 -18.64
C GLY A 318 16.58 30.95 -19.43
N ALA A 319 17.03 29.93 -20.15
CA ALA A 319 18.21 30.09 -21.00
C ALA A 319 17.79 30.45 -22.43
N VAL A 320 17.80 31.75 -22.73
CA VAL A 320 17.30 32.24 -24.01
C VAL A 320 18.15 31.78 -25.20
N ALA A 321 17.53 31.75 -26.37
CA ALA A 321 18.19 31.29 -27.59
C ALA A 321 19.15 32.33 -28.15
N LEU A 322 18.89 33.60 -27.85
CA LEU A 322 19.73 34.68 -28.34
C LEU A 322 21.09 34.68 -27.66
N LYS A 323 22.15 34.60 -28.46
CA LYS A 323 23.52 34.50 -27.95
C LYS A 323 23.93 35.69 -27.09
N SER A 324 23.61 36.90 -27.57
CA SER A 324 24.03 38.12 -26.90
C SER A 324 23.48 38.25 -25.47
N TYR A 325 22.17 38.08 -25.31
CA TYR A 325 21.53 38.26 -24.02
C TYR A 325 21.76 37.07 -23.09
N GLU A 326 22.02 35.91 -23.67
CA GLU A 326 22.26 34.70 -22.89
C GLU A 326 23.52 34.82 -22.04
N GLU A 327 24.55 35.45 -22.59
CA GLU A 327 25.82 35.61 -21.88
C GLU A 327 25.63 36.42 -20.61
N GLU A 328 24.67 37.34 -20.64
CA GLU A 328 24.35 38.14 -19.46
C GLU A 328 23.59 37.30 -18.44
N LEU A 329 22.60 36.56 -18.92
CA LEU A 329 21.76 35.74 -18.05
C LEU A 329 22.51 34.57 -17.42
N ALA A 330 23.53 34.08 -18.11
CA ALA A 330 24.24 32.87 -17.70
C ALA A 330 25.09 33.06 -16.44
N LYS A 331 25.06 34.26 -15.87
CA LYS A 331 25.73 34.52 -14.60
C LYS A 331 24.88 34.01 -13.46
N ASP A 332 23.59 33.84 -13.73
CA ASP A 332 22.63 33.36 -12.75
C ASP A 332 22.92 31.92 -12.35
N PRO A 333 23.09 31.67 -11.04
CA PRO A 333 23.31 30.30 -10.54
C PRO A 333 22.07 29.44 -10.71
N ARG A 334 20.92 30.09 -10.90
CA ARG A 334 19.66 29.39 -11.12
C ARG A 334 19.55 28.94 -12.57
N ILE A 335 19.89 29.84 -13.49
CA ILE A 335 19.91 29.53 -14.92
C ILE A 335 20.99 28.48 -15.17
N ALA A 336 22.10 28.60 -14.45
CA ALA A 336 23.16 27.59 -14.50
C ALA A 336 22.63 26.25 -13.99
N ALA A 337 21.79 26.31 -12.97
CA ALA A 337 21.14 25.12 -12.43
C ALA A 337 20.07 24.62 -13.41
N THR A 338 19.55 25.53 -14.21
CA THR A 338 18.58 25.17 -15.25
C THR A 338 19.31 24.46 -16.38
N MET A 339 20.54 24.91 -16.66
CA MET A 339 21.34 24.28 -17.71
C MET A 339 21.83 22.91 -17.27
N GLU A 340 22.07 22.76 -15.97
CA GLU A 340 22.53 21.49 -15.43
C GLU A 340 21.48 20.40 -15.60
N ASN A 341 20.25 20.69 -15.18
CA ASN A 341 19.13 19.76 -15.36
C ASN A 341 18.84 19.48 -16.82
N ALA A 342 18.92 20.52 -17.65
CA ALA A 342 18.61 20.39 -19.07
C ALA A 342 19.61 19.50 -19.79
N GLN A 343 20.86 19.54 -19.34
CA GLN A 343 21.91 18.75 -19.96
C GLN A 343 21.79 17.28 -19.55
N LYS A 344 21.30 17.04 -18.34
CA LYS A 344 21.12 15.69 -17.83
C LYS A 344 19.87 15.06 -18.43
N GLY A 345 18.93 15.90 -18.83
CA GLY A 345 17.70 15.43 -19.46
C GLY A 345 17.85 15.34 -20.96
N GLU A 346 16.72 15.28 -21.67
CA GLU A 346 16.72 15.20 -23.12
C GLU A 346 15.77 16.23 -23.72
N ILE A 347 16.12 16.72 -24.90
CA ILE A 347 15.28 17.69 -25.60
C ILE A 347 14.07 16.98 -26.22
N MET A 348 12.88 17.52 -25.97
CA MET A 348 11.64 16.91 -26.46
C MET A 348 11.59 16.75 -27.97
N PRO A 349 11.01 15.64 -28.44
CA PRO A 349 10.79 15.43 -29.87
C PRO A 349 9.78 16.42 -30.42
N ASN A 350 9.89 16.73 -31.71
CA ASN A 350 8.95 17.65 -32.34
C ASN A 350 7.95 16.94 -33.24
N ILE A 351 8.06 15.61 -33.31
CA ILE A 351 7.19 14.81 -34.16
C ILE A 351 5.72 14.95 -33.77
N PRO A 352 4.81 14.84 -34.77
CA PRO A 352 3.38 15.12 -34.54
C PRO A 352 2.67 14.10 -33.65
N GLN A 353 3.40 13.13 -33.11
CA GLN A 353 2.79 12.13 -32.23
C GLN A 353 2.92 12.49 -30.75
N MET A 354 3.57 13.62 -30.46
CA MET A 354 3.77 14.04 -29.08
C MET A 354 2.47 14.31 -28.34
N SER A 355 1.49 14.84 -29.06
CA SER A 355 0.19 15.14 -28.46
C SER A 355 -0.48 13.88 -27.93
N ALA A 356 -0.34 12.78 -28.67
CA ALA A 356 -0.90 11.50 -28.25
C ALA A 356 -0.07 10.87 -27.14
N PHE A 357 1.22 11.21 -27.10
CA PHE A 357 2.10 10.71 -26.05
C PHE A 357 1.78 11.34 -24.71
N TRP A 358 1.67 12.66 -24.68
CA TRP A 358 1.41 13.40 -23.45
C TRP A 358 0.06 13.03 -22.84
N TYR A 359 -0.92 12.78 -23.70
CA TYR A 359 -2.25 12.41 -23.22
C TYR A 359 -2.25 11.04 -22.55
N ALA A 360 -1.46 10.12 -23.11
CA ALA A 360 -1.36 8.78 -22.56
C ALA A 360 -0.74 8.80 -21.16
N VAL A 361 0.36 9.54 -21.02
CA VAL A 361 1.06 9.63 -19.75
C VAL A 361 0.25 10.41 -18.72
N ARG A 362 -0.51 11.40 -19.18
CA ARG A 362 -1.38 12.17 -18.30
C ARG A 362 -2.44 11.25 -17.69
N THR A 363 -3.01 10.40 -18.53
CA THR A 363 -4.03 9.46 -18.09
C THR A 363 -3.42 8.41 -17.16
N ALA A 364 -2.26 7.89 -17.55
CA ALA A 364 -1.59 6.86 -16.76
C ALA A 364 -1.23 7.34 -15.36
N VAL A 365 -0.65 8.54 -15.28
CA VAL A 365 -0.22 9.09 -13.99
C VAL A 365 -1.40 9.35 -13.08
N ILE A 366 -2.40 10.07 -13.59
CA ILE A 366 -3.60 10.39 -12.81
C ILE A 366 -4.31 9.12 -12.32
N ASN A 367 -4.43 8.14 -13.19
CA ASN A 367 -5.07 6.87 -12.84
C ASN A 367 -4.30 6.11 -11.77
N ALA A 368 -3.00 5.96 -11.96
CA ALA A 368 -2.17 5.16 -11.06
C ALA A 368 -1.96 5.86 -9.71
N ALA A 369 -1.77 7.18 -9.75
CA ALA A 369 -1.49 7.94 -8.53
C ALA A 369 -2.74 8.16 -7.69
N SER A 370 -3.88 7.72 -8.19
CA SER A 370 -5.14 7.84 -7.46
C SER A 370 -5.47 6.54 -6.74
N GLY A 371 -5.29 5.42 -7.45
CA GLY A 371 -5.59 4.12 -6.90
C GLY A 371 -6.50 3.31 -7.79
N ARG A 372 -7.17 3.98 -8.72
CA ARG A 372 -8.07 3.33 -9.66
C ARG A 372 -7.35 2.28 -10.49
N GLN A 373 -6.25 2.69 -11.11
CA GLN A 373 -5.45 1.79 -11.93
C GLN A 373 -4.13 1.49 -11.24
N THR A 374 -3.41 0.49 -11.73
CA THR A 374 -2.12 0.13 -11.16
C THR A 374 -0.99 0.50 -12.11
N VAL A 375 0.23 0.60 -11.57
CA VAL A 375 1.39 0.95 -12.36
C VAL A 375 1.54 0.04 -13.58
N ASP A 376 1.46 -1.26 -13.36
CA ASP A 376 1.55 -2.22 -14.46
C ASP A 376 0.47 -1.98 -15.51
N ALA A 377 -0.78 -1.86 -15.06
CA ALA A 377 -1.90 -1.71 -15.97
C ALA A 377 -1.90 -0.36 -16.68
N ALA A 378 -1.70 0.72 -15.92
CA ALA A 378 -1.74 2.07 -16.47
C ALA A 378 -0.66 2.30 -17.52
N LEU A 379 0.56 1.89 -17.22
CA LEU A 379 1.66 2.05 -18.18
C LEU A 379 1.48 1.17 -19.41
N ALA A 380 0.88 0.00 -19.21
CA ALA A 380 0.63 -0.93 -20.31
C ALA A 380 -0.34 -0.33 -21.32
N ALA A 381 -1.34 0.37 -20.81
CA ALA A 381 -2.35 1.01 -21.65
C ALA A 381 -1.75 2.22 -22.37
N ALA A 382 -0.85 2.92 -21.69
CA ALA A 382 -0.21 4.10 -22.27
C ALA A 382 0.82 3.70 -23.32
N GLN A 383 1.50 2.58 -23.07
CA GLN A 383 2.49 2.04 -24.00
C GLN A 383 1.89 1.80 -25.39
N THR A 384 0.60 1.44 -25.41
CA THR A 384 -0.08 1.09 -26.65
C THR A 384 -0.54 2.33 -27.43
N ASN A 385 -0.60 3.48 -26.76
CA ASN A 385 -1.18 4.67 -27.36
C ASN A 385 -0.25 5.87 -27.47
N ALA A 386 1.04 5.66 -27.24
CA ALA A 386 2.01 6.74 -27.33
C ALA A 386 2.11 7.27 -28.75
N ALA A 387 2.02 6.35 -29.72
CA ALA A 387 2.10 6.71 -31.13
C ALA A 387 0.82 7.40 -31.60
N ALA A 388 -0.32 6.81 -31.23
CA ALA A 388 -1.62 7.36 -31.60
C ALA A 388 -2.71 6.81 -30.68
N SER A 389 -3.68 7.66 -30.35
CA SER A 389 -4.79 7.24 -29.50
C SER A 389 -5.85 6.51 -30.31
N ARG A 390 -6.34 5.40 -29.78
CA ARG A 390 -7.26 4.53 -30.51
C ARG A 390 -8.72 4.88 -30.27
N THR A 391 -9.59 4.39 -31.14
CA THR A 391 -11.03 4.53 -30.99
C THR A 391 -11.64 3.14 -30.81
N GLY A 392 -12.48 2.99 -29.79
CA GLY A 392 -13.05 1.69 -29.46
C GLY A 392 -14.42 1.44 -30.08
N LEU A 393 -14.63 0.21 -30.53
CA LEU A 393 -15.93 -0.20 -31.05
C LEU A 393 -16.44 -1.39 -30.24
N VAL A 394 -17.70 -1.33 -29.82
CA VAL A 394 -18.28 -2.42 -29.04
C VAL A 394 -19.65 -2.82 -29.58
N TYR A 395 -19.80 -4.11 -29.88
CA TYR A 395 -20.99 -4.62 -30.54
C TYR A 395 -21.09 -6.13 -30.38
N ASP A 396 -22.32 -6.64 -30.27
CA ASP A 396 -22.56 -8.07 -30.17
C ASP A 396 -23.75 -8.48 -31.02
N GLN A 397 -23.55 -9.47 -31.88
CA GLN A 397 -24.58 -9.89 -32.83
C GLN A 397 -25.77 -10.56 -32.14
N ASN A 398 -25.56 -11.01 -30.90
CA ASN A 398 -26.63 -11.63 -30.11
C ASN A 398 -27.72 -10.63 -29.73
N MET A 399 -27.42 -9.34 -29.83
CA MET A 399 -28.39 -8.31 -29.50
C MET A 399 -29.49 -8.23 -30.55
N MET A 400 -29.34 -9.00 -31.61
CA MET A 400 -30.36 -9.11 -32.65
C MET A 400 -31.49 -10.05 -32.26
N ASN A 401 -31.31 -10.79 -31.17
CA ASN A 401 -32.32 -11.76 -30.72
C ASN A 401 -33.63 -11.10 -30.30
N HIS A 402 -33.55 -9.90 -29.74
CA HIS A 402 -34.71 -9.14 -29.33
C HIS A 402 -35.55 -8.72 -30.55
N CYS A 403 -36.77 -9.25 -30.64
CA CYS A 403 -37.61 -9.00 -31.81
C CYS A 403 -39.11 -9.10 -31.50
N ASN A 404 -39.92 -8.43 -32.31
CA ASN A 404 -41.37 -8.42 -32.15
C ASN A 404 -42.00 -9.67 -32.72
N LEU A 405 -42.81 -10.35 -31.92
CA LEU A 405 -43.34 -11.66 -32.27
C LEU A 405 -44.71 -11.60 -32.95
N TRP A 406 -45.35 -10.44 -32.92
CA TRP A 406 -46.68 -10.30 -33.50
C TRP A 406 -46.77 -9.18 -34.53
N ASP A 407 -45.67 -8.45 -34.72
CA ASP A 407 -45.65 -7.36 -35.69
C ASP A 407 -44.28 -7.23 -36.35
N SER A 408 -44.22 -7.60 -37.63
CA SER A 408 -42.97 -7.52 -38.40
C SER A 408 -42.74 -6.11 -38.92
N HIS A 409 -43.77 -5.28 -38.87
CA HIS A 409 -43.70 -3.91 -39.38
C HIS A 409 -43.16 -2.93 -38.34
N HIS A 410 -42.85 -3.44 -37.16
CA HIS A 410 -42.30 -2.60 -36.10
C HIS A 410 -40.91 -2.11 -36.50
N PRO A 411 -40.66 -0.79 -36.33
CA PRO A 411 -39.42 -0.16 -36.82
C PRO A 411 -38.16 -0.53 -36.04
N GLU A 412 -38.31 -0.95 -34.78
CA GLU A 412 -37.15 -1.31 -33.98
C GLU A 412 -36.75 -2.76 -34.22
N VAL A 413 -36.10 -3.00 -35.36
CA VAL A 413 -35.75 -4.34 -35.80
C VAL A 413 -34.28 -4.68 -35.53
N PRO A 414 -33.96 -5.98 -35.46
CA PRO A 414 -32.56 -6.43 -35.32
C PRO A 414 -31.64 -6.00 -36.47
N GLN A 415 -32.23 -5.69 -37.62
CA GLN A 415 -31.45 -5.26 -38.77
C GLN A 415 -30.75 -3.92 -38.55
N ARG A 416 -31.21 -3.16 -37.56
CA ARG A 416 -30.68 -1.84 -37.27
C ARG A 416 -29.19 -1.87 -36.95
N ILE A 417 -28.78 -2.73 -36.03
CA ILE A 417 -27.38 -2.79 -35.62
C ILE A 417 -26.51 -3.55 -36.62
N LEU A 418 -27.10 -4.47 -37.36
CA LEU A 418 -26.37 -5.25 -38.35
C LEU A 418 -25.96 -4.36 -39.51
N ARG A 419 -26.92 -3.60 -40.03
CA ARG A 419 -26.70 -2.71 -41.17
C ARG A 419 -25.63 -1.66 -40.84
N ILE A 420 -25.59 -1.24 -39.59
CA ILE A 420 -24.58 -0.28 -39.14
C ILE A 420 -23.19 -0.90 -39.22
N MET A 421 -23.02 -2.04 -38.55
CA MET A 421 -21.73 -2.73 -38.51
C MET A 421 -21.27 -3.15 -39.90
N CYS A 422 -22.19 -3.68 -40.69
CA CYS A 422 -21.89 -4.10 -42.05
C CYS A 422 -21.41 -2.93 -42.91
N ARG A 423 -21.90 -1.73 -42.60
CA ARG A 423 -21.51 -0.54 -43.32
C ARG A 423 -20.16 -0.03 -42.83
N LEU A 424 -19.90 -0.20 -41.53
CA LEU A 424 -18.64 0.22 -40.94
C LEU A 424 -17.47 -0.61 -41.47
N GLU A 425 -17.78 -1.84 -41.88
CA GLU A 425 -16.76 -2.73 -42.42
C GLU A 425 -16.52 -2.47 -43.90
N GLU A 426 -17.58 -2.12 -44.62
CA GLU A 426 -17.46 -1.78 -46.03
C GLU A 426 -16.54 -0.59 -46.24
N LEU A 427 -16.70 0.44 -45.41
CA LEU A 427 -15.90 1.65 -45.51
C LEU A 427 -14.54 1.46 -44.86
N GLY A 428 -14.34 0.31 -44.22
CA GLY A 428 -13.07 0.00 -43.58
C GLY A 428 -12.85 0.74 -42.28
N LEU A 429 -13.92 1.33 -41.75
CA LEU A 429 -13.83 2.11 -40.52
C LEU A 429 -13.71 1.21 -39.30
N ALA A 430 -14.36 0.06 -39.35
CA ALA A 430 -14.36 -0.89 -38.23
C ALA A 430 -12.96 -1.44 -37.98
N GLY A 431 -12.19 -1.62 -39.04
CA GLY A 431 -10.85 -2.15 -38.93
C GLY A 431 -9.89 -1.13 -38.32
N ARG A 432 -10.15 0.14 -38.59
CA ARG A 432 -9.35 1.22 -38.04
C ARG A 432 -9.72 1.50 -36.58
N CYS A 433 -10.63 0.71 -36.03
CA CYS A 433 -11.00 0.84 -34.62
C CYS A 433 -10.45 -0.32 -33.80
N LEU A 434 -10.47 -0.17 -32.48
CA LEU A 434 -10.05 -1.22 -31.57
C LEU A 434 -11.29 -1.87 -30.97
N THR A 435 -11.78 -2.93 -31.63
CA THR A 435 -13.05 -3.56 -31.27
C THR A 435 -13.03 -4.15 -29.86
N LEU A 436 -13.93 -3.65 -29.02
CA LEU A 436 -14.01 -4.08 -27.62
C LEU A 436 -15.01 -5.22 -27.46
N THR A 437 -14.66 -6.17 -26.60
CA THR A 437 -15.53 -7.31 -26.33
C THR A 437 -16.49 -7.00 -25.18
N PRO A 438 -17.79 -7.10 -25.44
CA PRO A 438 -18.83 -6.74 -24.47
C PRO A 438 -19.09 -7.81 -23.42
N ARG A 439 -19.94 -7.49 -22.46
CA ARG A 439 -20.34 -8.41 -21.40
C ARG A 439 -21.66 -7.94 -20.80
N PRO A 440 -22.45 -8.87 -20.25
CA PRO A 440 -23.71 -8.48 -19.60
C PRO A 440 -23.47 -7.56 -18.40
N ALA A 441 -24.44 -6.70 -18.12
CA ALA A 441 -24.33 -5.79 -16.99
C ALA A 441 -24.51 -6.55 -15.67
N THR A 442 -23.61 -6.29 -14.73
CA THR A 442 -23.72 -6.90 -13.40
C THR A 442 -24.97 -6.37 -12.71
N GLU A 443 -25.47 -7.13 -11.74
CA GLU A 443 -26.67 -6.75 -11.00
C GLU A 443 -26.47 -5.39 -10.33
N ALA A 444 -25.26 -5.14 -9.86
CA ALA A 444 -24.93 -3.88 -9.20
C ALA A 444 -25.07 -2.69 -10.16
N GLU A 445 -24.60 -2.88 -11.39
CA GLU A 445 -24.67 -1.84 -12.40
C GLU A 445 -26.11 -1.42 -12.70
N LEU A 446 -26.99 -2.41 -12.83
CA LEU A 446 -28.39 -2.15 -13.13
C LEU A 446 -29.14 -1.59 -11.93
N LEU A 447 -28.68 -1.92 -10.72
CA LEU A 447 -29.35 -1.49 -9.51
C LEU A 447 -29.05 -0.03 -9.16
N THR A 448 -28.16 0.58 -9.93
CA THR A 448 -27.80 1.97 -9.70
C THR A 448 -28.83 2.93 -10.31
N CYS A 449 -29.62 2.43 -11.26
CA CYS A 449 -30.62 3.26 -11.93
C CYS A 449 -31.99 2.59 -11.96
N HIS A 450 -32.02 1.29 -11.73
CA HIS A 450 -33.28 0.54 -11.75
C HIS A 450 -33.51 -0.21 -10.45
N SER A 451 -34.77 -0.34 -10.07
CA SER A 451 -35.13 -1.05 -8.85
C SER A 451 -35.02 -2.56 -9.05
N ALA A 452 -34.79 -3.28 -7.97
CA ALA A 452 -34.68 -4.74 -8.01
C ALA A 452 -36.01 -5.36 -8.45
N GLU A 453 -37.11 -4.67 -8.10
CA GLU A 453 -38.44 -5.11 -8.47
C GLU A 453 -38.60 -5.14 -9.98
N TYR A 454 -38.28 -4.02 -10.63
CA TYR A 454 -38.43 -3.91 -12.08
C TYR A 454 -37.48 -4.84 -12.83
N VAL A 455 -36.28 -5.01 -12.30
CA VAL A 455 -35.29 -5.90 -12.92
C VAL A 455 -35.77 -7.36 -12.86
N GLY A 456 -36.26 -7.75 -11.69
CA GLY A 456 -36.81 -9.09 -11.50
C GLY A 456 -38.01 -9.37 -12.38
N HIS A 457 -38.84 -8.35 -12.57
CA HIS A 457 -40.01 -8.47 -13.44
CA HIS A 457 -40.02 -8.48 -13.43
C HIS A 457 -39.61 -8.80 -14.86
N LEU A 458 -38.55 -8.14 -15.29
CA LEU A 458 -38.08 -8.22 -16.67
C LEU A 458 -37.35 -9.53 -16.91
N ARG A 459 -36.55 -9.96 -15.93
CA ARG A 459 -35.87 -11.26 -16.02
C ARG A 459 -36.87 -12.41 -16.04
N ALA A 460 -38.00 -12.21 -15.37
CA ALA A 460 -39.05 -13.24 -15.30
C ALA A 460 -39.65 -13.51 -16.68
N THR A 461 -39.60 -12.51 -17.55
CA THR A 461 -40.17 -12.62 -18.89
C THR A 461 -39.40 -13.58 -19.78
N GLU A 462 -38.20 -13.96 -19.35
CA GLU A 462 -37.34 -14.85 -20.12
C GLU A 462 -37.99 -16.21 -20.41
N LYS A 463 -38.75 -16.71 -19.45
CA LYS A 463 -39.33 -18.05 -19.59
C LYS A 463 -40.82 -18.01 -19.92
N MET A 464 -41.33 -16.83 -20.24
CA MET A 464 -42.71 -16.73 -20.71
C MET A 464 -42.83 -17.15 -22.17
N LYS A 465 -44.06 -17.31 -22.62
CA LYS A 465 -44.36 -17.64 -24.02
C LYS A 465 -45.08 -16.48 -24.67
N THR A 466 -45.31 -16.57 -25.98
CA THR A 466 -45.85 -15.44 -26.77
C THR A 466 -47.15 -14.84 -26.25
N ARG A 467 -48.01 -15.68 -25.68
CA ARG A 467 -49.30 -15.24 -25.15
C ARG A 467 -49.11 -14.43 -23.87
N GLU A 468 -48.38 -15.01 -22.91
CA GLU A 468 -48.10 -14.36 -21.65
C GLU A 468 -47.29 -13.07 -21.84
N LEU A 469 -46.46 -13.04 -22.87
CA LEU A 469 -45.63 -11.87 -23.14
C LEU A 469 -46.45 -10.73 -23.71
N HIS A 470 -47.53 -11.07 -24.40
CA HIS A 470 -48.38 -10.06 -25.03
C HIS A 470 -49.08 -9.22 -23.97
N ARG A 471 -49.69 -9.90 -23.00
CA ARG A 471 -50.32 -9.24 -21.87
C ARG A 471 -49.27 -8.45 -21.08
N GLU A 472 -48.09 -9.03 -20.95
CA GLU A 472 -47.00 -8.42 -20.22
C GLU A 472 -46.51 -7.15 -20.90
N SER A 473 -46.54 -7.14 -22.23
CA SER A 473 -46.08 -5.99 -23.00
C SER A 473 -47.05 -4.82 -22.92
N SER A 474 -48.33 -5.13 -22.76
CA SER A 474 -49.37 -4.09 -22.69
C SER A 474 -49.35 -3.36 -21.35
N ASN A 475 -48.50 -3.81 -20.43
CA ASN A 475 -48.31 -3.14 -19.14
C ASN A 475 -47.53 -1.84 -19.28
N PHE A 476 -46.90 -1.64 -20.43
CA PHE A 476 -46.04 -0.48 -20.64
C PHE A 476 -46.41 0.30 -21.90
N ASP A 477 -45.88 1.52 -22.00
CA ASP A 477 -46.19 2.41 -23.11
C ASP A 477 -45.25 2.14 -24.29
N SER A 478 -45.82 1.62 -25.38
CA SER A 478 -45.08 1.33 -26.61
C SER A 478 -43.91 0.36 -26.39
N ILE A 479 -44.24 -0.86 -25.99
CA ILE A 479 -43.23 -1.87 -25.69
C ILE A 479 -43.62 -3.25 -26.22
N TYR A 480 -42.67 -3.95 -26.84
CA TYR A 480 -42.86 -5.36 -27.16
C TYR A 480 -41.80 -6.19 -26.46
N ILE A 481 -42.18 -7.38 -26.02
CA ILE A 481 -41.28 -8.26 -25.28
C ILE A 481 -41.24 -9.66 -25.88
N CYS A 482 -40.04 -10.22 -25.99
CA CYS A 482 -39.86 -11.60 -26.44
C CYS A 482 -38.93 -12.29 -25.45
N PRO A 483 -38.79 -13.63 -25.54
CA PRO A 483 -37.97 -14.34 -24.55
C PRO A 483 -36.51 -13.86 -24.44
N SER A 484 -35.98 -13.25 -25.51
CA SER A 484 -34.60 -12.80 -25.52
C SER A 484 -34.41 -11.41 -24.94
N THR A 485 -35.53 -10.76 -24.63
CA THR A 485 -35.53 -9.33 -24.35
C THR A 485 -34.65 -8.89 -23.16
N PHE A 486 -34.60 -9.71 -22.12
CA PHE A 486 -33.71 -9.46 -20.98
C PHE A 486 -32.22 -9.56 -21.28
N ALA A 487 -31.77 -10.64 -21.91
CA ALA A 487 -30.36 -10.81 -22.25
C ALA A 487 -29.84 -9.68 -23.15
N CYS A 488 -30.70 -9.20 -24.04
CA CYS A 488 -30.32 -8.15 -24.98
C CYS A 488 -30.21 -6.80 -24.29
N ALA A 489 -31.20 -6.45 -23.48
CA ALA A 489 -31.17 -5.19 -22.74
C ALA A 489 -30.03 -5.20 -21.72
N GLN A 490 -29.76 -6.36 -21.15
CA GLN A 490 -28.66 -6.53 -20.21
C GLN A 490 -27.32 -6.43 -20.93
N LEU A 491 -27.31 -6.80 -22.21
CA LEU A 491 -26.09 -6.75 -23.01
C LEU A 491 -25.81 -5.33 -23.49
N ALA A 492 -26.86 -4.63 -23.92
CA ALA A 492 -26.72 -3.27 -24.43
C ALA A 492 -26.14 -2.35 -23.37
N THR A 493 -26.65 -2.46 -22.14
CA THR A 493 -26.18 -1.65 -21.03
C THR A 493 -24.76 -2.04 -20.63
N GLY A 494 -24.52 -3.34 -20.51
CA GLY A 494 -23.21 -3.84 -20.14
C GLY A 494 -22.14 -3.49 -21.15
N ALA A 495 -22.53 -3.43 -22.42
CA ALA A 495 -21.61 -3.10 -23.49
C ALA A 495 -21.14 -1.66 -23.36
N ALA A 496 -22.09 -0.77 -23.06
CA ALA A 496 -21.79 0.65 -22.90
C ALA A 496 -20.90 0.90 -21.68
N CYS A 497 -21.08 0.08 -20.64
CA CYS A 497 -20.25 0.18 -19.45
C CYS A 497 -18.82 -0.25 -19.74
N ARG A 498 -18.67 -1.25 -20.61
CA ARG A 498 -17.36 -1.70 -21.03
C ARG A 498 -16.61 -0.58 -21.75
N LEU A 499 -17.35 0.20 -22.54
CA LEU A 499 -16.78 1.34 -23.25
C LEU A 499 -16.33 2.41 -22.25
N VAL A 500 -17.11 2.57 -21.19
CA VAL A 500 -16.77 3.52 -20.14
C VAL A 500 -15.45 3.14 -19.47
N GLU A 501 -15.31 1.86 -19.12
CA GLU A 501 -14.10 1.36 -18.50
C GLU A 501 -12.89 1.55 -19.40
N ALA A 502 -13.11 1.45 -20.70
CA ALA A 502 -12.05 1.57 -21.69
C ALA A 502 -11.50 3.00 -21.76
N VAL A 503 -12.38 3.97 -21.93
CA VAL A 503 -12.00 5.37 -22.04
C VAL A 503 -11.35 5.88 -20.75
N LEU A 504 -11.97 5.54 -19.62
CA LEU A 504 -11.52 6.05 -18.32
C LEU A 504 -10.21 5.44 -17.85
N SER A 505 -9.69 4.47 -18.59
CA SER A 505 -8.44 3.80 -18.19
C SER A 505 -7.37 3.87 -19.28
N GLY A 506 -7.58 4.73 -20.26
CA GLY A 506 -6.59 4.96 -21.30
C GLY A 506 -6.49 3.85 -22.32
N GLU A 507 -7.50 2.97 -22.36
CA GLU A 507 -7.54 1.92 -23.37
C GLU A 507 -7.90 2.52 -24.72
N VAL A 508 -8.81 3.49 -24.69
CA VAL A 508 -9.15 4.28 -25.88
C VAL A 508 -9.41 5.73 -25.50
N LEU A 509 -9.48 6.60 -26.50
CA LEU A 509 -9.81 8.00 -26.27
C LEU A 509 -11.33 8.17 -26.29
N ASN A 510 -11.93 7.71 -27.38
CA ASN A 510 -13.37 7.77 -27.55
C ASN A 510 -13.88 6.47 -28.14
N GLY A 511 -15.20 6.35 -28.29
CA GLY A 511 -15.75 5.13 -28.83
C GLY A 511 -17.24 5.15 -29.16
N ALA A 512 -17.69 4.09 -29.83
CA ALA A 512 -19.08 3.96 -30.21
C ALA A 512 -19.63 2.60 -29.79
N ALA A 513 -20.84 2.60 -29.24
CA ALA A 513 -21.49 1.38 -28.77
C ALA A 513 -22.75 1.10 -29.58
N VAL A 514 -22.60 0.36 -30.67
CA VAL A 514 -23.74 -0.01 -31.50
C VAL A 514 -24.57 -1.08 -30.79
N VAL A 515 -25.66 -0.65 -30.16
CA VAL A 515 -26.47 -1.55 -29.34
C VAL A 515 -27.97 -1.41 -29.55
N ARG A 516 -28.71 -2.39 -29.05
CA ARG A 516 -30.17 -2.36 -29.03
C ARG A 516 -30.65 -3.36 -27.98
N PRO A 517 -31.80 -3.12 -27.34
CA PRO A 517 -32.78 -2.02 -27.52
C PRO A 517 -32.25 -0.66 -27.05
N PRO A 518 -32.96 0.43 -27.41
CA PRO A 518 -32.64 1.76 -26.88
C PRO A 518 -32.89 1.83 -25.38
N GLY A 519 -32.46 2.92 -24.74
CA GLY A 519 -32.59 3.01 -23.29
C GLY A 519 -33.02 4.33 -22.68
N HIS A 520 -32.94 5.42 -23.44
CA HIS A 520 -33.14 6.74 -22.87
C HIS A 520 -34.58 7.03 -22.44
N HIS A 521 -35.50 6.11 -22.75
CA HIS A 521 -36.89 6.25 -22.32
C HIS A 521 -37.20 5.44 -21.07
N ALA A 522 -36.34 4.48 -20.77
CA ALA A 522 -36.55 3.58 -19.64
C ALA A 522 -36.56 4.32 -18.31
N GLU A 523 -37.64 4.17 -17.56
CA GLU A 523 -37.73 4.78 -16.23
C GLU A 523 -37.11 3.88 -15.18
N GLN A 524 -37.23 4.28 -13.92
CA GLN A 524 -36.64 3.52 -12.82
C GLN A 524 -37.40 2.21 -12.61
N ASP A 525 -38.71 2.23 -12.81
CA ASP A 525 -39.55 1.06 -12.58
C ASP A 525 -40.52 0.77 -13.71
N ALA A 526 -40.20 1.24 -14.91
CA ALA A 526 -41.11 1.07 -16.04
C ALA A 526 -40.39 1.10 -17.38
N ALA A 527 -40.80 0.21 -18.27
CA ALA A 527 -40.35 0.23 -19.66
C ALA A 527 -41.17 1.25 -20.43
N CYS A 528 -40.57 1.84 -21.46
CA CYS A 528 -41.24 2.86 -22.26
C CYS A 528 -40.47 3.10 -23.55
N GLY A 529 -41.20 3.36 -24.63
CA GLY A 529 -40.60 3.73 -25.91
C GLY A 529 -39.49 2.82 -26.39
N PHE A 530 -39.77 1.52 -26.42
CA PHE A 530 -38.85 0.49 -26.90
C PHE A 530 -37.65 0.33 -25.97
N CYS A 531 -37.74 0.85 -24.76
CA CYS A 531 -36.60 0.82 -23.83
C CYS A 531 -36.87 0.01 -22.58
N PHE A 532 -35.81 -0.56 -22.01
CA PHE A 532 -35.93 -1.40 -20.83
C PHE A 532 -34.96 -0.96 -19.73
N PHE A 533 -33.68 -0.91 -20.08
CA PHE A 533 -32.66 -0.44 -19.15
C PHE A 533 -31.92 0.75 -19.77
N ASN A 534 -31.93 1.88 -19.07
CA ASN A 534 -31.28 3.08 -19.58
C ASN A 534 -29.77 2.91 -19.60
N SER A 535 -29.25 2.46 -20.74
CA SER A 535 -27.84 2.16 -20.88
C SER A 535 -26.95 3.38 -20.68
N VAL A 536 -27.36 4.52 -21.25
CA VAL A 536 -26.60 5.76 -21.11
C VAL A 536 -26.52 6.20 -19.65
N ALA A 537 -27.64 6.14 -18.94
CA ALA A 537 -27.69 6.56 -17.54
C ALA A 537 -26.86 5.66 -16.64
N VAL A 538 -26.98 4.35 -16.83
CA VAL A 538 -26.20 3.38 -16.06
C VAL A 538 -24.71 3.60 -16.30
N ALA A 539 -24.35 3.82 -17.57
CA ALA A 539 -22.96 4.09 -17.94
C ALA A 539 -22.45 5.35 -17.25
N ALA A 540 -23.32 6.35 -17.13
CA ALA A 540 -22.97 7.59 -16.46
C ALA A 540 -22.65 7.35 -14.99
N ARG A 541 -23.56 6.66 -14.31
CA ARG A 541 -23.38 6.37 -12.89
C ARG A 541 -22.21 5.42 -12.68
N HIS A 542 -22.06 4.47 -13.59
CA HIS A 542 -20.95 3.52 -13.52
C HIS A 542 -19.61 4.25 -13.58
N ALA A 543 -19.51 5.22 -14.48
CA ALA A 543 -18.30 6.01 -14.65
C ALA A 543 -17.88 6.69 -13.36
N GLN A 544 -18.86 7.09 -12.55
CA GLN A 544 -18.61 7.81 -11.32
C GLN A 544 -18.13 6.89 -10.20
N THR A 545 -18.46 5.61 -10.29
CA THR A 545 -18.07 4.65 -9.27
C THR A 545 -16.62 4.21 -9.45
N ILE A 546 -16.22 3.93 -10.69
CA ILE A 546 -14.86 3.48 -10.96
C ILE A 546 -13.85 4.62 -10.77
N SER A 547 -14.34 5.86 -10.75
CA SER A 547 -13.49 7.00 -10.47
C SER A 547 -13.52 7.33 -8.98
N GLY A 548 -14.60 6.91 -8.31
CA GLY A 548 -14.69 7.02 -6.87
C GLY A 548 -15.23 8.34 -6.35
N HIS A 549 -15.81 9.14 -7.24
CA HIS A 549 -16.39 10.42 -6.84
C HIS A 549 -17.36 10.93 -7.90
N ALA A 550 -18.04 12.03 -7.59
CA ALA A 550 -19.06 12.58 -8.48
C ALA A 550 -18.45 13.23 -9.71
N LEU A 551 -18.03 12.40 -10.65
CA LEU A 551 -17.41 12.86 -11.87
C LEU A 551 -18.39 13.69 -12.68
N ARG A 552 -17.90 14.78 -13.27
CA ARG A 552 -18.74 15.63 -14.09
C ARG A 552 -19.00 15.00 -15.44
N ILE A 553 -20.27 14.71 -15.72
CA ILE A 553 -20.65 14.03 -16.96
C ILE A 553 -21.59 14.88 -17.79
N LEU A 554 -21.31 14.98 -19.10
CA LEU A 554 -22.23 15.63 -20.03
C LEU A 554 -22.98 14.60 -20.85
N ILE A 555 -24.30 14.72 -20.87
CA ILE A 555 -25.13 13.86 -21.70
C ILE A 555 -25.87 14.67 -22.77
N VAL A 556 -25.51 14.46 -24.03
CA VAL A 556 -26.20 15.08 -25.14
C VAL A 556 -27.14 14.08 -25.81
N ASP A 557 -28.43 14.39 -25.76
CA ASP A 557 -29.46 13.52 -26.31
C ASP A 557 -29.98 14.14 -27.60
N TRP A 558 -29.38 13.78 -28.74
CA TRP A 558 -29.80 14.38 -30.01
C TRP A 558 -30.76 13.46 -30.76
N ASP A 559 -31.30 12.47 -30.05
CA ASP A 559 -32.40 11.66 -30.57
C ASP A 559 -33.59 12.58 -30.82
N VAL A 560 -34.46 12.20 -31.75
CA VAL A 560 -35.57 13.07 -32.12
C VAL A 560 -36.65 13.06 -31.03
N HIS A 561 -36.58 12.07 -30.15
CA HIS A 561 -37.51 11.97 -29.02
C HIS A 561 -36.84 12.42 -27.74
N HIS A 562 -37.63 12.98 -26.82
CA HIS A 562 -37.10 13.42 -25.53
C HIS A 562 -36.82 12.24 -24.60
N GLY A 563 -35.61 12.20 -24.07
CA GLY A 563 -35.24 11.15 -23.14
C GLY A 563 -35.77 11.39 -21.75
N ASN A 564 -37.07 11.16 -21.57
CA ASN A 564 -37.74 11.38 -20.30
C ASN A 564 -37.11 10.57 -19.17
N GLY A 565 -36.71 9.34 -19.47
CA GLY A 565 -36.10 8.47 -18.49
C GLY A 565 -34.78 9.01 -17.97
N THR A 566 -33.94 9.50 -18.88
CA THR A 566 -32.62 10.00 -18.51
C THR A 566 -32.74 11.28 -17.67
N GLN A 567 -33.62 12.17 -18.10
CA GLN A 567 -33.82 13.45 -17.41
C GLN A 567 -34.26 13.26 -15.97
N HIS A 568 -35.24 12.37 -15.76
CA HIS A 568 -35.76 12.09 -14.42
C HIS A 568 -34.70 11.45 -13.53
N MET A 569 -33.82 10.69 -14.14
CA MET A 569 -32.80 9.94 -13.41
C MET A 569 -31.73 10.85 -12.82
N PHE A 570 -31.51 12.00 -13.46
CA PHE A 570 -30.54 12.97 -12.98
C PHE A 570 -31.15 14.36 -12.79
N GLU A 571 -32.44 14.39 -12.47
CA GLU A 571 -33.17 15.66 -12.37
C GLU A 571 -32.64 16.57 -11.26
N ASP A 572 -32.09 15.97 -10.20
CA ASP A 572 -31.61 16.74 -9.06
C ASP A 572 -30.08 16.68 -8.94
N ASP A 573 -29.45 15.99 -9.88
CA ASP A 573 -28.00 15.79 -9.85
C ASP A 573 -27.29 16.89 -10.64
N PRO A 574 -26.48 17.71 -9.96
CA PRO A 574 -25.71 18.76 -10.62
C PRO A 574 -24.36 18.28 -11.16
N SER A 575 -24.08 16.99 -10.99
CA SER A 575 -22.84 16.42 -11.50
C SER A 575 -23.03 15.86 -12.91
N VAL A 576 -24.29 15.73 -13.31
CA VAL A 576 -24.60 15.24 -14.65
C VAL A 576 -25.46 16.26 -15.41
N LEU A 577 -24.84 16.96 -16.35
CA LEU A 577 -25.54 17.93 -17.18
C LEU A 577 -26.22 17.23 -18.36
N TYR A 578 -27.54 17.25 -18.36
CA TYR A 578 -28.31 16.58 -19.39
C TYR A 578 -28.88 17.57 -20.40
N VAL A 579 -28.52 17.39 -21.66
CA VAL A 579 -28.98 18.25 -22.74
C VAL A 579 -29.75 17.44 -23.78
N SER A 580 -30.93 17.93 -24.17
CA SER A 580 -31.77 17.20 -25.11
C SER A 580 -32.47 18.14 -26.11
N LEU A 581 -32.40 17.75 -27.38
CA LEU A 581 -33.11 18.44 -28.44
C LEU A 581 -34.08 17.47 -29.09
N HIS A 582 -35.33 17.87 -29.28
CA HIS A 582 -36.36 16.93 -29.69
C HIS A 582 -37.62 17.59 -30.24
N ARG A 583 -38.39 16.83 -31.02
CA ARG A 583 -39.71 17.26 -31.44
C ARG A 583 -40.61 17.39 -30.22
N TYR A 584 -41.26 18.55 -30.09
CA TYR A 584 -42.13 18.82 -28.96
C TYR A 584 -43.59 18.85 -29.40
N ASP A 585 -43.85 19.65 -30.44
CA ASP A 585 -45.19 19.81 -31.01
C ASP A 585 -46.23 20.17 -29.95
N HIS A 586 -45.85 21.09 -29.06
CA HIS A 586 -46.69 21.51 -27.94
C HIS A 586 -47.14 20.32 -27.09
N GLY A 587 -46.19 19.42 -26.80
CA GLY A 587 -46.44 18.30 -25.91
C GLY A 587 -47.20 17.15 -26.55
N THR A 588 -47.20 17.10 -27.88
CA THR A 588 -47.94 16.08 -28.61
C THR A 588 -47.05 14.95 -29.11
N PHE A 589 -45.82 15.29 -29.50
CA PHE A 589 -44.84 14.30 -29.96
C PHE A 589 -44.45 13.40 -28.78
N PHE A 590 -44.26 12.12 -29.08
CA PHE A 590 -43.85 11.13 -28.08
C PHE A 590 -42.58 11.57 -27.37
N PRO A 591 -42.46 11.36 -26.05
CA PRO A 591 -43.37 10.65 -25.14
C PRO A 591 -44.51 11.49 -24.56
N MET A 592 -44.99 12.47 -25.33
CA MET A 592 -46.32 13.02 -25.13
C MET A 592 -46.53 13.94 -23.93
N GLY A 593 -45.50 14.12 -23.10
CA GLY A 593 -45.65 14.90 -21.90
C GLY A 593 -45.29 16.37 -22.05
N ASP A 594 -45.34 17.08 -20.94
CA ASP A 594 -44.76 18.42 -20.85
C ASP A 594 -43.40 18.31 -20.17
N GLU A 595 -42.95 17.07 -19.97
CA GLU A 595 -41.68 16.81 -19.30
C GLU A 595 -40.50 17.21 -20.18
N GLY A 596 -40.74 17.37 -21.46
CA GLY A 596 -39.70 17.75 -22.41
C GLY A 596 -39.79 19.21 -22.80
N ALA A 597 -40.57 19.97 -22.04
CA ALA A 597 -40.75 21.40 -22.32
C ALA A 597 -39.47 22.18 -21.98
N SER A 598 -39.33 23.34 -22.62
CA SER A 598 -38.14 24.17 -22.41
C SER A 598 -38.07 24.75 -21.00
N SER A 599 -39.23 24.87 -20.35
CA SER A 599 -39.30 25.44 -19.01
C SER A 599 -38.90 24.43 -17.94
N GLN A 600 -38.69 23.18 -18.36
CA GLN A 600 -38.25 22.13 -17.45
C GLN A 600 -36.74 22.21 -17.25
N ILE A 601 -36.33 22.77 -16.12
CA ILE A 601 -34.92 23.05 -15.85
C ILE A 601 -34.37 22.18 -14.72
N GLY A 602 -35.07 21.09 -14.41
CA GLY A 602 -34.68 20.25 -13.29
C GLY A 602 -35.09 20.91 -11.98
N ARG A 603 -34.82 20.24 -10.86
CA ARG A 603 -35.22 20.77 -9.56
C ARG A 603 -34.06 20.75 -8.56
N ALA A 604 -34.28 21.37 -7.40
CA ALA A 604 -33.32 21.39 -6.30
C ALA A 604 -31.96 21.95 -6.71
N ALA A 605 -30.90 21.26 -6.29
CA ALA A 605 -29.53 21.69 -6.59
C ALA A 605 -29.13 21.33 -8.02
N GLY A 606 -30.05 20.72 -8.76
CA GLY A 606 -29.80 20.36 -10.14
C GLY A 606 -30.49 21.31 -11.09
N THR A 607 -30.99 22.42 -10.56
CA THR A 607 -31.65 23.43 -11.36
C THR A 607 -30.64 24.11 -12.29
N GLY A 608 -30.89 24.05 -13.59
CA GLY A 608 -29.99 24.60 -14.57
C GLY A 608 -29.16 23.51 -15.23
N PHE A 609 -29.35 22.28 -14.79
CA PHE A 609 -28.63 21.15 -15.34
C PHE A 609 -29.53 20.24 -16.17
N THR A 610 -30.73 20.73 -16.46
CA THR A 610 -31.64 20.07 -17.39
C THR A 610 -32.01 21.06 -18.50
N VAL A 611 -31.49 20.80 -19.70
CA VAL A 611 -31.66 21.72 -20.82
C VAL A 611 -32.46 21.09 -21.96
N ASN A 612 -33.64 21.64 -22.21
CA ASN A 612 -34.53 21.10 -23.24
C ASN A 612 -34.79 22.08 -24.39
N VAL A 613 -34.17 21.82 -25.53
CA VAL A 613 -34.48 22.54 -26.76
C VAL A 613 -35.63 21.83 -27.46
N ALA A 614 -36.79 22.48 -27.48
CA ALA A 614 -38.03 21.84 -27.94
C ALA A 614 -38.49 22.36 -29.30
N TRP A 615 -38.49 21.50 -30.31
CA TRP A 615 -38.91 21.90 -31.66
C TRP A 615 -40.43 21.92 -31.79
N ASN A 616 -40.95 22.90 -32.51
CA ASN A 616 -42.35 22.92 -32.91
C ASN A 616 -42.47 22.82 -34.42
N GLY A 617 -42.86 21.64 -34.90
CA GLY A 617 -42.96 21.41 -36.33
C GLY A 617 -41.85 20.50 -36.82
N PRO A 618 -41.99 19.97 -38.04
CA PRO A 618 -41.03 19.04 -38.63
C PRO A 618 -39.87 19.73 -39.36
N ARG A 619 -39.23 18.98 -40.25
CA ARG A 619 -38.15 19.43 -41.15
C ARG A 619 -37.01 20.24 -40.50
N MET A 620 -36.71 19.98 -39.23
CA MET A 620 -35.50 20.53 -38.62
C MET A 620 -34.28 19.87 -39.23
N GLY A 621 -33.30 20.67 -39.65
CA GLY A 621 -32.14 20.14 -40.36
C GLY A 621 -30.77 20.52 -39.82
N ASP A 622 -29.78 20.54 -40.69
CA ASP A 622 -28.40 20.80 -40.32
C ASP A 622 -28.21 22.20 -39.73
N ALA A 623 -28.66 23.21 -40.48
CA ALA A 623 -28.51 24.60 -40.08
C ALA A 623 -29.22 24.89 -38.76
N ASP A 624 -30.29 24.16 -38.51
CA ASP A 624 -31.05 24.30 -37.27
C ASP A 624 -30.23 23.79 -36.09
N TYR A 625 -29.73 22.56 -36.21
CA TYR A 625 -28.99 21.92 -35.13
C TYR A 625 -27.64 22.58 -34.87
N LEU A 626 -27.02 23.12 -35.93
CA LEU A 626 -25.74 23.81 -35.78
C LEU A 626 -25.92 25.15 -35.07
N ALA A 627 -27.08 25.76 -35.27
CA ALA A 627 -27.41 27.00 -34.58
C ALA A 627 -27.51 26.76 -33.07
N ALA A 628 -28.19 25.69 -32.68
CA ALA A 628 -28.32 25.34 -31.27
C ALA A 628 -26.97 25.00 -30.66
N TRP A 629 -26.12 24.36 -31.45
CA TRP A 629 -24.79 23.97 -30.99
C TRP A 629 -23.94 25.19 -30.63
N HIS A 630 -23.95 26.20 -31.49
CA HIS A 630 -23.11 27.38 -31.29
C HIS A 630 -23.72 28.38 -30.31
N ARG A 631 -25.04 28.43 -30.24
CA ARG A 631 -25.73 29.42 -29.42
C ARG A 631 -26.07 28.94 -28.02
N LEU A 632 -26.05 27.62 -27.81
CA LEU A 632 -26.53 27.07 -26.54
C LEU A 632 -25.65 25.96 -25.98
N VAL A 633 -25.58 24.85 -26.71
CA VAL A 633 -24.95 23.63 -26.21
C VAL A 633 -23.47 23.81 -25.87
N LEU A 634 -22.68 24.23 -26.84
CA LEU A 634 -21.25 24.42 -26.63
C LEU A 634 -20.91 25.47 -25.55
N PRO A 635 -21.60 26.63 -25.54
CA PRO A 635 -21.30 27.57 -24.45
C PRO A 635 -21.57 26.98 -23.06
N ILE A 636 -22.72 26.36 -22.88
CA ILE A 636 -23.08 25.73 -21.61
C ILE A 636 -22.14 24.58 -21.28
N ALA A 637 -21.83 23.76 -22.29
CA ALA A 637 -20.98 22.59 -22.09
C ALA A 637 -19.58 22.97 -21.64
N TYR A 638 -19.01 24.01 -22.26
CA TYR A 638 -17.66 24.44 -21.92
C TYR A 638 -17.59 25.06 -20.53
N GLU A 639 -18.62 25.80 -20.16
CA GLU A 639 -18.70 26.38 -18.82
C GLU A 639 -18.85 25.26 -17.78
N PHE A 640 -19.61 24.23 -18.14
CA PHE A 640 -19.77 23.08 -17.26
C PHE A 640 -18.47 22.30 -17.15
N ASN A 641 -17.71 22.25 -18.24
CA ASN A 641 -16.43 21.56 -18.30
C ASN A 641 -16.53 20.11 -17.85
N PRO A 642 -17.13 19.26 -18.69
CA PRO A 642 -17.29 17.85 -18.34
C PRO A 642 -15.97 17.10 -18.40
N GLU A 643 -15.87 15.99 -17.67
CA GLU A 643 -14.66 15.17 -17.69
C GLU A 643 -14.95 13.87 -18.43
N LEU A 644 -16.17 13.76 -18.95
CA LEU A 644 -16.58 12.66 -19.80
C LEU A 644 -17.86 13.04 -20.54
N VAL A 645 -17.93 12.70 -21.82
CA VAL A 645 -19.10 13.03 -22.62
C VAL A 645 -19.82 11.78 -23.12
N LEU A 646 -21.09 11.66 -22.77
CA LEU A 646 -21.92 10.57 -23.25
C LEU A 646 -23.01 11.13 -24.16
N VAL A 647 -23.24 10.45 -25.28
CA VAL A 647 -24.25 10.93 -26.23
C VAL A 647 -25.32 9.88 -26.48
N SER A 648 -26.57 10.22 -26.18
CA SER A 648 -27.68 9.41 -26.63
C SER A 648 -27.80 9.57 -28.13
N ALA A 649 -27.03 8.78 -28.86
CA ALA A 649 -26.89 8.96 -30.30
C ALA A 649 -27.94 8.19 -31.11
N GLY A 650 -29.19 8.63 -30.99
CA GLY A 650 -30.25 8.11 -31.84
C GLY A 650 -30.26 8.87 -33.15
N PHE A 651 -30.52 8.16 -34.24
CA PHE A 651 -30.49 8.78 -35.57
C PHE A 651 -31.86 8.79 -36.23
N ASP A 652 -32.91 9.07 -35.45
CA ASP A 652 -34.25 9.19 -35.99
C ASP A 652 -34.60 10.65 -36.26
N ALA A 653 -33.63 11.53 -36.05
CA ALA A 653 -33.77 12.93 -36.45
C ALA A 653 -33.09 13.11 -37.80
N ALA A 654 -32.66 12.00 -38.39
CA ALA A 654 -31.91 12.01 -39.64
C ALA A 654 -32.83 12.18 -40.85
N ARG A 655 -32.22 12.50 -41.98
CA ARG A 655 -32.95 12.65 -43.24
C ARG A 655 -33.47 11.29 -43.71
N GLY A 656 -34.72 11.27 -44.15
CA GLY A 656 -35.32 10.06 -44.68
C GLY A 656 -35.86 9.11 -43.61
N ASP A 657 -35.82 9.55 -42.35
CA ASP A 657 -36.39 8.77 -41.27
C ASP A 657 -37.91 8.86 -41.32
N PRO A 658 -38.59 7.71 -41.13
CA PRO A 658 -40.06 7.67 -41.25
C PRO A 658 -40.80 8.20 -40.04
N LEU A 659 -40.13 8.35 -38.91
CA LEU A 659 -40.81 8.75 -37.68
C LEU A 659 -40.56 10.20 -37.28
N GLY A 660 -39.33 10.66 -37.48
CA GLY A 660 -38.88 11.96 -36.97
C GLY A 660 -39.29 13.20 -37.74
N GLY A 661 -39.36 13.08 -39.06
CA GLY A 661 -39.78 14.20 -39.89
C GLY A 661 -38.75 15.31 -39.91
N CYS A 662 -37.49 14.93 -39.73
CA CYS A 662 -36.40 15.88 -39.76
C CYS A 662 -35.44 15.55 -40.88
N GLN A 663 -34.52 16.45 -41.17
CA GLN A 663 -33.66 16.27 -42.33
C GLN A 663 -32.19 16.54 -42.03
N VAL A 664 -31.67 15.92 -40.98
CA VAL A 664 -30.26 16.08 -40.63
C VAL A 664 -29.42 15.15 -41.48
N SER A 665 -28.41 15.70 -42.13
CA SER A 665 -27.55 14.93 -43.03
C SER A 665 -26.47 14.17 -42.25
N PRO A 666 -25.93 13.09 -42.85
CA PRO A 666 -24.78 12.41 -42.24
C PRO A 666 -23.60 13.35 -42.07
N GLU A 667 -23.44 14.29 -43.00
CA GLU A 667 -22.39 15.30 -42.92
C GLU A 667 -22.62 16.19 -41.71
N GLY A 668 -23.90 16.42 -41.40
CA GLY A 668 -24.27 17.23 -40.25
C GLY A 668 -23.92 16.56 -38.94
N TYR A 669 -24.22 15.26 -38.83
CA TYR A 669 -23.91 14.50 -37.64
C TYR A 669 -22.41 14.46 -37.38
N ALA A 670 -21.63 14.42 -38.45
CA ALA A 670 -20.18 14.39 -38.35
C ALA A 670 -19.67 15.69 -37.74
N HIS A 671 -20.29 16.80 -38.10
CA HIS A 671 -19.91 18.10 -37.56
C HIS A 671 -20.29 18.25 -36.10
N LEU A 672 -21.50 17.81 -35.76
CA LEU A 672 -21.96 17.84 -34.38
C LEU A 672 -21.07 16.99 -33.50
N THR A 673 -20.64 15.85 -34.03
CA THR A 673 -19.75 14.95 -33.31
C THR A 673 -18.37 15.59 -33.13
N HIS A 674 -17.81 16.06 -34.24
CA HIS A 674 -16.48 16.67 -34.24
C HIS A 674 -16.40 17.91 -33.34
N LEU A 675 -17.52 18.62 -33.21
CA LEU A 675 -17.56 19.81 -32.37
C LEU A 675 -17.52 19.47 -30.88
N LEU A 676 -18.08 18.32 -30.52
CA LEU A 676 -18.14 17.92 -29.12
C LEU A 676 -16.83 17.29 -28.64
N MET A 677 -15.90 17.08 -29.56
CA MET A 677 -14.64 16.43 -29.23
C MET A 677 -13.68 17.39 -28.55
N GLY A 678 -14.03 18.67 -28.54
CA GLY A 678 -13.24 19.66 -27.85
C GLY A 678 -13.51 19.66 -26.36
N LEU A 679 -14.45 18.81 -25.94
CA LEU A 679 -14.83 18.70 -24.55
C LEU A 679 -14.20 17.47 -23.88
N ALA A 680 -13.95 17.57 -22.58
CA ALA A 680 -13.43 16.47 -21.77
C ALA A 680 -12.16 15.86 -22.36
N SER A 681 -11.31 16.70 -22.94
CA SER A 681 -10.07 16.29 -23.59
C SER A 681 -10.29 15.23 -24.67
N GLY A 682 -11.50 15.17 -25.20
CA GLY A 682 -11.81 14.25 -26.29
C GLY A 682 -12.42 12.94 -25.85
N ARG A 683 -12.83 12.87 -24.58
CA ARG A 683 -13.44 11.65 -24.05
C ARG A 683 -14.94 11.61 -24.34
N ILE A 684 -15.31 11.01 -25.46
CA ILE A 684 -16.72 10.87 -25.82
C ILE A 684 -17.11 9.42 -26.03
N ILE A 685 -18.37 9.11 -25.74
CA ILE A 685 -18.92 7.79 -25.99
C ILE A 685 -20.29 7.91 -26.62
N LEU A 686 -20.40 7.53 -27.90
CA LEU A 686 -21.67 7.56 -28.60
C LEU A 686 -22.40 6.23 -28.42
N ILE A 687 -23.53 6.25 -27.73
CA ILE A 687 -24.34 5.06 -27.52
C ILE A 687 -25.64 5.17 -28.31
N LEU A 688 -25.92 4.16 -29.12
CA LEU A 688 -27.05 4.22 -30.04
C LEU A 688 -28.39 4.17 -29.32
N GLU A 689 -29.33 4.98 -29.79
CA GLU A 689 -30.69 4.98 -29.26
C GLU A 689 -31.69 4.65 -30.37
N GLY A 690 -32.35 5.68 -30.89
CA GLY A 690 -33.32 5.50 -31.95
C GLY A 690 -32.71 5.56 -33.33
N GLY A 691 -33.57 5.67 -34.35
CA GLY A 691 -33.14 5.64 -35.73
C GLY A 691 -33.67 4.40 -36.42
N TYR A 692 -34.49 4.58 -37.46
CA TYR A 692 -35.25 3.47 -38.00
C TYR A 692 -35.21 3.37 -39.52
N ASN A 693 -34.40 4.20 -40.16
CA ASN A 693 -34.10 4.04 -41.58
C ASN A 693 -32.72 3.43 -41.71
N LEU A 694 -32.67 2.16 -42.13
CA LEU A 694 -31.44 1.37 -42.11
C LEU A 694 -30.30 2.05 -42.86
N THR A 695 -30.61 2.68 -43.99
CA THR A 695 -29.59 3.37 -44.78
C THR A 695 -29.20 4.69 -44.10
N SER A 696 -30.18 5.37 -43.52
CA SER A 696 -29.94 6.66 -42.88
C SER A 696 -29.11 6.54 -41.60
N ILE A 697 -29.36 5.49 -40.83
CA ILE A 697 -28.67 5.34 -39.55
C ILE A 697 -27.26 4.77 -39.71
N SER A 698 -27.07 3.94 -40.72
CA SER A 698 -25.76 3.33 -40.95
C SER A 698 -24.84 4.34 -41.60
N GLU A 699 -25.42 5.23 -42.40
CA GLU A 699 -24.64 6.29 -43.04
C GLU A 699 -24.24 7.33 -42.01
N SER A 700 -25.19 7.71 -41.16
CA SER A 700 -24.95 8.70 -40.12
C SER A 700 -23.93 8.20 -39.09
N MET A 701 -24.04 6.93 -38.74
CA MET A 701 -23.14 6.34 -37.75
C MET A 701 -21.73 6.23 -38.32
N ALA A 702 -21.63 5.98 -39.61
CA ALA A 702 -20.34 5.90 -40.29
C ALA A 702 -19.68 7.27 -40.32
N ALA A 703 -20.46 8.30 -40.66
CA ALA A 703 -19.97 9.66 -40.69
C ALA A 703 -19.50 10.12 -39.32
N CYS A 704 -20.16 9.63 -38.28
CA CYS A 704 -19.79 9.94 -36.90
C CYS A 704 -18.49 9.26 -36.52
N THR A 705 -18.36 7.99 -36.89
CA THR A 705 -17.18 7.20 -36.57
C THR A 705 -15.95 7.79 -37.26
N ARG A 706 -16.14 8.30 -38.47
CA ARG A 706 -15.07 9.01 -39.17
C ARG A 706 -14.57 10.18 -38.34
N SER A 707 -15.49 10.98 -37.83
CA SER A 707 -15.14 12.14 -37.01
C SER A 707 -14.42 11.73 -35.74
N LEU A 708 -14.84 10.62 -35.15
CA LEU A 708 -14.19 10.10 -33.94
C LEU A 708 -12.75 9.68 -34.20
N LEU A 709 -12.48 9.24 -35.43
CA LEU A 709 -11.17 8.72 -35.79
C LEU A 709 -10.19 9.80 -36.22
N GLY A 710 -10.57 11.06 -36.02
CA GLY A 710 -9.68 12.16 -36.33
C GLY A 710 -9.81 12.68 -37.74
N ASP A 711 -10.57 11.97 -38.57
CA ASP A 711 -10.83 12.41 -39.94
C ASP A 711 -11.49 13.78 -39.95
N PRO A 712 -11.11 14.64 -40.92
CA PRO A 712 -11.62 16.00 -41.00
C PRO A 712 -13.07 16.07 -41.45
N PRO A 713 -13.88 16.93 -40.82
CA PRO A 713 -15.30 17.08 -41.16
C PRO A 713 -15.51 17.52 -42.60
N PRO A 714 -16.44 16.86 -43.32
CA PRO A 714 -16.77 17.19 -44.71
C PRO A 714 -17.38 18.59 -44.86
N LEU A 715 -17.59 19.02 -46.10
CA LEU A 715 -18.20 20.32 -46.36
C LEU A 715 -19.72 20.24 -46.25
N LEU A 716 -20.37 21.37 -45.98
CA LEU A 716 -21.82 21.37 -45.77
C LEU A 716 -22.58 22.31 -46.69
N THR A 717 -23.87 22.51 -46.37
CA THR A 717 -24.77 23.27 -47.22
C THR A 717 -25.39 24.46 -46.48
N ARG A 720 -30.06 26.97 -47.54
CA ARG A 720 -30.31 26.18 -46.33
C ARG A 720 -30.06 27.01 -45.07
N PRO A 721 -30.90 28.03 -44.83
CA PRO A 721 -30.76 28.84 -43.61
C PRO A 721 -31.49 28.22 -42.42
N PRO A 722 -31.16 28.66 -41.19
CA PRO A 722 -31.87 28.17 -40.00
C PRO A 722 -33.37 28.49 -40.05
N LEU A 723 -34.21 27.54 -39.68
CA LEU A 723 -35.65 27.78 -39.60
C LEU A 723 -35.95 28.83 -38.53
N SER A 724 -36.97 29.64 -38.75
CA SER A 724 -37.32 30.70 -37.81
C SER A 724 -37.89 30.13 -36.52
N GLY A 725 -38.84 29.21 -36.66
CA GLY A 725 -39.45 28.55 -35.52
C GLY A 725 -38.43 27.80 -34.68
N ALA A 726 -37.39 27.30 -35.33
CA ALA A 726 -36.31 26.62 -34.64
C ALA A 726 -35.48 27.61 -33.82
N LEU A 727 -35.17 28.76 -34.43
CA LEU A 727 -34.43 29.81 -33.75
C LEU A 727 -35.24 30.37 -32.58
N ALA A 728 -36.55 30.42 -32.76
CA ALA A 728 -37.46 30.80 -31.68
C ALA A 728 -37.34 29.80 -30.55
N SER A 729 -37.35 28.51 -30.90
CA SER A 729 -37.22 27.44 -29.94
C SER A 729 -35.89 27.50 -29.19
N ILE A 730 -34.81 27.76 -29.93
CA ILE A 730 -33.47 27.80 -29.34
C ILE A 730 -33.34 28.89 -28.29
N THR A 731 -33.51 30.15 -28.70
CA THR A 731 -33.37 31.29 -27.79
C THR A 731 -34.37 31.22 -26.63
N GLU A 732 -35.44 30.47 -26.83
CA GLU A 732 -36.48 30.32 -25.82
C GLU A 732 -35.96 29.62 -24.58
N THR A 733 -35.03 28.69 -24.76
CA THR A 733 -34.53 27.91 -23.63
C THR A 733 -33.24 28.49 -23.07
N ILE A 734 -32.58 29.36 -23.83
CA ILE A 734 -31.42 30.06 -23.27
C ILE A 734 -31.90 31.16 -22.32
N GLN A 735 -33.11 31.67 -22.56
CA GLN A 735 -33.70 32.66 -21.68
C GLN A 735 -33.88 32.10 -20.29
N VAL A 736 -34.41 30.88 -20.22
CA VAL A 736 -34.68 30.23 -18.95
C VAL A 736 -33.38 29.79 -18.28
N HIS A 737 -32.31 29.70 -19.06
CA HIS A 737 -31.04 29.23 -18.55
C HIS A 737 -30.03 30.35 -18.41
N ARG A 738 -30.39 31.56 -18.83
CA ARG A 738 -29.46 32.67 -18.84
C ARG A 738 -29.08 33.09 -17.42
N ARG A 739 -29.91 32.72 -16.44
CA ARG A 739 -29.65 33.08 -15.05
C ARG A 739 -28.88 31.99 -14.31
N TYR A 740 -28.49 30.95 -15.04
CA TYR A 740 -27.77 29.82 -14.44
C TYR A 740 -26.50 29.51 -15.21
N TRP A 741 -26.26 30.26 -16.28
CA TRP A 741 -25.08 30.05 -17.12
C TRP A 741 -24.52 31.38 -17.60
N ARG A 742 -23.27 31.66 -17.25
CA ARG A 742 -22.65 32.93 -17.58
C ARG A 742 -22.23 33.02 -19.05
N SER A 743 -22.14 31.87 -19.70
CA SER A 743 -21.80 31.83 -21.12
C SER A 743 -22.98 32.21 -21.99
N LEU A 744 -24.14 32.38 -21.36
CA LEU A 744 -25.36 32.73 -22.08
C LEU A 744 -25.72 34.20 -21.89
N ARG A 745 -25.09 34.84 -20.90
CA ARG A 745 -25.37 36.23 -20.57
C ARG A 745 -25.07 37.17 -21.75
N LYS B 24 16.96 -46.04 12.91
CA LYS B 24 15.82 -45.53 13.66
C LYS B 24 15.53 -44.07 13.33
N LEU B 25 14.31 -43.80 12.89
CA LEU B 25 13.91 -42.43 12.54
C LEU B 25 12.93 -41.84 13.55
N VAL B 26 13.20 -40.61 13.99
CA VAL B 26 12.28 -39.88 14.86
C VAL B 26 11.86 -38.58 14.21
N ILE B 27 10.55 -38.39 14.06
CA ILE B 27 9.99 -37.26 13.33
C ILE B 27 9.15 -36.33 14.20
N TRP B 28 9.26 -35.03 13.96
CA TRP B 28 8.42 -34.05 14.65
C TRP B 28 7.45 -33.37 13.68
N ILE B 29 6.23 -33.16 14.14
CA ILE B 29 5.16 -32.59 13.32
C ILE B 29 4.29 -31.71 14.21
N ASN B 30 3.65 -30.70 13.65
CA ASN B 30 2.84 -29.79 14.47
C ASN B 30 1.55 -30.45 14.95
N GLY B 31 1.01 -29.93 16.05
CA GLY B 31 -0.16 -30.51 16.69
C GLY B 31 -1.41 -30.55 15.82
N ASP B 32 -1.75 -29.43 15.22
CA ASP B 32 -2.96 -29.32 14.41
C ASP B 32 -2.89 -30.13 13.12
N LYS B 33 -1.67 -30.46 12.70
CA LYS B 33 -1.46 -31.30 11.53
C LYS B 33 -1.82 -32.76 11.85
N GLY B 34 -2.03 -33.57 10.82
CA GLY B 34 -2.43 -34.95 11.02
C GLY B 34 -1.27 -35.91 11.17
N TYR B 35 -0.80 -36.08 12.40
CA TYR B 35 0.36 -36.94 12.68
C TYR B 35 0.01 -38.42 12.66
N ASN B 36 -1.24 -38.74 12.98
CA ASN B 36 -1.70 -40.12 12.99
C ASN B 36 -1.56 -40.76 11.61
N GLY B 37 -1.78 -39.94 10.58
CA GLY B 37 -1.55 -40.38 9.21
C GLY B 37 -0.09 -40.73 9.02
N LEU B 38 0.78 -39.78 9.34
CA LEU B 38 2.22 -39.96 9.14
C LEU B 38 2.78 -41.17 9.88
N ALA B 39 2.38 -41.35 11.14
CA ALA B 39 2.88 -42.45 11.95
C ALA B 39 2.44 -43.81 11.39
N GLU B 40 1.30 -43.82 10.70
CA GLU B 40 0.80 -45.05 10.09
C GLU B 40 1.46 -45.27 8.73
N VAL B 41 1.82 -44.18 8.07
CA VAL B 41 2.60 -44.26 6.84
C VAL B 41 4.02 -44.69 7.21
N GLY B 42 4.42 -44.33 8.43
CA GLY B 42 5.66 -44.81 9.01
C GLY B 42 5.51 -46.20 9.59
N LYS B 43 4.34 -46.80 9.38
CA LYS B 43 4.09 -48.19 9.72
C LYS B 43 4.06 -49.00 8.42
N LYS B 44 3.99 -48.31 7.28
CA LYS B 44 4.31 -48.97 6.03
C LYS B 44 5.79 -49.31 6.06
N PHE B 45 6.58 -48.40 6.62
CA PHE B 45 7.94 -48.74 6.99
C PHE B 45 7.82 -49.88 7.96
N GLU B 46 8.75 -50.83 7.82
CA GLU B 46 8.70 -52.22 8.32
C GLU B 46 8.41 -53.15 7.15
N LYS B 47 8.55 -52.62 5.95
CA LYS B 47 8.40 -53.42 4.74
C LYS B 47 9.78 -53.67 4.18
N GLY B 50 13.34 -52.95 7.19
CA GLY B 50 12.32 -52.69 8.17
C GLY B 50 12.84 -51.95 9.39
N ILE B 51 12.54 -50.65 9.47
CA ILE B 51 12.97 -49.84 10.60
C ILE B 51 11.75 -49.21 11.28
N LYS B 52 11.91 -48.83 12.55
CA LYS B 52 10.81 -48.24 13.31
C LYS B 52 10.88 -46.71 13.30
N VAL B 53 9.75 -46.08 12.96
CA VAL B 53 9.67 -44.62 13.03
C VAL B 53 8.83 -44.21 14.23
N THR B 54 9.16 -43.06 14.81
CA THR B 54 8.43 -42.53 15.95
C THR B 54 8.03 -41.08 15.69
N VAL B 55 6.72 -40.86 15.53
CA VAL B 55 6.22 -39.53 15.23
C VAL B 55 5.69 -38.85 16.49
N GLU B 56 6.38 -37.78 16.91
CA GLU B 56 5.97 -36.99 18.06
C GLU B 56 5.45 -35.64 17.59
N HIS B 57 4.86 -34.88 18.51
CA HIS B 57 4.33 -33.57 18.16
C HIS B 57 4.41 -32.58 19.33
N PRO B 58 5.62 -32.18 19.72
CA PRO B 58 5.80 -31.29 20.87
C PRO B 58 5.31 -29.88 20.58
N ASP B 59 4.85 -29.18 21.61
CA ASP B 59 4.42 -27.79 21.47
C ASP B 59 5.63 -26.88 21.32
N LYS B 60 5.45 -25.79 20.57
CA LYS B 60 6.52 -24.83 20.29
C LYS B 60 7.73 -25.53 19.67
N LEU B 61 7.47 -26.50 18.80
CA LEU B 61 8.54 -27.31 18.22
C LEU B 61 9.37 -26.52 17.21
N GLU B 62 8.76 -25.52 16.58
CA GLU B 62 9.49 -24.70 15.61
C GLU B 62 10.47 -23.80 16.35
N GLU B 63 10.27 -23.67 17.66
CA GLU B 63 11.23 -22.99 18.52
C GLU B 63 12.10 -24.01 19.24
N LYS B 64 11.55 -25.20 19.45
CA LYS B 64 12.24 -26.25 20.20
C LYS B 64 13.28 -26.98 19.34
N PHE B 65 13.03 -27.04 18.04
CA PHE B 65 13.96 -27.69 17.12
C PHE B 65 15.33 -26.99 17.02
N PRO B 66 15.36 -25.66 16.77
CA PRO B 66 16.68 -25.06 16.59
C PRO B 66 17.54 -25.06 17.84
N GLN B 67 16.93 -25.16 19.01
CA GLN B 67 17.67 -25.12 20.26
C GLN B 67 18.27 -26.48 20.62
N VAL B 68 17.60 -27.56 20.19
CA VAL B 68 18.10 -28.92 20.45
C VAL B 68 19.02 -29.40 19.34
N ALA B 69 18.75 -28.97 18.12
CA ALA B 69 19.55 -29.35 16.96
C ALA B 69 20.91 -28.67 17.02
N ALA B 70 20.97 -27.52 17.68
CA ALA B 70 22.22 -26.79 17.82
C ALA B 70 23.20 -27.60 18.63
N THR B 71 22.69 -28.28 19.65
CA THR B 71 23.52 -29.14 20.49
C THR B 71 23.80 -30.46 19.77
N GLY B 72 22.87 -30.86 18.92
CA GLY B 72 22.99 -32.13 18.21
C GLY B 72 21.72 -32.94 18.30
N ASP B 73 21.43 -33.45 19.48
CA ASP B 73 20.33 -34.39 19.66
C ASP B 73 19.02 -33.73 19.30
N GLY B 74 18.16 -34.47 18.62
CA GLY B 74 16.89 -33.95 18.15
C GLY B 74 16.22 -34.93 17.22
N PRO B 75 15.17 -34.48 16.53
CA PRO B 75 14.50 -35.33 15.54
C PRO B 75 15.34 -35.49 14.29
N ASP B 76 15.21 -36.62 13.60
CA ASP B 76 15.89 -36.81 12.33
C ASP B 76 15.20 -35.99 11.24
N ILE B 77 13.88 -35.91 11.32
CA ILE B 77 13.08 -35.19 10.34
C ILE B 77 12.15 -34.18 11.01
N ILE B 78 12.04 -32.99 10.44
CA ILE B 78 11.12 -31.98 10.96
C ILE B 78 10.18 -31.45 9.88
N PHE B 79 8.88 -31.48 10.16
CA PHE B 79 7.89 -30.88 9.28
C PHE B 79 7.47 -29.50 9.78
N TRP B 80 7.39 -28.54 8.87
CA TRP B 80 6.91 -27.20 9.19
C TRP B 80 6.70 -26.41 7.91
N ALA B 81 6.04 -25.25 8.01
CA ALA B 81 5.93 -24.34 6.88
C ALA B 81 7.31 -23.88 6.45
N HIS B 82 7.48 -23.63 5.16
CA HIS B 82 8.78 -23.36 4.57
C HIS B 82 9.48 -22.10 5.10
N ASP B 83 8.70 -21.16 5.64
CA ASP B 83 9.22 -19.86 6.02
C ASP B 83 10.30 -19.91 7.10
N ARG B 84 10.37 -21.02 7.82
CA ARG B 84 11.28 -21.15 8.96
C ARG B 84 12.61 -21.80 8.60
N PHE B 85 12.63 -22.50 7.46
CA PHE B 85 13.75 -23.36 7.11
C PHE B 85 15.00 -22.58 6.69
N GLY B 86 14.82 -21.33 6.27
CA GLY B 86 15.95 -20.50 5.91
C GLY B 86 16.84 -20.20 7.09
N GLY B 87 16.22 -19.85 8.21
CA GLY B 87 16.95 -19.64 9.45
C GLY B 87 17.61 -20.92 9.91
N TYR B 88 16.92 -22.04 9.70
CA TYR B 88 17.47 -23.35 10.00
C TYR B 88 18.69 -23.62 9.11
N ALA B 89 18.58 -23.26 7.84
CA ALA B 89 19.64 -23.49 6.87
C ALA B 89 20.89 -22.69 7.20
N GLN B 90 20.69 -21.45 7.64
CA GLN B 90 21.80 -20.56 7.97
C GLN B 90 22.68 -21.16 9.07
N SER B 91 22.06 -21.55 10.17
CA SER B 91 22.79 -22.12 11.29
C SER B 91 23.35 -23.50 10.94
N GLY B 92 22.86 -24.07 9.84
CA GLY B 92 23.32 -25.37 9.40
C GLY B 92 22.70 -26.50 10.20
N LEU B 93 21.39 -26.40 10.40
CA LEU B 93 20.66 -27.43 11.15
C LEU B 93 20.03 -28.42 10.18
N LEU B 94 19.93 -28.03 8.92
CA LEU B 94 19.40 -28.90 7.87
C LEU B 94 20.53 -29.47 7.04
N ALA B 95 20.31 -30.63 6.43
CA ALA B 95 21.29 -31.22 5.53
C ALA B 95 20.84 -31.02 4.10
N GLU B 96 21.80 -30.84 3.19
CA GLU B 96 21.45 -30.65 1.79
C GLU B 96 20.93 -31.96 1.24
N ILE B 97 19.70 -31.94 0.72
CA ILE B 97 19.10 -33.14 0.21
C ILE B 97 19.42 -33.27 -1.27
N THR B 98 19.48 -34.50 -1.76
CA THR B 98 19.76 -34.72 -3.17
C THR B 98 18.74 -35.62 -3.85
N PRO B 99 17.63 -35.04 -4.27
CA PRO B 99 16.67 -35.80 -5.08
C PRO B 99 17.11 -35.78 -6.51
N ASP B 100 17.00 -36.91 -7.19
CA ASP B 100 17.50 -37.02 -8.55
C ASP B 100 16.63 -36.18 -9.47
N LYS B 101 17.17 -35.85 -10.64
CA LYS B 101 16.40 -35.12 -11.63
C LYS B 101 15.35 -36.05 -12.26
N ALA B 102 14.71 -36.84 -11.40
CA ALA B 102 13.63 -37.73 -11.80
C ALA B 102 12.54 -37.63 -10.76
N PHE B 103 12.94 -37.71 -9.50
CA PHE B 103 12.02 -37.50 -8.39
C PHE B 103 11.76 -36.01 -8.28
N GLN B 104 12.75 -35.22 -8.66
CA GLN B 104 12.68 -33.78 -8.55
C GLN B 104 11.66 -33.19 -9.52
N ASP B 105 11.16 -34.02 -10.44
CA ASP B 105 10.19 -33.59 -11.43
C ASP B 105 8.76 -33.96 -11.05
N LYS B 106 8.63 -34.85 -10.07
CA LYS B 106 7.31 -35.31 -9.64
C LYS B 106 6.47 -34.16 -9.09
N LEU B 107 7.13 -33.22 -8.42
CA LEU B 107 6.42 -32.13 -7.74
C LEU B 107 6.42 -30.84 -8.55
N TYR B 108 5.46 -29.96 -8.25
CA TYR B 108 5.36 -28.68 -8.92
C TYR B 108 6.62 -27.87 -8.65
N PRO B 109 7.16 -27.21 -9.71
CA PRO B 109 8.41 -26.46 -9.61
C PRO B 109 8.36 -25.28 -8.63
N PHE B 110 7.20 -24.64 -8.50
CA PHE B 110 7.10 -23.45 -7.66
C PHE B 110 7.15 -23.81 -6.17
N THR B 111 6.86 -25.07 -5.86
CA THR B 111 6.95 -25.55 -4.49
C THR B 111 8.41 -25.85 -4.12
N TRP B 112 9.23 -26.05 -5.14
CA TRP B 112 10.65 -26.33 -4.93
C TRP B 112 11.44 -25.07 -4.61
N ASP B 113 10.97 -23.93 -5.11
CA ASP B 113 11.65 -22.68 -4.86
C ASP B 113 11.41 -22.23 -3.41
N ALA B 114 10.36 -22.77 -2.81
CA ALA B 114 10.02 -22.46 -1.43
C ALA B 114 11.00 -23.11 -0.47
N VAL B 115 11.71 -24.13 -0.94
CA VAL B 115 12.67 -24.84 -0.10
C VAL B 115 14.09 -24.69 -0.63
N ARG B 116 14.35 -23.64 -1.41
CA ARG B 116 15.68 -23.37 -1.89
C ARG B 116 16.29 -22.15 -1.20
N TYR B 117 17.38 -22.36 -0.47
CA TYR B 117 18.07 -21.28 0.20
C TYR B 117 19.52 -21.20 -0.27
N ASN B 118 19.85 -20.13 -0.99
CA ASN B 118 21.17 -19.95 -1.59
C ASN B 118 21.58 -21.14 -2.46
N GLY B 119 20.83 -21.36 -3.53
CA GLY B 119 21.13 -22.41 -4.48
C GLY B 119 20.70 -23.80 -4.02
N LYS B 120 21.14 -24.18 -2.84
CA LYS B 120 20.88 -25.52 -2.29
C LYS B 120 19.42 -25.75 -1.91
N LEU B 121 18.88 -26.89 -2.31
CA LEU B 121 17.61 -27.36 -1.78
C LEU B 121 17.83 -27.87 -0.36
N ILE B 122 16.94 -27.55 0.55
CA ILE B 122 17.15 -27.87 1.96
C ILE B 122 16.01 -28.64 2.60
N ALA B 123 14.91 -28.81 1.87
CA ALA B 123 13.75 -29.52 2.41
C ALA B 123 12.88 -30.09 1.30
N TYR B 124 12.01 -31.03 1.66
CA TYR B 124 11.07 -31.62 0.73
C TYR B 124 9.70 -30.94 0.84
N PRO B 125 9.27 -30.27 -0.24
CA PRO B 125 7.96 -29.62 -0.26
C PRO B 125 6.81 -30.63 -0.21
N ILE B 126 5.98 -30.53 0.82
CA ILE B 126 4.87 -31.47 1.00
C ILE B 126 3.58 -30.94 0.37
N ALA B 127 2.96 -29.97 1.04
CA ALA B 127 1.68 -29.45 0.58
C ALA B 127 1.57 -27.94 0.72
N VAL B 128 0.86 -27.31 -0.22
CA VAL B 128 0.66 -25.87 -0.20
C VAL B 128 -0.60 -25.52 0.59
N GLU B 129 -0.41 -24.91 1.75
CA GLU B 129 -1.52 -24.56 2.62
C GLU B 129 -1.79 -23.06 2.63
N ALA B 130 -3.06 -22.68 2.73
CA ALA B 130 -3.46 -21.28 2.75
C ALA B 130 -4.76 -21.09 3.50
N LEU B 131 -4.94 -19.91 4.08
CA LEU B 131 -6.14 -19.59 4.86
C LEU B 131 -7.36 -19.36 3.97
N SER B 132 -8.52 -19.82 4.45
CA SER B 132 -9.77 -19.61 3.74
C SER B 132 -10.85 -19.19 4.73
N LEU B 133 -11.92 -18.60 4.21
CA LEU B 133 -13.07 -18.27 5.04
C LEU B 133 -14.00 -19.47 5.12
N ILE B 134 -14.34 -19.86 6.34
CA ILE B 134 -15.21 -21.00 6.57
C ILE B 134 -16.46 -20.56 7.32
N TYR B 135 -17.63 -20.93 6.80
CA TYR B 135 -18.88 -20.44 7.37
C TYR B 135 -19.92 -21.54 7.59
N ASN B 136 -21.02 -21.16 8.23
CA ASN B 136 -22.12 -22.08 8.46
C ASN B 136 -23.24 -21.82 7.46
N LYS B 137 -23.53 -22.82 6.62
CA LYS B 137 -24.55 -22.67 5.58
C LYS B 137 -25.94 -22.48 6.18
N ASP B 138 -26.16 -23.05 7.36
CA ASP B 138 -27.46 -23.02 7.99
C ASP B 138 -27.68 -21.73 8.79
N LEU B 139 -26.60 -21.09 9.20
CA LEU B 139 -26.69 -19.79 9.87
C LEU B 139 -26.51 -18.67 8.87
N LEU B 140 -25.64 -18.89 7.89
CA LEU B 140 -25.30 -17.88 6.90
C LEU B 140 -25.26 -18.48 5.50
N PRO B 141 -26.43 -18.58 4.85
CA PRO B 141 -26.54 -19.18 3.51
C PRO B 141 -25.75 -18.43 2.45
N ASN B 142 -25.64 -17.11 2.59
CA ASN B 142 -24.88 -16.29 1.65
C ASN B 142 -23.81 -15.47 2.35
N PRO B 143 -22.60 -16.06 2.51
CA PRO B 143 -21.48 -15.45 3.22
C PRO B 143 -21.10 -14.08 2.69
N PRO B 144 -20.68 -13.16 3.58
CA PRO B 144 -20.28 -11.80 3.21
C PRO B 144 -18.95 -11.79 2.45
N LYS B 145 -18.82 -10.89 1.47
CA LYS B 145 -17.61 -10.83 0.67
C LYS B 145 -16.81 -9.56 0.93
N THR B 146 -17.26 -8.77 1.90
CA THR B 146 -16.52 -7.59 2.33
C THR B 146 -16.38 -7.58 3.86
N TRP B 147 -15.20 -7.21 4.34
CA TRP B 147 -14.95 -7.15 5.77
C TRP B 147 -15.86 -6.13 6.48
N GLU B 148 -16.30 -5.12 5.73
CA GLU B 148 -17.03 -4.00 6.32
C GLU B 148 -18.47 -4.33 6.73
N GLU B 149 -19.07 -5.33 6.11
CA GLU B 149 -20.47 -5.65 6.38
C GLU B 149 -20.63 -6.59 7.59
N ILE B 150 -19.51 -7.02 8.15
CA ILE B 150 -19.53 -7.93 9.30
C ILE B 150 -20.07 -7.32 10.61
N PRO B 151 -19.68 -6.07 10.96
CA PRO B 151 -20.24 -5.51 12.19
C PRO B 151 -21.77 -5.47 12.23
N ALA B 152 -22.38 -5.12 11.11
CA ALA B 152 -23.84 -5.13 11.01
C ALA B 152 -24.35 -6.55 11.03
N LEU B 153 -23.57 -7.46 10.46
CA LEU B 153 -23.93 -8.88 10.42
C LEU B 153 -23.92 -9.46 11.82
N ASP B 154 -22.96 -9.04 12.64
CA ASP B 154 -22.86 -9.51 14.02
C ASP B 154 -24.00 -8.96 14.87
N LYS B 155 -24.32 -7.68 14.67
CA LYS B 155 -25.39 -7.04 15.42
C LYS B 155 -26.72 -7.74 15.15
N GLU B 156 -27.02 -8.00 13.88
CA GLU B 156 -28.24 -8.70 13.52
C GLU B 156 -28.21 -10.15 13.99
N LEU B 157 -27.05 -10.78 13.90
CA LEU B 157 -26.90 -12.17 14.34
C LEU B 157 -27.06 -12.29 15.85
N LYS B 158 -26.28 -11.50 16.59
CA LYS B 158 -26.25 -11.58 18.05
C LYS B 158 -27.62 -11.41 18.70
N ALA B 159 -28.60 -10.97 17.91
CA ALA B 159 -29.99 -10.91 18.37
C ALA B 159 -30.57 -12.31 18.52
N LYS B 160 -30.21 -13.20 17.59
CA LYS B 160 -30.64 -14.60 17.63
C LYS B 160 -29.69 -15.39 18.53
N GLY B 161 -28.88 -14.69 19.30
CA GLY B 161 -27.81 -15.32 20.04
C GLY B 161 -26.63 -15.36 19.08
N LYS B 162 -25.76 -16.35 19.23
CA LYS B 162 -24.71 -16.55 18.24
C LYS B 162 -23.78 -15.34 18.04
N SER B 163 -22.96 -15.43 17.00
CA SER B 163 -22.06 -14.35 16.64
C SER B 163 -21.70 -14.48 15.17
N ALA B 164 -20.89 -13.54 14.66
CA ALA B 164 -20.60 -13.50 13.24
C ALA B 164 -19.33 -14.27 12.87
N LEU B 165 -18.22 -13.92 13.51
CA LEU B 165 -16.91 -14.46 13.12
C LEU B 165 -15.96 -14.60 14.32
N MET B 166 -15.29 -15.74 14.40
CA MET B 166 -14.29 -15.97 15.45
C MET B 166 -13.09 -16.75 14.91
N PHE B 167 -11.89 -16.25 15.18
CA PHE B 167 -10.66 -16.95 14.79
C PHE B 167 -9.51 -16.60 15.72
N ASN B 168 -8.38 -17.29 15.55
CA ASN B 168 -7.23 -17.12 16.41
C ASN B 168 -6.62 -15.72 16.32
N LEU B 169 -6.68 -15.00 17.42
CA LEU B 169 -6.09 -13.66 17.50
C LEU B 169 -4.77 -13.68 18.25
N GLN B 170 -4.31 -14.88 18.60
CA GLN B 170 -3.09 -15.03 19.38
C GLN B 170 -1.88 -15.32 18.49
N GLU B 171 -2.14 -15.58 17.21
CA GLU B 171 -1.07 -15.80 16.24
C GLU B 171 -1.31 -14.95 14.98
N PRO B 172 -0.32 -14.13 14.62
CA PRO B 172 -0.41 -13.15 13.53
C PRO B 172 -0.66 -13.75 12.15
N TYR B 173 -0.56 -15.07 12.04
CA TYR B 173 -0.79 -15.76 10.78
C TYR B 173 -2.23 -15.56 10.31
N PHE B 174 -3.17 -15.50 11.25
CA PHE B 174 -4.59 -15.39 10.92
C PHE B 174 -5.03 -13.93 10.76
N THR B 175 -4.24 -13.01 11.31
CA THR B 175 -4.57 -11.59 11.26
C THR B 175 -3.92 -10.91 10.06
N TRP B 176 -2.83 -11.50 9.58
CA TRP B 176 -2.09 -10.95 8.45
C TRP B 176 -2.88 -10.77 7.15
N PRO B 177 -3.79 -11.71 6.80
CA PRO B 177 -4.55 -11.50 5.57
C PRO B 177 -5.31 -10.18 5.52
N LEU B 178 -5.78 -9.71 6.67
CA LEU B 178 -6.49 -8.43 6.75
C LEU B 178 -5.52 -7.26 6.69
N ILE B 179 -4.36 -7.43 7.32
CA ILE B 179 -3.36 -6.37 7.39
C ILE B 179 -2.72 -6.12 6.03
N ALA B 180 -2.46 -7.20 5.29
CA ALA B 180 -1.76 -7.11 4.01
C ALA B 180 -2.68 -6.69 2.86
N ALA B 181 -3.97 -6.57 3.16
CA ALA B 181 -4.98 -6.29 2.14
C ALA B 181 -4.79 -4.92 1.49
N ASP B 182 -4.76 -3.86 2.29
CA ASP B 182 -4.76 -2.51 1.77
C ASP B 182 -3.35 -2.01 1.43
N GLY B 183 -2.38 -2.90 1.43
CA GLY B 183 -1.04 -2.54 0.99
C GLY B 183 0.08 -2.88 1.96
N GLY B 184 -0.26 -3.58 3.04
CA GLY B 184 0.73 -3.99 4.01
C GLY B 184 1.56 -5.14 3.48
N TYR B 185 2.86 -5.10 3.73
CA TYR B 185 3.76 -6.16 3.31
C TYR B 185 4.88 -6.39 4.32
N ALA B 186 5.53 -7.55 4.23
CA ALA B 186 6.61 -7.89 5.13
C ALA B 186 7.91 -7.29 4.65
N PHE B 187 8.51 -7.93 3.65
CA PHE B 187 9.74 -7.45 3.04
C PHE B 187 9.52 -7.23 1.56
N LYS B 188 10.06 -6.12 1.04
CA LYS B 188 9.88 -5.74 -0.36
C LYS B 188 10.51 -6.75 -1.30
N TYR B 189 9.77 -7.12 -2.34
CA TYR B 189 10.27 -8.06 -3.33
C TYR B 189 10.39 -7.41 -4.71
N GLU B 190 11.54 -6.79 -4.96
CA GLU B 190 11.86 -6.26 -6.28
C GLU B 190 13.08 -6.97 -6.86
N ASN B 191 12.96 -7.43 -8.10
CA ASN B 191 14.04 -8.12 -8.81
C ASN B 191 14.60 -9.34 -8.10
N GLY B 192 13.71 -10.24 -7.69
CA GLY B 192 14.11 -11.55 -7.18
C GLY B 192 14.79 -11.57 -5.82
N LYS B 193 14.83 -10.44 -5.14
CA LYS B 193 15.43 -10.37 -3.81
C LYS B 193 14.45 -9.79 -2.79
N TYR B 194 14.71 -10.06 -1.51
CA TYR B 194 13.93 -9.45 -0.43
C TYR B 194 14.72 -8.32 0.22
N ASP B 195 14.18 -7.11 0.13
CA ASP B 195 14.85 -5.93 0.66
C ASP B 195 14.61 -5.76 2.16
N ILE B 196 15.58 -6.20 2.95
CA ILE B 196 15.51 -6.16 4.42
C ILE B 196 15.14 -4.77 4.96
N LYS B 197 15.71 -3.74 4.35
CA LYS B 197 15.53 -2.38 4.85
C LYS B 197 14.25 -1.73 4.35
N ASP B 198 13.38 -2.52 3.74
CA ASP B 198 12.11 -2.00 3.23
C ASP B 198 10.93 -2.80 3.77
N VAL B 199 10.51 -2.48 4.99
CA VAL B 199 9.39 -3.16 5.64
C VAL B 199 8.10 -2.34 5.51
N GLY B 200 7.01 -3.02 5.14
CA GLY B 200 5.73 -2.35 5.00
C GLY B 200 4.73 -2.75 6.06
N VAL B 201 5.20 -2.88 7.29
CA VAL B 201 4.35 -3.28 8.40
C VAL B 201 3.86 -2.03 9.16
N ASP B 202 4.18 -0.87 8.62
CA ASP B 202 3.89 0.39 9.31
C ASP B 202 3.14 1.38 8.42
N ASN B 203 3.01 1.05 7.13
CA ASN B 203 2.42 1.97 6.17
C ASN B 203 0.91 2.18 6.37
N ALA B 204 0.33 2.97 5.48
CA ALA B 204 -1.08 3.35 5.59
C ALA B 204 -2.00 2.14 5.48
N GLY B 205 -1.69 1.24 4.55
CA GLY B 205 -2.49 0.05 4.35
C GLY B 205 -2.44 -0.88 5.56
N ALA B 206 -1.26 -1.00 6.15
CA ALA B 206 -1.09 -1.87 7.30
C ALA B 206 -1.84 -1.36 8.52
N LYS B 207 -1.70 -0.06 8.80
CA LYS B 207 -2.39 0.56 9.92
C LYS B 207 -3.90 0.49 9.77
N ALA B 208 -4.38 0.65 8.53
CA ALA B 208 -5.80 0.63 8.25
C ALA B 208 -6.40 -0.75 8.52
N GLY B 209 -5.64 -1.79 8.20
CA GLY B 209 -6.10 -3.15 8.38
C GLY B 209 -6.24 -3.54 9.85
N LEU B 210 -5.24 -3.16 10.64
CA LEU B 210 -5.23 -3.49 12.06
C LEU B 210 -6.23 -2.66 12.85
N THR B 211 -6.37 -1.38 12.48
CA THR B 211 -7.33 -0.50 13.13
C THR B 211 -8.73 -1.08 12.99
N PHE B 212 -9.00 -1.66 11.84
CA PHE B 212 -10.30 -2.30 11.57
C PHE B 212 -10.49 -3.50 12.49
N LEU B 213 -9.42 -4.24 12.73
CA LEU B 213 -9.49 -5.43 13.58
C LEU B 213 -9.68 -5.06 15.04
N VAL B 214 -9.01 -4.01 15.50
CA VAL B 214 -9.12 -3.54 16.86
C VAL B 214 -10.53 -3.06 17.17
N ASP B 215 -11.09 -2.30 16.23
CA ASP B 215 -12.44 -1.75 16.38
C ASP B 215 -13.49 -2.85 16.49
N LEU B 216 -13.22 -3.99 15.88
CA LEU B 216 -14.12 -5.15 15.99
C LEU B 216 -14.19 -5.66 17.42
N ILE B 217 -13.05 -5.62 18.11
CA ILE B 217 -12.99 -6.05 19.50
C ILE B 217 -13.55 -4.97 20.41
N LYS B 218 -13.29 -3.72 20.03
CA LYS B 218 -13.75 -2.56 20.78
C LYS B 218 -15.27 -2.50 20.82
N ASN B 219 -15.89 -2.93 19.74
CA ASN B 219 -17.34 -2.87 19.61
C ASN B 219 -18.02 -4.22 19.86
N LYS B 220 -17.36 -5.07 20.62
CA LYS B 220 -17.93 -6.34 21.08
C LYS B 220 -18.30 -7.28 19.94
N HIS B 221 -17.65 -7.13 18.79
CA HIS B 221 -17.88 -8.03 17.67
C HIS B 221 -16.92 -9.21 17.74
N MET B 222 -15.78 -9.00 18.40
CA MET B 222 -14.82 -10.07 18.65
C MET B 222 -14.22 -9.93 20.05
N ASN B 223 -13.60 -11.01 20.53
CA ASN B 223 -12.95 -10.98 21.83
C ASN B 223 -11.43 -11.08 21.69
N ALA B 224 -10.72 -10.24 22.44
CA ALA B 224 -9.28 -10.08 22.26
C ALA B 224 -8.47 -11.35 22.58
N ASP B 225 -8.96 -12.16 23.51
CA ASP B 225 -8.22 -13.36 23.92
C ASP B 225 -8.74 -14.63 23.26
N THR B 226 -9.42 -14.47 22.12
CA THR B 226 -9.89 -15.62 21.35
C THR B 226 -8.71 -16.36 20.73
N ASP B 227 -8.47 -17.59 21.17
CA ASP B 227 -7.37 -18.39 20.64
C ASP B 227 -7.86 -19.38 19.60
N TYR B 228 -7.09 -20.44 19.40
CA TYR B 228 -7.43 -21.45 18.41
C TYR B 228 -8.53 -22.38 18.92
N SER B 229 -8.31 -22.95 20.10
CA SER B 229 -9.24 -23.92 20.68
C SER B 229 -10.62 -23.31 20.93
N ILE B 230 -10.65 -22.07 21.38
CA ILE B 230 -11.90 -21.37 21.62
C ILE B 230 -12.67 -21.16 20.31
N ALA B 231 -11.96 -20.68 19.29
CA ALA B 231 -12.55 -20.38 18.00
C ALA B 231 -13.14 -21.63 17.35
N GLU B 232 -12.42 -22.74 17.44
CA GLU B 232 -12.89 -24.00 16.86
C GLU B 232 -14.08 -24.53 17.65
N ALA B 233 -14.05 -24.34 18.96
CA ALA B 233 -15.15 -24.76 19.83
C ALA B 233 -16.42 -24.01 19.48
N ALA B 234 -16.28 -22.74 19.13
CA ALA B 234 -17.42 -21.89 18.80
C ALA B 234 -18.06 -22.30 17.48
N PHE B 235 -17.26 -22.37 16.44
CA PHE B 235 -17.77 -22.67 15.10
C PHE B 235 -18.30 -24.09 14.98
N ASN B 236 -17.56 -25.06 15.54
CA ASN B 236 -17.93 -26.46 15.42
C ASN B 236 -19.19 -26.82 16.20
N LYS B 237 -19.43 -26.11 17.30
CA LYS B 237 -20.63 -26.37 18.09
C LYS B 237 -21.79 -25.47 17.63
N GLY B 238 -21.63 -24.87 16.45
CA GLY B 238 -22.68 -24.06 15.85
C GLY B 238 -23.02 -22.80 16.61
N GLU B 239 -22.01 -22.19 17.24
CA GLU B 239 -22.21 -20.96 18.00
C GLU B 239 -21.84 -19.73 17.18
N THR B 240 -21.09 -19.93 16.10
CA THR B 240 -20.61 -18.81 15.30
C THR B 240 -20.80 -19.09 13.80
N ALA B 241 -21.21 -18.06 13.07
CA ALA B 241 -21.51 -18.20 11.64
C ALA B 241 -20.25 -18.40 10.81
N MET B 242 -19.13 -17.80 11.24
CA MET B 242 -17.91 -17.85 10.45
C MET B 242 -16.66 -18.08 11.29
N THR B 243 -15.61 -18.55 10.62
CA THR B 243 -14.29 -18.68 11.22
C THR B 243 -13.25 -18.68 10.10
N ILE B 244 -12.00 -18.38 10.46
CA ILE B 244 -10.93 -18.39 9.48
C ILE B 244 -9.83 -19.39 9.89
N ASN B 245 -9.61 -20.38 9.04
CA ASN B 245 -8.65 -21.42 9.36
C ASN B 245 -8.14 -22.12 8.10
N GLY B 246 -7.17 -23.01 8.28
CA GLY B 246 -6.59 -23.73 7.16
C GLY B 246 -7.30 -25.03 6.86
N PRO B 247 -6.95 -25.69 5.75
CA PRO B 247 -7.57 -26.94 5.34
C PRO B 247 -7.35 -28.09 6.32
N TRP B 248 -6.31 -27.98 7.15
CA TRP B 248 -5.96 -29.05 8.08
C TRP B 248 -7.03 -29.30 9.15
N ALA B 249 -7.82 -28.27 9.45
CA ALA B 249 -8.79 -28.37 10.52
C ALA B 249 -10.12 -28.95 10.03
N TRP B 250 -10.30 -28.98 8.71
CA TRP B 250 -11.54 -29.45 8.08
C TRP B 250 -12.09 -30.77 8.65
N SER B 251 -11.20 -31.69 8.99
CA SER B 251 -11.60 -32.99 9.51
C SER B 251 -12.29 -32.87 10.88
N ASN B 252 -11.76 -32.00 11.73
CA ASN B 252 -12.38 -31.75 13.03
C ASN B 252 -13.76 -31.13 12.87
N ILE B 253 -13.93 -30.36 11.79
CA ILE B 253 -15.22 -29.76 11.48
C ILE B 253 -16.09 -30.76 10.76
N ASP B 254 -15.46 -31.81 10.24
CA ASP B 254 -16.19 -32.89 9.60
C ASP B 254 -16.79 -33.82 10.64
N THR B 255 -16.00 -34.14 11.67
CA THR B 255 -16.43 -35.09 12.69
C THR B 255 -17.57 -34.49 13.50
N SER B 256 -17.76 -33.18 13.36
CA SER B 256 -18.85 -32.47 13.98
C SER B 256 -19.95 -32.27 12.96
N LYS B 257 -21.19 -32.36 13.41
CA LYS B 257 -22.33 -32.31 12.51
C LYS B 257 -22.64 -30.89 12.08
N VAL B 258 -21.84 -30.38 11.14
CA VAL B 258 -21.94 -29.00 10.71
C VAL B 258 -21.99 -28.90 9.19
N ASN B 259 -22.88 -28.08 8.69
CA ASN B 259 -23.03 -27.87 7.27
C ASN B 259 -22.14 -26.72 6.80
N TYR B 260 -20.84 -26.95 6.73
CA TYR B 260 -19.92 -25.87 6.41
C TYR B 260 -19.58 -25.76 4.93
N GLY B 261 -19.12 -24.58 4.54
CA GLY B 261 -18.66 -24.33 3.18
C GLY B 261 -17.36 -23.56 3.18
N VAL B 262 -16.52 -23.81 2.16
CA VAL B 262 -15.24 -23.15 2.05
C VAL B 262 -15.22 -22.16 0.88
N THR B 263 -15.07 -20.88 1.19
CA THR B 263 -15.13 -19.84 0.18
C THR B 263 -13.95 -18.87 0.27
N VAL B 264 -13.96 -17.87 -0.61
CA VAL B 264 -12.89 -16.88 -0.66
C VAL B 264 -12.89 -15.99 0.59
N LEU B 265 -11.75 -15.36 0.86
CA LEU B 265 -11.65 -14.42 1.97
C LEU B 265 -12.20 -13.05 1.55
N PRO B 266 -13.03 -12.45 2.42
CA PRO B 266 -13.69 -11.16 2.15
C PRO B 266 -12.71 -10.03 1.85
N THR B 267 -13.14 -9.07 1.06
CA THR B 267 -12.29 -7.96 0.67
C THR B 267 -12.18 -6.91 1.76
N PHE B 268 -11.18 -6.03 1.61
CA PHE B 268 -11.05 -4.86 2.47
C PHE B 268 -10.83 -3.63 1.60
N LYS B 269 -11.79 -2.71 1.64
CA LYS B 269 -11.78 -1.52 0.80
C LYS B 269 -11.75 -1.87 -0.69
N GLY B 270 -12.21 -3.07 -1.01
CA GLY B 270 -12.26 -3.52 -2.40
C GLY B 270 -11.05 -4.34 -2.81
N GLN B 271 -10.16 -4.59 -1.87
CA GLN B 271 -8.97 -5.38 -2.15
C GLN B 271 -9.11 -6.77 -1.53
N PRO B 272 -8.80 -7.82 -2.30
CA PRO B 272 -8.90 -9.19 -1.80
C PRO B 272 -7.94 -9.42 -0.64
N SER B 273 -8.39 -10.15 0.39
CA SER B 273 -7.52 -10.49 1.50
C SER B 273 -6.34 -11.30 1.00
N LYS B 274 -5.15 -10.99 1.51
CA LYS B 274 -3.92 -11.60 1.02
C LYS B 274 -3.23 -12.43 2.09
N PRO B 275 -3.65 -13.69 2.26
CA PRO B 275 -3.04 -14.54 3.29
C PRO B 275 -1.61 -14.91 2.93
N PHE B 276 -0.76 -15.04 3.94
CA PHE B 276 0.61 -15.50 3.73
C PHE B 276 0.62 -17.00 3.46
N VAL B 277 0.87 -17.37 2.21
CA VAL B 277 0.83 -18.77 1.80
C VAL B 277 1.96 -19.57 2.43
N GLY B 278 1.62 -20.69 3.04
CA GLY B 278 2.60 -21.56 3.66
C GLY B 278 2.80 -22.85 2.88
N VAL B 279 4.02 -23.34 2.86
CA VAL B 279 4.33 -24.61 2.23
C VAL B 279 4.85 -25.60 3.25
N LEU B 280 4.05 -26.63 3.52
CA LEU B 280 4.48 -27.69 4.43
C LEU B 280 5.71 -28.36 3.87
N SER B 281 6.76 -28.47 4.69
CA SER B 281 8.03 -28.98 4.20
C SER B 281 8.69 -29.97 5.17
N ALA B 282 9.09 -31.11 4.64
CA ALA B 282 9.83 -32.11 5.40
C ALA B 282 11.33 -31.79 5.32
N GLY B 283 11.96 -31.63 6.47
CA GLY B 283 13.38 -31.32 6.52
C GLY B 283 14.19 -32.34 7.27
N ILE B 284 15.31 -32.76 6.68
CA ILE B 284 16.25 -33.67 7.33
C ILE B 284 17.23 -32.87 8.19
N ASN B 285 17.59 -33.45 9.34
CA ASN B 285 18.43 -32.77 10.32
C ASN B 285 19.86 -32.64 9.80
N ALA B 286 20.82 -32.46 10.70
CA ALA B 286 22.22 -32.44 10.29
C ALA B 286 23.04 -33.25 11.27
N ALA B 287 22.37 -33.78 12.25
CA ALA B 287 23.02 -34.50 13.31
C ALA B 287 23.02 -35.96 12.99
N SER B 288 22.69 -36.31 11.75
CA SER B 288 22.88 -37.64 11.26
C SER B 288 21.83 -38.36 12.03
N PRO B 289 21.98 -39.73 12.31
CA PRO B 289 22.70 -40.49 11.29
C PRO B 289 21.71 -40.95 10.25
N ASN B 290 22.12 -41.75 9.30
CA ASN B 290 21.14 -42.33 8.37
C ASN B 290 20.22 -41.32 7.68
N LYS B 291 20.80 -40.30 7.10
CA LYS B 291 20.07 -39.33 6.33
C LYS B 291 19.46 -40.04 5.14
N GLU B 292 20.02 -41.18 4.79
CA GLU B 292 19.52 -42.04 3.73
C GLU B 292 18.22 -42.70 4.13
N LEU B 293 18.17 -43.21 5.36
CA LEU B 293 16.93 -43.78 5.89
C LEU B 293 15.84 -42.72 5.92
N ALA B 294 16.21 -41.50 6.29
CA ALA B 294 15.28 -40.37 6.26
C ALA B 294 14.90 -40.02 4.81
N LYS B 295 15.87 -40.06 3.91
CA LYS B 295 15.65 -39.73 2.51
C LYS B 295 14.69 -40.70 1.84
N GLU B 296 14.97 -41.99 1.98
CA GLU B 296 14.17 -43.04 1.34
C GLU B 296 12.75 -43.06 1.86
N PHE B 297 12.56 -42.66 3.11
CA PHE B 297 11.22 -42.60 3.70
C PHE B 297 10.37 -41.53 3.04
N LEU B 298 11.02 -40.46 2.58
CA LEU B 298 10.32 -39.35 1.96
C LEU B 298 10.13 -39.55 0.46
N GLU B 299 11.15 -40.08 -0.20
CA GLU B 299 11.13 -40.20 -1.66
C GLU B 299 10.43 -41.47 -2.13
N ASN B 300 10.24 -42.43 -1.24
CA ASN B 300 9.66 -43.72 -1.63
C ASN B 300 8.35 -44.06 -0.93
N TYR B 301 8.20 -43.58 0.30
CA TYR B 301 7.06 -43.98 1.12
C TYR B 301 6.27 -42.84 1.78
N LEU B 302 6.51 -41.60 1.39
CA LEU B 302 5.66 -40.51 1.87
C LEU B 302 5.17 -39.65 0.72
N LEU B 303 6.09 -39.23 -0.15
CA LEU B 303 5.72 -38.40 -1.28
C LEU B 303 5.23 -39.24 -2.46
N THR B 304 4.28 -40.11 -2.17
CA THR B 304 3.55 -40.85 -3.19
C THR B 304 2.08 -40.82 -2.82
N ASP B 305 1.22 -41.24 -3.74
CA ASP B 305 -0.21 -41.27 -3.48
C ASP B 305 -0.50 -42.14 -2.26
N GLU B 306 0.05 -43.34 -2.27
CA GLU B 306 -0.16 -44.33 -1.21
C GLU B 306 0.12 -43.77 0.20
N GLY B 307 1.02 -42.79 0.28
CA GLY B 307 1.43 -42.23 1.54
C GLY B 307 0.78 -40.89 1.87
N LEU B 308 0.75 -39.99 0.89
CA LEU B 308 0.13 -38.68 1.08
C LEU B 308 -1.36 -38.83 1.33
N GLU B 309 -2.01 -39.65 0.53
CA GLU B 309 -3.43 -39.95 0.69
C GLU B 309 -3.71 -40.53 2.07
N ALA B 310 -2.77 -41.31 2.58
CA ALA B 310 -2.87 -41.87 3.92
C ALA B 310 -2.69 -40.78 4.98
N VAL B 311 -1.84 -39.81 4.68
CA VAL B 311 -1.62 -38.68 5.58
C VAL B 311 -2.77 -37.69 5.46
N ASN B 312 -3.25 -37.54 4.24
CA ASN B 312 -4.29 -36.55 3.94
C ASN B 312 -5.63 -36.86 4.58
N LYS B 313 -5.85 -38.12 4.87
CA LYS B 313 -7.15 -38.56 5.38
C LYS B 313 -7.23 -38.52 6.90
N ASP B 314 -6.19 -38.00 7.54
CA ASP B 314 -6.24 -37.77 8.99
C ASP B 314 -6.66 -36.32 9.23
N LYS B 315 -5.80 -35.41 8.80
CA LYS B 315 -6.10 -34.00 8.71
C LYS B 315 -5.60 -33.52 7.36
N PRO B 316 -6.48 -32.90 6.56
CA PRO B 316 -6.22 -32.53 5.16
C PRO B 316 -4.93 -31.71 4.99
N LEU B 317 -4.34 -31.81 3.80
CA LEU B 317 -3.08 -31.15 3.50
C LEU B 317 -3.26 -29.88 2.68
N GLY B 318 -4.33 -29.84 1.90
CA GLY B 318 -4.51 -28.78 0.93
C GLY B 318 -3.89 -29.18 -0.38
N ALA B 319 -3.61 -28.21 -1.24
CA ALA B 319 -2.99 -28.49 -2.54
C ALA B 319 -1.59 -29.07 -2.35
N VAL B 320 -1.49 -30.39 -2.43
CA VAL B 320 -0.20 -31.05 -2.24
C VAL B 320 0.75 -30.74 -3.40
N ALA B 321 2.05 -30.87 -3.15
CA ALA B 321 3.05 -30.54 -4.15
C ALA B 321 3.18 -31.64 -5.20
N LEU B 322 2.69 -32.83 -4.86
CA LEU B 322 2.75 -33.98 -5.77
C LEU B 322 1.73 -33.85 -6.91
N LYS B 323 2.23 -33.74 -8.13
CA LYS B 323 1.39 -33.49 -9.30
C LYS B 323 0.38 -34.62 -9.57
N SER B 324 0.77 -35.85 -9.22
CA SER B 324 -0.08 -37.00 -9.47
C SER B 324 -1.33 -36.98 -8.60
N TYR B 325 -1.19 -36.48 -7.37
CA TYR B 325 -2.28 -36.52 -6.39
C TYR B 325 -3.11 -35.25 -6.39
N GLU B 326 -2.46 -34.11 -6.59
CA GLU B 326 -3.14 -32.82 -6.51
C GLU B 326 -4.11 -32.64 -7.67
N GLU B 327 -3.91 -33.39 -8.74
CA GLU B 327 -4.83 -33.36 -9.88
C GLU B 327 -6.03 -34.25 -9.59
N GLU B 328 -6.01 -34.89 -8.42
CA GLU B 328 -7.14 -35.69 -7.95
C GLU B 328 -7.77 -35.01 -6.74
N LEU B 329 -7.19 -33.87 -6.35
CA LEU B 329 -7.66 -33.10 -5.21
C LEU B 329 -8.33 -31.79 -5.66
N ALA B 330 -8.13 -31.43 -6.92
CA ALA B 330 -8.77 -30.24 -7.50
C ALA B 330 -10.27 -30.45 -7.66
N LYS B 331 -10.68 -31.72 -7.54
CA LYS B 331 -12.09 -32.10 -7.61
C LYS B 331 -12.87 -31.53 -6.43
N ASP B 332 -12.21 -31.46 -5.27
CA ASP B 332 -12.80 -30.87 -4.06
C ASP B 332 -13.16 -29.41 -4.28
N PRO B 333 -14.42 -29.05 -3.98
CA PRO B 333 -14.90 -27.67 -4.13
C PRO B 333 -14.20 -26.74 -3.15
N ARG B 334 -13.83 -27.30 -2.00
CA ARG B 334 -13.07 -26.61 -0.97
C ARG B 334 -11.66 -26.20 -1.45
N ILE B 335 -10.88 -27.20 -1.88
CA ILE B 335 -9.51 -27.01 -2.32
C ILE B 335 -9.36 -25.91 -3.36
N ALA B 336 -10.34 -25.84 -4.26
CA ALA B 336 -10.40 -24.78 -5.27
C ALA B 336 -10.38 -23.40 -4.64
N ALA B 337 -11.16 -23.23 -3.57
CA ALA B 337 -11.20 -21.96 -2.85
C ALA B 337 -9.90 -21.72 -2.11
N THR B 338 -9.28 -22.81 -1.63
CA THR B 338 -7.99 -22.73 -0.96
C THR B 338 -6.92 -22.26 -1.95
N MET B 339 -7.08 -22.63 -3.22
CA MET B 339 -6.14 -22.20 -4.25
C MET B 339 -6.34 -20.73 -4.63
N GLU B 340 -7.60 -20.30 -4.69
CA GLU B 340 -7.89 -18.91 -5.05
C GLU B 340 -7.40 -17.95 -3.97
N ASN B 341 -7.61 -18.32 -2.71
CA ASN B 341 -7.12 -17.52 -1.59
C ASN B 341 -5.59 -17.48 -1.58
N ALA B 342 -4.97 -18.53 -2.09
CA ALA B 342 -3.51 -18.60 -2.15
C ALA B 342 -2.96 -17.73 -3.28
N GLN B 343 -3.70 -17.66 -4.38
CA GLN B 343 -3.28 -16.87 -5.54
C GLN B 343 -3.46 -15.37 -5.30
N LYS B 344 -4.45 -15.01 -4.49
CA LYS B 344 -4.74 -13.62 -4.22
C LYS B 344 -3.80 -13.04 -3.16
N GLY B 345 -3.03 -13.92 -2.51
CA GLY B 345 -2.04 -13.48 -1.54
C GLY B 345 -0.63 -13.77 -2.02
N GLU B 346 0.36 -13.31 -1.24
CA GLU B 346 1.75 -13.59 -1.51
C GLU B 346 2.17 -14.87 -0.83
N ILE B 347 3.38 -15.34 -1.16
CA ILE B 347 3.91 -16.57 -0.59
C ILE B 347 5.06 -16.24 0.37
N MET B 348 4.98 -16.79 1.58
CA MET B 348 5.92 -16.47 2.66
C MET B 348 7.38 -16.54 2.27
N PRO B 349 8.14 -15.48 2.55
CA PRO B 349 9.59 -15.47 2.36
C PRO B 349 10.25 -16.56 3.19
N ASN B 350 11.36 -17.09 2.72
CA ASN B 350 12.05 -18.15 3.45
C ASN B 350 13.34 -17.65 4.08
N ILE B 351 13.54 -16.33 4.06
CA ILE B 351 14.75 -15.73 4.62
C ILE B 351 14.75 -15.81 6.15
N PRO B 352 15.94 -15.82 6.77
CA PRO B 352 16.08 -15.94 8.22
C PRO B 352 15.39 -14.83 9.03
N GLN B 353 15.16 -13.69 8.41
CA GLN B 353 14.60 -12.53 9.11
C GLN B 353 13.14 -12.74 9.50
N MET B 354 12.50 -13.75 8.91
CA MET B 354 11.08 -14.02 9.17
C MET B 354 10.80 -14.35 10.63
N SER B 355 11.78 -14.94 11.31
CA SER B 355 11.63 -15.28 12.72
C SER B 355 11.43 -14.02 13.56
N ALA B 356 12.21 -12.99 13.26
CA ALA B 356 12.09 -11.71 13.95
C ALA B 356 10.83 -10.97 13.51
N PHE B 357 10.47 -11.15 12.24
CA PHE B 357 9.29 -10.50 11.68
C PHE B 357 8.01 -10.97 12.38
N TRP B 358 7.89 -12.28 12.54
CA TRP B 358 6.68 -12.86 13.11
C TRP B 358 6.48 -12.47 14.57
N TYR B 359 7.58 -12.27 15.31
CA TYR B 359 7.47 -11.83 16.68
C TYR B 359 6.98 -10.38 16.72
N ALA B 360 7.55 -9.55 15.85
CA ALA B 360 7.21 -8.14 15.78
C ALA B 360 5.73 -7.91 15.55
N VAL B 361 5.15 -8.69 14.64
CA VAL B 361 3.73 -8.59 14.32
C VAL B 361 2.88 -9.21 15.42
N ARG B 362 3.30 -10.36 15.95
CA ARG B 362 2.57 -11.01 17.03
C ARG B 362 2.46 -10.10 18.24
N THR B 363 3.57 -9.46 18.59
CA THR B 363 3.58 -8.54 19.72
C THR B 363 2.71 -7.34 19.44
N ALA B 364 2.80 -6.81 18.22
CA ALA B 364 2.03 -5.64 17.82
C ALA B 364 0.54 -5.91 17.85
N VAL B 365 0.13 -7.03 17.24
CA VAL B 365 -1.27 -7.40 17.16
C VAL B 365 -1.88 -7.61 18.55
N ILE B 366 -1.21 -8.41 19.37
CA ILE B 366 -1.70 -8.72 20.71
C ILE B 366 -1.82 -7.45 21.57
N ASN B 367 -0.83 -6.57 21.48
CA ASN B 367 -0.85 -5.33 22.23
C ASN B 367 -1.94 -4.38 21.73
N ALA B 368 -2.02 -4.20 20.42
CA ALA B 368 -2.97 -3.27 19.83
C ALA B 368 -4.42 -3.74 20.01
N ALA B 369 -4.63 -5.04 19.93
CA ALA B 369 -5.98 -5.61 20.01
C ALA B 369 -6.48 -5.69 21.45
N SER B 370 -5.59 -5.46 22.41
CA SER B 370 -5.95 -5.56 23.82
C SER B 370 -6.01 -4.19 24.48
N GLY B 371 -5.85 -3.14 23.68
CA GLY B 371 -5.92 -1.77 24.18
C GLY B 371 -4.76 -1.39 25.07
N ARG B 372 -3.67 -2.15 25.00
CA ARG B 372 -2.47 -1.85 25.78
C ARG B 372 -1.74 -0.66 25.18
N GLN B 373 -1.89 -0.49 23.87
CA GLN B 373 -1.30 0.65 23.15
C GLN B 373 -1.99 0.86 21.81
N THR B 374 -1.84 2.06 21.26
CA THR B 374 -2.49 2.43 20.01
C THR B 374 -1.94 1.64 18.83
N VAL B 375 -2.69 1.63 17.73
CA VAL B 375 -2.26 0.96 16.51
C VAL B 375 -0.97 1.56 15.98
N ASP B 376 -0.90 2.88 15.98
CA ASP B 376 0.28 3.60 15.50
C ASP B 376 1.52 3.27 16.33
N ALA B 377 1.36 3.22 17.65
CA ALA B 377 2.47 2.93 18.54
C ALA B 377 2.91 1.48 18.44
N ALA B 378 1.95 0.58 18.30
CA ALA B 378 2.23 -0.85 18.23
C ALA B 378 2.87 -1.22 16.91
N LEU B 379 2.37 -0.65 15.82
CA LEU B 379 2.87 -0.95 14.50
C LEU B 379 4.25 -0.35 14.26
N ALA B 380 4.47 0.87 14.73
CA ALA B 380 5.76 1.54 14.59
C ALA B 380 6.85 0.74 15.29
N ALA B 381 6.55 0.29 16.50
CA ALA B 381 7.47 -0.54 17.28
C ALA B 381 7.79 -1.84 16.56
N ALA B 382 6.81 -2.37 15.84
CA ALA B 382 6.97 -3.63 15.12
C ALA B 382 7.91 -3.47 13.92
N GLN B 383 7.94 -2.28 13.35
CA GLN B 383 8.75 -2.03 12.16
C GLN B 383 10.24 -2.00 12.47
N THR B 384 10.61 -1.35 13.57
CA THR B 384 12.01 -1.22 13.94
C THR B 384 12.56 -2.54 14.48
N ASN B 385 11.71 -3.56 14.56
CA ASN B 385 12.11 -4.87 15.04
C ASN B 385 11.85 -5.98 14.02
N ALA B 386 11.21 -5.63 12.92
CA ALA B 386 10.82 -6.61 11.91
C ALA B 386 12.01 -7.32 11.28
N ALA B 387 12.93 -6.53 10.74
CA ALA B 387 14.12 -7.09 10.09
C ALA B 387 15.00 -7.82 11.08
N ALA B 388 15.20 -7.23 12.25
CA ALA B 388 16.02 -7.84 13.29
C ALA B 388 15.54 -7.41 14.68
N SER B 389 15.42 -8.37 15.59
CA SER B 389 15.03 -8.08 16.97
C SER B 389 16.06 -7.18 17.63
N ARG B 390 15.62 -6.03 18.12
CA ARG B 390 16.54 -5.05 18.69
C ARG B 390 16.74 -5.24 20.18
N THR B 391 17.90 -4.80 20.66
CA THR B 391 18.28 -4.94 22.06
C THR B 391 18.43 -3.57 22.72
N GLY B 392 17.81 -3.39 23.88
CA GLY B 392 17.84 -2.12 24.57
C GLY B 392 18.87 -2.03 25.69
N LEU B 393 19.58 -0.92 25.74
CA LEU B 393 20.56 -0.68 26.79
C LEU B 393 20.19 0.56 27.59
N VAL B 394 20.00 0.40 28.90
CA VAL B 394 19.61 1.53 29.75
C VAL B 394 20.66 1.80 30.82
N TYR B 395 21.06 3.07 30.94
CA TYR B 395 22.14 3.46 31.85
C TYR B 395 22.10 4.96 32.13
N ASP B 396 22.60 5.35 33.30
CA ASP B 396 22.69 6.75 33.67
C ASP B 396 23.89 6.96 34.59
N GLN B 397 24.80 7.84 34.17
CA GLN B 397 26.06 8.07 34.89
C GLN B 397 25.83 8.59 36.31
N ASN B 398 24.68 9.22 36.55
CA ASN B 398 24.39 9.80 37.85
C ASN B 398 24.30 8.77 38.98
N MET B 399 24.19 7.49 38.61
CA MET B 399 24.16 6.42 39.60
C MET B 399 25.54 6.22 40.23
N MET B 400 26.53 6.94 39.73
CA MET B 400 27.88 6.90 40.29
C MET B 400 28.00 7.76 41.55
N ASN B 401 27.02 8.63 41.76
CA ASN B 401 27.04 9.53 42.91
C ASN B 401 27.11 8.78 44.24
N HIS B 402 26.33 7.70 44.33
CA HIS B 402 26.35 6.81 45.48
C HIS B 402 27.76 6.27 45.74
N CYS B 403 28.38 6.75 46.82
CA CYS B 403 29.75 6.34 47.14
C CYS B 403 30.01 6.25 48.65
N ASN B 404 31.11 5.62 49.01
CA ASN B 404 31.47 5.37 50.40
C ASN B 404 32.32 6.49 51.00
N LEU B 405 31.78 7.14 52.03
CA LEU B 405 32.38 8.34 52.61
C LEU B 405 33.54 8.06 53.58
N TRP B 406 33.84 6.79 53.83
CA TRP B 406 34.82 6.44 54.86
C TRP B 406 35.82 5.40 54.37
N ASP B 407 35.58 4.85 53.19
CA ASP B 407 36.38 3.74 52.70
C ASP B 407 36.40 3.67 51.17
N SER B 408 37.52 4.08 50.59
CA SER B 408 37.69 4.00 49.14
C SER B 408 37.93 2.56 48.71
N HIS B 409 38.34 1.72 49.65
CA HIS B 409 38.64 0.32 49.39
C HIS B 409 37.38 -0.54 49.32
N HIS B 410 36.21 0.09 49.41
CA HIS B 410 34.96 -0.66 49.36
C HIS B 410 34.72 -1.16 47.94
N PRO B 411 34.50 -2.48 47.78
CA PRO B 411 34.32 -3.15 46.50
C PRO B 411 33.19 -2.56 45.63
N GLU B 412 32.06 -2.22 46.23
CA GLU B 412 30.94 -1.65 45.47
C GLU B 412 31.24 -0.20 45.15
N VAL B 413 31.84 0.03 44.00
CA VAL B 413 32.42 1.33 43.65
C VAL B 413 31.79 1.88 42.36
N PRO B 414 31.62 3.21 42.28
CA PRO B 414 31.03 3.87 41.11
C PRO B 414 31.63 3.46 39.76
N GLN B 415 32.92 3.14 39.73
CA GLN B 415 33.59 2.83 38.47
C GLN B 415 33.07 1.56 37.82
N ARG B 416 32.31 0.76 38.57
CA ARG B 416 31.79 -0.51 38.06
C ARG B 416 30.95 -0.33 36.80
N ILE B 417 29.98 0.57 36.87
CA ILE B 417 29.08 0.79 35.73
C ILE B 417 29.77 1.55 34.60
N LEU B 418 30.72 2.43 34.96
CA LEU B 418 31.43 3.22 33.95
C LEU B 418 32.33 2.32 33.10
N ARG B 419 33.06 1.42 33.75
CA ARG B 419 33.96 0.51 33.05
C ARG B 419 33.20 -0.40 32.11
N ILE B 420 31.98 -0.77 32.49
CA ILE B 420 31.16 -1.64 31.66
C ILE B 420 30.65 -0.90 30.42
N MET B 421 30.06 0.28 30.63
CA MET B 421 29.55 1.08 29.53
C MET B 421 30.65 1.47 28.56
N CYS B 422 31.82 1.83 29.09
CA CYS B 422 32.98 2.16 28.27
C CYS B 422 33.40 0.99 27.39
N ARG B 423 33.41 -0.21 27.97
CA ARG B 423 33.80 -1.41 27.24
C ARG B 423 32.80 -1.72 26.14
N LEU B 424 31.52 -1.51 26.42
CA LEU B 424 30.47 -1.72 25.43
C LEU B 424 30.63 -0.74 24.27
N GLU B 425 31.06 0.47 24.59
CA GLU B 425 31.29 1.48 23.56
C GLU B 425 32.52 1.16 22.71
N GLU B 426 33.54 0.61 23.34
CA GLU B 426 34.77 0.22 22.64
C GLU B 426 34.50 -0.86 21.61
N LEU B 427 33.75 -1.89 22.01
CA LEU B 427 33.43 -2.99 21.12
C LEU B 427 32.33 -2.62 20.14
N GLY B 428 31.78 -1.42 20.30
CA GLY B 428 30.72 -0.94 19.44
C GLY B 428 29.39 -1.64 19.70
N LEU B 429 29.31 -2.37 20.80
CA LEU B 429 28.10 -3.10 21.16
C LEU B 429 26.98 -2.14 21.53
N ALA B 430 27.33 -1.07 22.22
CA ALA B 430 26.36 -0.05 22.60
C ALA B 430 25.74 0.61 21.37
N GLY B 431 26.51 0.67 20.29
CA GLY B 431 26.03 1.24 19.04
C GLY B 431 24.99 0.37 18.38
N ARG B 432 25.10 -0.95 18.56
CA ARG B 432 24.13 -1.88 18.00
C ARG B 432 22.89 -1.98 18.88
N CYS B 433 23.00 -1.46 20.11
CA CYS B 433 21.88 -1.47 21.03
C CYS B 433 21.04 -0.20 20.90
N LEU B 434 19.78 -0.30 21.28
CA LEU B 434 18.88 0.84 21.26
C LEU B 434 18.84 1.48 22.65
N THR B 435 19.53 2.60 22.81
CA THR B 435 19.65 3.26 24.10
C THR B 435 18.33 3.80 24.61
N LEU B 436 17.98 3.43 25.84
CA LEU B 436 16.73 3.87 26.44
C LEU B 436 16.98 4.83 27.60
N THR B 437 16.21 5.92 27.65
CA THR B 437 16.34 6.89 28.73
C THR B 437 15.68 6.38 30.00
N PRO B 438 16.45 6.29 31.09
CA PRO B 438 15.91 5.87 32.38
C PRO B 438 15.19 6.99 33.12
N ARG B 439 14.46 6.65 34.17
CA ARG B 439 13.78 7.64 35.00
C ARG B 439 13.65 7.08 36.42
N PRO B 440 13.47 7.96 37.41
CA PRO B 440 13.30 7.48 38.79
C PRO B 440 12.07 6.58 38.96
N ALA B 441 12.13 5.66 39.90
CA ALA B 441 10.99 4.79 40.20
C ALA B 441 9.91 5.58 40.94
N THR B 442 8.67 5.49 40.45
CA THR B 442 7.55 6.13 41.12
C THR B 442 7.32 5.47 42.47
N GLU B 443 6.71 6.23 43.39
CA GLU B 443 6.46 5.72 44.73
C GLU B 443 5.60 4.46 44.69
N ALA B 444 4.66 4.44 43.74
CA ALA B 444 3.77 3.29 43.56
C ALA B 444 4.56 2.04 43.18
N GLU B 445 5.61 2.21 42.38
CA GLU B 445 6.45 1.10 41.96
C GLU B 445 7.24 0.54 43.13
N LEU B 446 7.79 1.41 43.97
CA LEU B 446 8.57 0.99 45.12
C LEU B 446 7.71 0.31 46.19
N LEU B 447 6.44 0.69 46.25
CA LEU B 447 5.55 0.22 47.30
C LEU B 447 4.94 -1.16 46.99
N THR B 448 5.21 -1.68 45.80
CA THR B 448 4.77 -3.03 45.46
C THR B 448 5.62 -4.06 46.19
N CYS B 449 6.76 -3.63 46.70
CA CYS B 449 7.71 -4.54 47.33
C CYS B 449 8.26 -4.01 48.65
N HIS B 450 8.22 -2.69 48.83
CA HIS B 450 8.76 -2.07 50.04
C HIS B 450 7.70 -1.31 50.84
N SER B 451 7.87 -1.27 52.15
CA SER B 451 6.93 -0.59 53.03
C SER B 451 7.18 0.92 53.02
N ALA B 452 6.11 1.70 53.16
CA ALA B 452 6.22 3.16 53.19
C ALA B 452 7.13 3.61 54.34
N GLU B 453 7.13 2.83 55.41
CA GLU B 453 8.00 3.08 56.55
C GLU B 453 9.47 3.05 56.14
N TYR B 454 9.84 2.02 55.39
CA TYR B 454 11.22 1.84 54.96
C TYR B 454 11.64 2.84 53.89
N VAL B 455 10.71 3.18 53.01
CA VAL B 455 11.00 4.13 51.94
C VAL B 455 11.26 5.51 52.51
N GLY B 456 10.41 5.94 53.44
CA GLY B 456 10.58 7.22 54.10
C GLY B 456 11.86 7.23 54.92
N HIS B 457 12.15 6.10 55.57
CA HIS B 457 13.37 5.92 56.34
C HIS B 457 14.61 6.19 55.48
N LEU B 458 14.58 5.73 54.24
CA LEU B 458 15.72 5.90 53.33
C LEU B 458 15.68 7.27 52.65
N ARG B 459 14.49 7.81 52.46
CA ARG B 459 14.33 9.11 51.84
C ARG B 459 14.86 10.21 52.76
N ALA B 460 14.78 9.98 54.07
CA ALA B 460 15.23 10.95 55.06
C ALA B 460 16.75 11.10 55.08
N THR B 461 17.45 10.06 54.64
CA THR B 461 18.91 10.08 54.62
C THR B 461 19.45 11.06 53.58
N GLU B 462 18.57 11.57 52.74
CA GLU B 462 18.96 12.45 51.65
C GLU B 462 19.36 13.84 52.15
N LYS B 463 19.18 14.09 53.45
CA LYS B 463 19.50 15.37 54.04
C LYS B 463 20.46 15.26 55.23
N MET B 464 20.90 14.03 55.51
CA MET B 464 21.78 13.80 56.66
C MET B 464 23.24 14.04 56.30
N LYS B 465 24.04 14.36 57.31
CA LYS B 465 25.46 14.62 57.13
C LYS B 465 26.28 13.40 57.57
N THR B 466 27.59 13.49 57.43
CA THR B 466 28.49 12.33 57.68
C THR B 466 28.38 11.71 59.07
N ARG B 467 28.06 12.49 60.09
CA ARG B 467 27.93 11.91 61.44
C ARG B 467 26.69 11.03 61.52
N GLU B 468 25.55 11.59 61.16
CA GLU B 468 24.28 10.86 61.18
C GLU B 468 24.27 9.70 60.19
N LEU B 469 24.92 9.88 59.04
CA LEU B 469 24.91 8.84 58.00
C LEU B 469 25.69 7.60 58.42
N HIS B 470 26.76 7.81 59.17
CA HIS B 470 27.59 6.71 59.61
C HIS B 470 26.83 5.81 60.58
N ARG B 471 26.18 6.45 61.56
CA ARG B 471 25.34 5.74 62.52
C ARG B 471 24.19 5.05 61.81
N GLU B 472 23.68 5.69 60.77
CA GLU B 472 22.57 5.15 59.99
C GLU B 472 23.03 3.96 59.15
N SER B 473 24.28 4.00 58.71
CA SER B 473 24.83 2.95 57.87
C SER B 473 24.94 1.63 58.62
N SER B 474 25.36 1.70 59.87
CA SER B 474 25.56 0.50 60.69
C SER B 474 24.26 0.04 61.34
N ASN B 475 23.14 0.62 60.92
CA ASN B 475 21.83 0.14 61.35
C ASN B 475 21.41 -1.07 60.53
N PHE B 476 22.12 -1.30 59.43
CA PHE B 476 21.88 -2.46 58.57
C PHE B 476 23.15 -3.30 58.42
N ASP B 477 23.01 -4.46 57.80
CA ASP B 477 24.13 -5.38 57.61
C ASP B 477 24.86 -5.09 56.30
N SER B 478 26.12 -4.66 56.42
CA SER B 478 26.97 -4.39 55.26
C SER B 478 26.34 -3.39 54.30
N ILE B 479 26.26 -2.14 54.72
CA ILE B 479 25.63 -1.07 53.96
C ILE B 479 26.32 0.27 54.23
N TYR B 480 26.59 1.04 53.18
CA TYR B 480 27.07 2.40 53.37
C TYR B 480 26.12 3.40 52.72
N ILE B 481 25.92 4.54 53.38
CA ILE B 481 24.97 5.54 52.91
C ILE B 481 25.64 6.92 52.75
N CYS B 482 25.13 7.70 51.81
CA CYS B 482 25.61 9.06 51.53
C CYS B 482 24.40 9.86 51.06
N PRO B 483 24.50 11.21 50.98
CA PRO B 483 23.30 11.97 50.65
C PRO B 483 22.69 11.69 49.27
N SER B 484 23.41 10.95 48.42
CA SER B 484 22.94 10.70 47.06
C SER B 484 22.20 9.37 46.91
N THR B 485 22.55 8.39 47.75
CA THR B 485 22.12 7.00 47.60
C THR B 485 20.65 6.78 47.24
N PHE B 486 19.76 7.51 47.91
CA PHE B 486 18.32 7.34 47.68
C PHE B 486 17.97 7.52 46.21
N ALA B 487 18.41 8.62 45.63
CA ALA B 487 18.14 8.91 44.23
C ALA B 487 18.76 7.85 43.33
N CYS B 488 19.95 7.39 43.69
CA CYS B 488 20.65 6.37 42.93
C CYS B 488 19.91 5.04 42.98
N ALA B 489 19.53 4.62 44.19
CA ALA B 489 18.74 3.42 44.36
C ALA B 489 17.38 3.59 43.68
N GLN B 490 16.85 4.80 43.71
CA GLN B 490 15.58 5.10 43.07
C GLN B 490 15.74 5.06 41.55
N LEU B 491 16.84 5.61 41.05
CA LEU B 491 17.12 5.64 39.62
C LEU B 491 17.36 4.23 39.09
N ALA B 492 18.07 3.42 39.87
CA ALA B 492 18.40 2.05 39.47
C ALA B 492 17.13 1.23 39.25
N THR B 493 16.16 1.38 40.15
CA THR B 493 14.93 0.61 40.08
C THR B 493 14.07 1.04 38.89
N GLY B 494 13.95 2.35 38.69
CA GLY B 494 13.16 2.89 37.59
C GLY B 494 13.74 2.48 36.24
N ALA B 495 15.06 2.35 36.19
CA ALA B 495 15.74 1.92 34.98
C ALA B 495 15.31 0.50 34.62
N ALA B 496 15.20 -0.36 35.62
CA ALA B 496 14.76 -1.72 35.42
C ALA B 496 13.33 -1.77 34.90
N CYS B 497 12.49 -0.87 35.40
CA CYS B 497 11.10 -0.78 34.97
C CYS B 497 11.00 -0.26 33.55
N ARG B 498 11.90 0.66 33.19
CA ARG B 498 11.94 1.23 31.85
C ARG B 498 12.20 0.15 30.80
N LEU B 499 13.10 -0.78 31.14
CA LEU B 499 13.43 -1.87 30.23
C LEU B 499 12.26 -2.85 30.12
N VAL B 500 11.59 -3.10 31.24
CA VAL B 500 10.41 -3.95 31.26
C VAL B 500 9.32 -3.37 30.36
N GLU B 501 9.12 -2.07 30.46
CA GLU B 501 8.16 -1.37 29.63
C GLU B 501 8.50 -1.53 28.15
N ALA B 502 9.78 -1.43 27.82
CA ALA B 502 10.24 -1.52 26.44
C ALA B 502 9.98 -2.91 25.83
N VAL B 503 10.25 -3.95 26.60
CA VAL B 503 10.08 -5.32 26.12
C VAL B 503 8.61 -5.65 25.93
N LEU B 504 7.79 -5.27 26.91
CA LEU B 504 6.36 -5.58 26.86
C LEU B 504 5.59 -4.70 25.88
N SER B 505 6.26 -3.69 25.30
CA SER B 505 5.59 -2.78 24.39
C SER B 505 6.05 -2.96 22.94
N GLY B 506 7.07 -3.79 22.75
CA GLY B 506 7.57 -4.08 21.42
C GLY B 506 8.68 -3.16 20.95
N GLU B 507 9.08 -2.22 21.81
CA GLU B 507 10.18 -1.32 21.48
C GLU B 507 11.46 -2.13 21.26
N VAL B 508 11.74 -3.03 22.17
CA VAL B 508 12.84 -3.98 22.02
C VAL B 508 12.36 -5.38 22.33
N LEU B 509 13.22 -6.36 22.07
CA LEU B 509 12.91 -7.76 22.35
C LEU B 509 13.60 -8.18 23.65
N ASN B 510 14.80 -7.64 23.86
CA ASN B 510 15.56 -7.92 25.07
C ASN B 510 16.50 -6.76 25.39
N GLY B 511 17.34 -6.94 26.42
CA GLY B 511 18.29 -5.91 26.78
C GLY B 511 18.86 -6.01 28.18
N ALA B 512 19.81 -5.15 28.48
CA ALA B 512 20.50 -5.15 29.77
C ALA B 512 20.44 -3.80 30.45
N ALA B 513 20.45 -3.80 31.77
CA ALA B 513 20.42 -2.56 32.55
C ALA B 513 21.67 -2.44 33.41
N VAL B 514 22.55 -1.52 33.04
CA VAL B 514 23.75 -1.27 33.81
C VAL B 514 23.45 -0.30 34.94
N VAL B 515 23.18 -0.83 36.13
CA VAL B 515 22.75 0.00 37.26
C VAL B 515 23.47 -0.35 38.57
N ARG B 516 23.49 0.64 39.47
CA ARG B 516 23.99 0.45 40.83
C ARG B 516 23.30 1.47 41.74
N PRO B 517 23.14 1.16 43.04
CA PRO B 517 23.55 -0.05 43.76
C PRO B 517 22.73 -1.29 43.39
N PRO B 518 23.25 -2.49 43.70
CA PRO B 518 22.51 -3.74 43.51
C PRO B 518 21.23 -3.78 44.33
N GLY B 519 20.37 -4.77 44.12
CA GLY B 519 19.08 -4.78 44.78
C GLY B 519 18.58 -6.09 45.36
N HIS B 520 19.08 -7.21 44.87
CA HIS B 520 18.48 -8.51 45.18
C HIS B 520 18.59 -8.93 46.65
N HIS B 521 19.41 -8.22 47.43
CA HIS B 521 19.51 -8.51 48.86
C HIS B 521 18.54 -7.66 49.69
N ALA B 522 18.06 -6.58 49.10
CA ALA B 522 17.12 -5.69 49.78
C ALA B 522 15.84 -6.43 50.15
N GLU B 523 15.35 -6.19 51.37
CA GLU B 523 14.15 -6.86 51.84
C GLU B 523 12.95 -5.92 51.87
N GLN B 524 11.85 -6.42 52.45
CA GLN B 524 10.61 -5.67 52.59
C GLN B 524 10.80 -4.38 53.39
N ASP B 525 11.44 -4.51 54.55
CA ASP B 525 11.53 -3.41 55.50
C ASP B 525 12.95 -2.92 55.75
N ALA B 526 13.93 -3.50 55.05
CA ALA B 526 15.32 -3.18 55.36
C ALA B 526 16.26 -3.24 54.15
N ALA B 527 17.43 -2.63 54.31
CA ALA B 527 18.51 -2.70 53.34
C ALA B 527 19.53 -3.74 53.81
N CYS B 528 20.27 -4.31 52.86
CA CYS B 528 21.17 -5.40 53.19
C CYS B 528 22.14 -5.67 52.05
N GLY B 529 23.41 -5.89 52.38
CA GLY B 529 24.42 -6.28 51.42
C GLY B 529 24.51 -5.44 50.16
N PHE B 530 24.84 -4.16 50.34
CA PHE B 530 25.05 -3.20 49.24
C PHE B 530 23.74 -2.86 48.52
N CYS B 531 22.63 -3.42 48.98
CA CYS B 531 21.35 -3.26 48.31
C CYS B 531 20.36 -2.41 49.11
N PHE B 532 19.48 -1.71 48.40
CA PHE B 532 18.51 -0.81 49.03
C PHE B 532 17.10 -1.02 48.49
N PHE B 533 16.97 -1.03 47.17
CA PHE B 533 15.70 -1.32 46.50
C PHE B 533 15.84 -2.49 45.55
N ASN B 534 15.08 -3.56 45.79
CA ASN B 534 15.17 -4.74 44.94
C ASN B 534 14.55 -4.49 43.57
N SER B 535 15.36 -4.01 42.63
CA SER B 535 14.91 -3.62 41.31
C SER B 535 14.29 -4.77 40.53
N VAL B 536 14.95 -5.93 40.58
CA VAL B 536 14.47 -7.11 39.87
C VAL B 536 13.06 -7.49 40.31
N ALA B 537 12.80 -7.37 41.61
CA ALA B 537 11.49 -7.71 42.15
C ALA B 537 10.44 -6.67 41.75
N VAL B 538 10.78 -5.39 41.90
CA VAL B 538 9.87 -4.31 41.53
C VAL B 538 9.52 -4.37 40.05
N ALA B 539 10.53 -4.61 39.22
CA ALA B 539 10.33 -4.74 37.77
C ALA B 539 9.46 -5.93 37.44
N ALA B 540 9.67 -7.03 38.18
CA ALA B 540 8.85 -8.23 38.01
C ALA B 540 7.40 -7.92 38.37
N ARG B 541 7.22 -7.13 39.43
CA ARG B 541 5.88 -6.68 39.79
C ARG B 541 5.33 -5.75 38.73
N HIS B 542 6.16 -4.77 38.34
CA HIS B 542 5.78 -3.79 37.32
C HIS B 542 5.36 -4.46 36.01
N ALA B 543 6.01 -5.58 35.70
CA ALA B 543 5.66 -6.35 34.50
C ALA B 543 4.26 -6.94 34.63
N GLN B 544 3.96 -7.51 35.79
CA GLN B 544 2.68 -8.17 36.04
C GLN B 544 1.50 -7.22 35.93
N THR B 545 1.67 -6.02 36.49
CA THR B 545 0.57 -5.06 36.56
C THR B 545 0.11 -4.60 35.18
N ILE B 546 1.04 -4.16 34.35
CA ILE B 546 0.70 -3.54 33.08
C ILE B 546 0.21 -4.55 32.05
N SER B 547 0.09 -5.81 32.46
CA SER B 547 -0.48 -6.85 31.61
C SER B 547 -1.85 -7.24 32.11
N GLY B 548 -2.20 -6.73 33.29
CA GLY B 548 -3.51 -6.91 33.88
C GLY B 548 -3.76 -8.26 34.54
N HIS B 549 -2.69 -9.04 34.73
CA HIS B 549 -2.80 -10.35 35.37
C HIS B 549 -1.45 -10.85 35.87
N ALA B 550 -1.48 -11.92 36.65
CA ALA B 550 -0.24 -12.50 37.18
C ALA B 550 0.57 -13.16 36.08
N LEU B 551 1.40 -12.37 35.41
CA LEU B 551 2.23 -12.86 34.32
C LEU B 551 3.28 -13.83 34.85
N ARG B 552 3.42 -14.98 34.20
CA ARG B 552 4.45 -15.94 34.58
C ARG B 552 5.83 -15.35 34.32
N ILE B 553 6.62 -15.25 35.37
CA ILE B 553 7.94 -14.64 35.29
C ILE B 553 9.02 -15.51 35.92
N LEU B 554 10.06 -15.80 35.16
CA LEU B 554 11.20 -16.55 35.68
C LEU B 554 12.34 -15.61 36.06
N ILE B 555 12.84 -15.77 37.28
CA ILE B 555 13.98 -15.00 37.74
C ILE B 555 15.18 -15.93 37.95
N VAL B 556 16.24 -15.70 37.19
CA VAL B 556 17.49 -16.45 37.37
C VAL B 556 18.51 -15.59 38.11
N ASP B 557 18.94 -16.07 39.27
CA ASP B 557 19.92 -15.37 40.08
C ASP B 557 21.26 -16.08 40.02
N TRP B 558 22.14 -15.64 39.12
CA TRP B 558 23.44 -16.29 38.99
C TRP B 558 24.54 -15.48 39.67
N ASP B 559 24.14 -14.49 40.48
CA ASP B 559 25.05 -13.81 41.39
C ASP B 559 25.65 -14.84 42.33
N VAL B 560 26.87 -14.59 42.81
CA VAL B 560 27.53 -15.58 43.67
C VAL B 560 26.85 -15.65 45.04
N HIS B 561 26.07 -14.62 45.37
CA HIS B 561 25.36 -14.58 46.64
C HIS B 561 23.88 -14.90 46.45
N HIS B 562 23.30 -15.55 47.45
CA HIS B 562 21.88 -15.87 47.45
C HIS B 562 21.01 -14.62 47.62
N GLY B 563 20.15 -14.37 46.64
CA GLY B 563 19.26 -13.22 46.70
C GLY B 563 18.13 -13.42 47.70
N ASN B 564 18.46 -13.24 48.97
CA ASN B 564 17.50 -13.47 50.06
C ASN B 564 16.24 -12.62 49.93
N GLY B 565 16.41 -11.37 49.51
CA GLY B 565 15.30 -10.45 49.36
C GLY B 565 14.31 -10.91 48.30
N THR B 566 14.81 -11.14 47.09
CA THR B 566 13.98 -11.53 45.96
C THR B 566 13.19 -12.82 46.23
N GLN B 567 13.84 -13.78 46.88
CA GLN B 567 13.20 -15.04 47.20
C GLN B 567 12.02 -14.86 48.14
N HIS B 568 12.19 -14.00 49.14
CA HIS B 568 11.15 -13.75 50.13
C HIS B 568 9.91 -13.09 49.55
N MET B 569 10.12 -12.10 48.69
CA MET B 569 9.03 -11.31 48.13
C MET B 569 8.13 -12.10 47.19
N PHE B 570 8.59 -13.27 46.75
CA PHE B 570 7.77 -14.14 45.91
C PHE B 570 7.73 -15.55 46.49
N GLU B 571 7.83 -15.65 47.81
CA GLU B 571 7.94 -16.93 48.49
C GLU B 571 6.67 -17.78 48.38
N ASP B 572 5.52 -17.14 48.41
CA ASP B 572 4.26 -17.87 48.28
C ASP B 572 3.57 -17.55 46.95
N ASP B 573 4.37 -17.19 45.97
CA ASP B 573 3.85 -16.81 44.67
C ASP B 573 4.31 -17.82 43.62
N PRO B 574 3.34 -18.52 43.00
CA PRO B 574 3.65 -19.50 41.96
C PRO B 574 3.70 -18.89 40.56
N SER B 575 3.40 -17.60 40.46
CA SER B 575 3.44 -16.90 39.17
C SER B 575 4.81 -16.29 38.90
N VAL B 576 5.70 -16.40 39.89
CA VAL B 576 7.07 -15.95 39.75
C VAL B 576 8.02 -17.03 40.24
N LEU B 577 8.69 -17.67 39.30
CA LEU B 577 9.63 -18.74 39.63
C LEU B 577 11.02 -18.19 39.92
N TYR B 578 11.50 -18.43 41.13
CA TYR B 578 12.82 -17.94 41.52
C TYR B 578 13.85 -19.06 41.55
N VAL B 579 14.88 -18.90 40.73
CA VAL B 579 15.98 -19.86 40.66
C VAL B 579 17.28 -19.17 40.99
N SER B 580 18.04 -19.73 41.92
CA SER B 580 19.27 -19.11 42.37
C SER B 580 20.42 -20.10 42.54
N LEU B 581 21.58 -19.75 41.98
CA LEU B 581 22.80 -20.51 42.19
C LEU B 581 23.79 -19.65 42.95
N HIS B 582 24.32 -20.17 44.05
CA HIS B 582 25.13 -19.37 44.96
C HIS B 582 26.03 -20.21 45.85
N ARG B 583 27.09 -19.59 46.34
CA ARG B 583 27.92 -20.21 47.38
C ARG B 583 27.13 -20.23 48.68
N TYR B 584 27.21 -21.35 49.39
CA TYR B 584 26.43 -21.55 50.61
C TYR B 584 27.33 -21.94 51.77
N ASP B 585 28.25 -22.87 51.51
CA ASP B 585 29.26 -23.28 52.48
C ASP B 585 28.69 -23.58 53.86
N HIS B 586 27.67 -24.42 53.88
CA HIS B 586 27.05 -24.86 55.13
C HIS B 586 26.47 -23.70 55.94
N GLY B 587 26.07 -22.64 55.24
CA GLY B 587 25.39 -21.52 55.88
C GLY B 587 26.29 -20.38 56.34
N THR B 588 27.56 -20.43 55.98
CA THR B 588 28.53 -19.42 56.42
C THR B 588 28.67 -18.28 55.42
N PHE B 589 28.54 -18.60 54.13
CA PHE B 589 28.69 -17.61 53.07
C PHE B 589 27.55 -16.59 53.08
N PHE B 590 27.89 -15.31 52.91
CA PHE B 590 26.92 -14.22 52.88
C PHE B 590 25.80 -14.52 51.86
N PRO B 591 24.54 -14.17 52.18
CA PRO B 591 24.02 -13.48 53.37
C PRO B 591 23.93 -14.33 54.63
N MET B 592 24.64 -15.46 54.65
CA MET B 592 24.91 -16.22 55.87
C MET B 592 23.69 -16.92 56.48
N GLY B 593 22.53 -16.78 55.85
CA GLY B 593 21.32 -17.38 56.39
C GLY B 593 21.27 -18.88 56.24
N ASP B 594 20.14 -19.45 56.62
CA ASP B 594 19.83 -20.85 56.36
C ASP B 594 18.85 -20.87 55.19
N GLU B 595 18.52 -19.68 54.72
CA GLU B 595 17.50 -19.47 53.71
C GLU B 595 17.90 -20.00 52.35
N GLY B 596 19.16 -19.81 51.97
CA GLY B 596 19.63 -20.19 50.66
C GLY B 596 19.89 -21.67 50.47
N ALA B 597 19.46 -22.47 51.45
CA ALA B 597 19.64 -23.92 51.37
C ALA B 597 18.81 -24.51 50.24
N SER B 598 19.25 -25.65 49.72
CA SER B 598 18.53 -26.31 48.63
C SER B 598 17.16 -26.81 49.09
N SER B 599 17.06 -27.15 50.37
CA SER B 599 15.80 -27.65 50.92
C SER B 599 14.74 -26.57 51.01
N GLN B 600 15.15 -25.30 50.85
CA GLN B 600 14.20 -24.20 50.82
C GLN B 600 13.47 -24.18 49.50
N ILE B 601 12.15 -24.32 49.56
CA ILE B 601 11.33 -24.58 48.39
C ILE B 601 10.24 -23.53 48.19
N GLY B 602 9.81 -22.92 49.28
CA GLY B 602 8.79 -21.88 49.24
C GLY B 602 7.71 -22.30 50.19
N ARG B 603 6.56 -21.65 50.15
CA ARG B 603 5.48 -22.02 51.04
C ARG B 603 4.14 -21.75 50.38
N ALA B 604 3.10 -22.39 50.92
CA ALA B 604 1.74 -22.29 50.41
C ALA B 604 1.65 -22.59 48.92
N ALA B 605 1.00 -21.69 48.20
CA ALA B 605 0.78 -21.81 46.77
C ALA B 605 2.10 -21.68 46.01
N GLY B 606 3.09 -21.07 46.64
CA GLY B 606 4.39 -20.88 46.00
C GLY B 606 5.34 -22.03 46.23
N THR B 607 4.82 -23.13 46.75
CA THR B 607 5.62 -24.30 47.04
C THR B 607 6.18 -24.94 45.76
N GLY B 608 7.50 -25.07 45.71
CA GLY B 608 8.16 -25.67 44.57
C GLY B 608 8.60 -24.65 43.55
N PHE B 609 8.30 -23.38 43.83
CA PHE B 609 8.64 -22.31 42.91
C PHE B 609 9.83 -21.50 43.40
N THR B 610 10.61 -22.10 44.31
CA THR B 610 11.89 -21.55 44.72
C THR B 610 12.97 -22.62 44.59
N VAL B 611 13.92 -22.37 43.68
CA VAL B 611 14.97 -23.34 43.41
C VAL B 611 16.34 -22.79 43.83
N ASN B 612 17.02 -23.53 44.70
CA ASN B 612 18.31 -23.09 45.22
C ASN B 612 19.42 -24.11 45.00
N VAL B 613 20.40 -23.74 44.19
CA VAL B 613 21.60 -24.53 44.03
C VAL B 613 22.66 -23.99 44.98
N ALA B 614 23.00 -24.79 46.00
CA ALA B 614 23.88 -24.34 47.06
C ALA B 614 25.29 -24.91 46.92
N TRP B 615 26.23 -24.10 46.44
CA TRP B 615 27.62 -24.53 46.35
C TRP B 615 28.22 -24.65 47.74
N ASN B 616 28.91 -25.76 48.02
CA ASN B 616 29.63 -25.90 49.27
C ASN B 616 31.14 -25.92 49.04
N GLY B 617 31.67 -24.78 48.61
CA GLY B 617 33.09 -24.66 48.32
C GLY B 617 33.37 -23.72 47.18
N PRO B 618 34.64 -23.30 47.03
CA PRO B 618 35.03 -22.34 45.99
C PRO B 618 35.37 -22.98 44.64
N ARG B 619 36.18 -22.25 43.87
CA ARG B 619 36.64 -22.66 42.53
CA ARG B 619 36.64 -22.67 42.54
C ARG B 619 35.57 -23.34 41.68
N MET B 620 34.39 -22.74 41.61
CA MET B 620 33.33 -23.22 40.72
C MET B 620 33.45 -22.53 39.36
N GLY B 621 33.33 -23.30 38.27
CA GLY B 621 33.55 -22.76 36.94
C GLY B 621 32.44 -22.97 35.92
N ASP B 622 32.81 -22.87 34.65
CA ASP B 622 31.87 -22.95 33.53
C ASP B 622 31.14 -24.30 33.48
N ALA B 623 31.88 -25.38 33.68
CA ALA B 623 31.33 -26.72 33.55
C ALA B 623 30.28 -27.03 34.62
N ASP B 624 30.35 -26.32 35.74
CA ASP B 624 29.44 -26.58 36.85
C ASP B 624 28.10 -25.88 36.65
N TYR B 625 28.16 -24.69 36.08
CA TYR B 625 26.95 -23.90 35.83
C TYR B 625 26.19 -24.44 34.62
N LEU B 626 26.93 -24.87 33.60
CA LEU B 626 26.32 -25.47 32.42
C LEU B 626 25.64 -26.78 32.78
N ALA B 627 26.30 -27.57 33.62
CA ALA B 627 25.72 -28.81 34.13
C ALA B 627 24.43 -28.51 34.89
N ALA B 628 24.46 -27.48 35.72
CA ALA B 628 23.28 -27.06 36.45
C ALA B 628 22.18 -26.63 35.49
N TRP B 629 22.57 -25.89 34.46
CA TRP B 629 21.65 -25.41 33.45
C TRP B 629 20.90 -26.54 32.76
N HIS B 630 21.65 -27.51 32.23
CA HIS B 630 21.06 -28.52 31.35
C HIS B 630 20.15 -29.53 32.03
N ARG B 631 20.46 -29.92 33.27
CA ARG B 631 19.65 -30.93 33.92
C ARG B 631 18.88 -30.43 35.15
N LEU B 632 18.85 -29.12 35.36
CA LEU B 632 18.07 -28.59 36.47
C LEU B 632 17.29 -27.33 36.07
N VAL B 633 18.02 -26.27 35.72
CA VAL B 633 17.37 -24.99 35.42
C VAL B 633 16.53 -25.06 34.16
N LEU B 634 17.11 -25.54 33.07
CA LEU B 634 16.40 -25.58 31.79
C LEU B 634 15.18 -26.51 31.76
N PRO B 635 15.30 -27.74 32.31
CA PRO B 635 14.08 -28.57 32.29
C PRO B 635 12.94 -27.97 33.13
N ILE B 636 13.29 -27.24 34.19
CA ILE B 636 12.29 -26.59 35.02
C ILE B 636 11.75 -25.34 34.34
N ALA B 637 12.65 -24.57 33.76
CA ALA B 637 12.30 -23.32 33.09
C ALA B 637 11.31 -23.54 31.94
N TYR B 638 11.60 -24.53 31.09
CA TYR B 638 10.74 -24.83 29.96
C TYR B 638 9.39 -25.39 30.40
N GLU B 639 9.38 -26.13 31.51
CA GLU B 639 8.13 -26.67 32.05
C GLU B 639 7.27 -25.55 32.61
N PHE B 640 7.91 -24.59 33.25
CA PHE B 640 7.22 -23.43 33.81
C PHE B 640 6.65 -22.55 32.70
N ASN B 641 7.38 -22.49 31.59
CA ASN B 641 6.98 -21.70 30.43
C ASN B 641 6.68 -20.24 30.78
N PRO B 642 7.72 -19.48 31.13
CA PRO B 642 7.52 -18.08 31.52
C PRO B 642 7.23 -17.20 30.31
N GLU B 643 6.47 -16.11 30.53
CA GLU B 643 6.20 -15.16 29.47
C GLU B 643 7.22 -14.02 29.50
N LEU B 644 8.02 -14.00 30.57
CA LEU B 644 9.11 -13.04 30.71
C LEU B 644 10.23 -13.63 31.54
N VAL B 645 11.47 -13.32 31.17
CA VAL B 645 12.61 -13.79 31.93
C VAL B 645 13.44 -12.61 32.44
N LEU B 646 13.64 -12.56 33.75
CA LEU B 646 14.47 -11.54 34.36
C LEU B 646 15.70 -12.17 34.99
N VAL B 647 16.86 -11.60 34.70
CA VAL B 647 18.10 -12.13 35.27
C VAL B 647 18.76 -11.09 36.17
N SER B 648 18.82 -11.38 37.46
CA SER B 648 19.64 -10.57 38.35
C SER B 648 21.09 -10.94 38.04
N ALA B 649 21.68 -10.20 37.10
CA ALA B 649 22.99 -10.55 36.57
C ALA B 649 24.13 -9.95 37.39
N GLY B 650 24.60 -10.71 38.36
CA GLY B 650 25.80 -10.34 39.10
C GLY B 650 26.98 -11.09 38.51
N PHE B 651 28.16 -10.48 38.56
CA PHE B 651 29.34 -11.11 37.99
C PHE B 651 30.44 -11.28 39.03
N ASP B 652 30.03 -11.63 40.25
CA ASP B 652 30.98 -11.87 41.33
C ASP B 652 31.33 -13.36 41.43
N ALA B 653 30.66 -14.17 40.63
CA ALA B 653 31.03 -15.58 40.49
C ALA B 653 31.98 -15.74 39.32
N ALA B 654 32.39 -14.61 38.75
CA ALA B 654 33.22 -14.59 37.56
C ALA B 654 34.69 -14.84 37.87
N ARG B 655 35.47 -15.04 36.81
CA ARG B 655 36.90 -15.29 36.94
C ARG B 655 37.65 -14.11 37.56
N GLY B 656 38.32 -14.36 38.68
CA GLY B 656 39.17 -13.36 39.29
C GLY B 656 38.44 -12.33 40.11
N ASP B 657 37.24 -12.68 40.58
CA ASP B 657 36.50 -11.80 41.48
C ASP B 657 37.05 -11.91 42.89
N PRO B 658 37.25 -10.76 43.56
CA PRO B 658 37.86 -10.75 44.89
C PRO B 658 37.00 -11.35 45.99
N LEU B 659 35.71 -11.54 45.72
CA LEU B 659 34.76 -11.93 46.76
C LEU B 659 34.15 -13.31 46.54
N GLY B 660 34.02 -13.69 45.27
CA GLY B 660 33.37 -14.94 44.90
C GLY B 660 34.23 -16.18 45.00
N GLY B 661 35.45 -16.12 44.47
CA GLY B 661 36.34 -17.27 44.48
C GLY B 661 35.95 -18.34 43.47
N CYS B 662 35.29 -17.93 42.40
CA CYS B 662 34.80 -18.87 41.40
C CYS B 662 35.42 -18.58 40.04
N GLN B 663 35.15 -19.42 39.06
CA GLN B 663 35.89 -19.34 37.80
C GLN B 663 35.03 -19.30 36.53
N VAL B 664 33.94 -18.56 36.57
CA VAL B 664 33.10 -18.44 35.38
C VAL B 664 33.69 -17.43 34.41
N SER B 665 33.99 -17.90 33.20
CA SER B 665 34.59 -17.08 32.16
C SER B 665 33.54 -16.24 31.44
N PRO B 666 33.96 -15.18 30.72
CA PRO B 666 33.04 -14.41 29.89
C PRO B 666 32.33 -15.30 28.86
N GLU B 667 33.05 -16.27 28.31
CA GLU B 667 32.46 -17.22 27.39
C GLU B 667 31.38 -18.04 28.08
N GLY B 668 31.58 -18.30 29.38
CA GLY B 668 30.62 -19.04 30.16
C GLY B 668 29.28 -18.31 30.28
N TYR B 669 29.34 -17.04 30.65
CA TYR B 669 28.15 -16.21 30.77
C TYR B 669 27.41 -16.10 29.44
N ALA B 670 28.17 -15.97 28.36
CA ALA B 670 27.58 -15.85 27.02
C ALA B 670 26.73 -17.07 26.70
N HIS B 671 27.24 -18.25 27.03
CA HIS B 671 26.51 -19.49 26.80
C HIS B 671 25.29 -19.59 27.72
N LEU B 672 25.46 -19.19 28.97
CA LEU B 672 24.36 -19.19 29.94
C LEU B 672 23.22 -18.31 29.45
N THR B 673 23.58 -17.13 28.94
CA THR B 673 22.60 -16.18 28.44
C THR B 673 21.90 -16.73 27.20
N HIS B 674 22.69 -17.18 26.23
CA HIS B 674 22.19 -17.72 24.97
C HIS B 674 21.17 -18.83 25.17
N LEU B 675 21.43 -19.70 26.15
CA LEU B 675 20.51 -20.78 26.47
C LEU B 675 19.18 -20.25 27.00
N LEU B 676 19.25 -19.22 27.84
CA LEU B 676 18.05 -18.64 28.43
C LEU B 676 17.21 -17.90 27.39
N MET B 677 17.82 -17.54 26.27
CA MET B 677 17.12 -16.83 25.21
C MET B 677 16.15 -17.74 24.45
N GLY B 678 16.10 -19.01 24.84
CA GLY B 678 15.15 -19.94 24.27
C GLY B 678 13.83 -19.90 25.01
N LEU B 679 13.81 -19.12 26.09
CA LEU B 679 12.61 -19.00 26.92
C LEU B 679 11.81 -17.73 26.60
N ALA B 680 10.52 -17.76 26.94
CA ALA B 680 9.64 -16.60 26.81
C ALA B 680 9.68 -15.98 25.41
N SER B 681 9.95 -16.82 24.41
CA SER B 681 10.13 -16.38 23.03
C SER B 681 11.13 -15.23 22.92
N GLY B 682 12.17 -15.28 23.75
CA GLY B 682 13.27 -14.33 23.66
C GLY B 682 13.21 -13.12 24.58
N ARG B 683 12.18 -13.03 25.41
CA ARG B 683 12.03 -11.88 26.29
C ARG B 683 12.88 -12.01 27.55
N ILE B 684 14.16 -11.65 27.42
CA ILE B 684 15.11 -11.78 28.52
C ILE B 684 15.73 -10.42 28.88
N ILE B 685 15.72 -10.08 30.16
CA ILE B 685 16.33 -8.85 30.64
C ILE B 685 17.40 -9.14 31.69
N LEU B 686 18.59 -8.57 31.49
CA LEU B 686 19.67 -8.68 32.46
C LEU B 686 19.77 -7.41 33.30
N ILE B 687 19.68 -7.56 34.61
CA ILE B 687 19.84 -6.44 35.53
C ILE B 687 21.06 -6.65 36.42
N LEU B 688 21.96 -5.68 36.43
CA LEU B 688 23.24 -5.81 37.11
C LEU B 688 23.12 -5.92 38.63
N GLU B 689 23.91 -6.82 39.22
CA GLU B 689 23.97 -6.97 40.66
C GLU B 689 25.41 -6.92 41.16
N GLY B 690 25.93 -8.05 41.62
CA GLY B 690 27.29 -8.11 42.14
C GLY B 690 28.33 -8.07 41.04
N GLY B 691 29.58 -8.29 41.42
CA GLY B 691 30.70 -8.21 40.50
C GLY B 691 31.64 -7.08 40.86
N TYR B 692 32.86 -7.42 41.26
CA TYR B 692 33.73 -6.42 41.88
C TYR B 692 35.15 -6.42 41.29
N ASN B 693 35.35 -7.20 40.23
CA ASN B 693 36.55 -7.11 39.42
C ASN B 693 36.24 -6.32 38.17
N LEU B 694 36.74 -5.09 38.09
CA LEU B 694 36.36 -4.15 37.04
C LEU B 694 36.66 -4.67 35.63
N THR B 695 37.68 -5.51 35.52
CA THR B 695 38.01 -6.12 34.23
C THR B 695 37.06 -7.26 33.91
N SER B 696 36.80 -8.11 34.90
CA SER B 696 35.94 -9.28 34.72
C SER B 696 34.50 -8.91 34.39
N ILE B 697 33.96 -7.93 35.11
CA ILE B 697 32.56 -7.55 34.94
C ILE B 697 32.30 -6.89 33.59
N SER B 698 33.34 -6.32 32.99
CA SER B 698 33.20 -5.64 31.72
C SER B 698 33.20 -6.63 30.58
N GLU B 699 34.11 -7.60 30.63
CA GLU B 699 34.18 -8.65 29.62
C GLU B 699 32.96 -9.55 29.68
N SER B 700 32.46 -9.77 30.89
CA SER B 700 31.30 -10.63 31.09
C SER B 700 30.03 -10.00 30.53
N MET B 701 29.78 -8.74 30.88
CA MET B 701 28.61 -8.02 30.39
C MET B 701 28.64 -7.88 28.87
N ALA B 702 29.84 -7.75 28.32
CA ALA B 702 30.01 -7.65 26.87
C ALA B 702 29.66 -8.98 26.20
N ALA B 703 30.13 -10.07 26.79
CA ALA B 703 29.89 -11.40 26.24
C ALA B 703 28.40 -11.75 26.32
N CYS B 704 27.71 -11.20 27.32
CA CYS B 704 26.27 -11.38 27.45
C CYS B 704 25.53 -10.51 26.44
N THR B 705 25.95 -9.24 26.33
CA THR B 705 25.34 -8.31 25.40
C THR B 705 25.49 -8.81 23.96
N ARG B 706 26.63 -9.44 23.68
CA ARG B 706 26.86 -10.08 22.37
C ARG B 706 25.84 -11.17 22.13
N SER B 707 25.54 -11.93 23.17
CA SER B 707 24.56 -13.02 23.07
C SER B 707 23.16 -12.47 22.83
N LEU B 708 22.84 -11.36 23.50
CA LEU B 708 21.54 -10.71 23.35
C LEU B 708 21.38 -10.10 21.96
N LEU B 709 22.48 -9.60 21.41
CA LEU B 709 22.45 -8.93 20.11
C LEU B 709 22.36 -9.92 18.94
N GLY B 710 22.32 -11.21 19.25
CA GLY B 710 22.11 -12.22 18.23
C GLY B 710 23.36 -12.89 17.70
N ASP B 711 24.53 -12.42 18.15
CA ASP B 711 25.79 -13.01 17.71
C ASP B 711 25.89 -14.47 18.12
N PRO B 712 26.49 -15.30 17.26
CA PRO B 712 26.64 -16.73 17.57
C PRO B 712 27.53 -16.97 18.78
N PRO B 713 27.18 -17.97 19.62
CA PRO B 713 27.90 -18.29 20.86
C PRO B 713 29.40 -18.47 20.64
N PRO B 714 30.21 -17.85 21.52
CA PRO B 714 31.68 -17.90 21.45
C PRO B 714 32.21 -19.33 21.65
N LEU B 715 33.47 -19.53 21.30
CA LEU B 715 34.12 -20.82 21.51
C LEU B 715 34.31 -21.07 23.01
N LEU B 716 34.01 -22.30 23.44
CA LEU B 716 34.18 -22.66 24.83
C LEU B 716 34.89 -24.00 24.97
N THR B 717 36.07 -24.00 25.58
CA THR B 717 36.79 -25.22 25.88
C THR B 717 36.60 -25.59 27.34
N LEU B 718 36.25 -26.86 27.59
CA LEU B 718 35.99 -27.33 28.93
C LEU B 718 36.95 -28.46 29.32
N PRO B 719 38.19 -28.09 29.68
CA PRO B 719 39.23 -29.07 30.01
C PRO B 719 39.05 -29.67 31.40
N ARG B 720 38.24 -29.03 32.22
CA ARG B 720 37.96 -29.54 33.56
C ARG B 720 36.51 -29.99 33.64
N PRO B 721 36.30 -31.27 33.98
CA PRO B 721 34.94 -31.81 34.16
C PRO B 721 34.25 -31.14 35.35
N PRO B 722 32.91 -31.22 35.42
CA PRO B 722 32.19 -30.66 36.57
C PRO B 722 32.74 -31.20 37.89
N LEU B 723 32.90 -30.32 38.87
CA LEU B 723 33.43 -30.72 40.17
C LEU B 723 32.54 -31.77 40.83
N SER B 724 33.15 -32.75 41.48
CA SER B 724 32.39 -33.82 42.10
C SER B 724 31.50 -33.29 43.23
N GLY B 725 31.89 -32.15 43.79
CA GLY B 725 31.09 -31.49 44.81
C GLY B 725 30.00 -30.63 44.20
N ALA B 726 30.29 -30.08 43.02
CA ALA B 726 29.32 -29.28 42.29
C ALA B 726 28.14 -30.15 41.86
N LEU B 727 28.45 -31.38 41.44
CA LEU B 727 27.42 -32.33 41.02
C LEU B 727 26.59 -32.77 42.22
N ALA B 728 27.26 -32.95 43.36
CA ALA B 728 26.58 -33.34 44.60
C ALA B 728 25.53 -32.31 44.97
N SER B 729 25.87 -31.04 44.79
CA SER B 729 24.94 -29.95 45.07
C SER B 729 23.75 -29.99 44.10
N ILE B 730 24.06 -30.13 42.81
CA ILE B 730 23.03 -30.10 41.77
C ILE B 730 22.02 -31.23 41.90
N THR B 731 22.49 -32.46 42.10
CA THR B 731 21.60 -33.61 42.23
C THR B 731 20.84 -33.56 43.55
N GLU B 732 21.30 -32.72 44.47
CA GLU B 732 20.62 -32.53 45.75
C GLU B 732 19.32 -31.78 45.56
N THR B 733 19.40 -30.57 45.03
CA THR B 733 18.21 -29.77 44.79
C THR B 733 17.36 -30.41 43.68
N ILE B 734 18.02 -31.20 42.83
CA ILE B 734 17.31 -31.92 41.78
C ILE B 734 16.36 -32.93 42.42
N GLN B 735 16.72 -33.39 43.62
CA GLN B 735 15.96 -34.44 44.31
C GLN B 735 14.87 -33.89 45.23
N VAL B 736 14.92 -32.59 45.49
CA VAL B 736 13.89 -31.96 46.30
C VAL B 736 12.77 -31.46 45.40
N HIS B 737 13.06 -31.35 44.11
CA HIS B 737 12.10 -30.83 43.15
C HIS B 737 11.58 -31.88 42.17
N ARG B 738 11.80 -33.15 42.49
CA ARG B 738 11.30 -34.24 41.66
C ARG B 738 9.77 -34.21 41.62
N ARG B 739 9.17 -34.03 42.79
CA ARG B 739 7.72 -34.06 42.93
C ARG B 739 7.02 -32.91 42.23
N TYR B 740 7.52 -31.69 42.41
CA TYR B 740 6.85 -30.50 41.95
C TYR B 740 7.09 -30.22 40.46
N TRP B 741 8.12 -30.83 39.91
CA TRP B 741 8.47 -30.63 38.51
C TRP B 741 8.58 -31.94 37.76
N ARG B 742 7.67 -32.15 36.81
CA ARG B 742 7.59 -33.40 36.08
C ARG B 742 8.46 -33.39 34.83
N SER B 743 9.73 -33.03 35.02
CA SER B 743 10.71 -33.08 33.95
C SER B 743 12.05 -33.49 34.54
N LEU B 744 12.08 -33.62 35.86
CA LEU B 744 13.26 -34.09 36.56
C LEU B 744 13.14 -35.58 36.85
N ARG B 745 11.99 -36.14 36.52
CA ARG B 745 11.75 -37.56 36.74
C ARG B 745 11.79 -38.33 35.42
#